data_7JFT
# 
_entry.id   7JFT 
# 
_audit_conform.dict_name       mmcif_pdbx.dic 
_audit_conform.dict_version    5.380 
_audit_conform.dict_location   http://mmcif.pdb.org/dictionaries/ascii/mmcif_pdbx.dic 
# 
loop_
_database_2.database_id 
_database_2.database_code 
_database_2.pdbx_database_accession 
_database_2.pdbx_DOI 
PDB   7JFT         pdb_00007jft 10.2210/pdb7jft/pdb 
WWPDB D_1000250259 ?            ?                   
# 
_pdbx_database_status.status_code                     REL 
_pdbx_database_status.status_code_sf                  REL 
_pdbx_database_status.status_code_mr                  ? 
_pdbx_database_status.entry_id                        7JFT 
_pdbx_database_status.recvd_initial_deposition_date   2020-07-17 
_pdbx_database_status.SG_entry                        N 
_pdbx_database_status.deposit_site                    RCSB 
_pdbx_database_status.process_site                    RCSB 
_pdbx_database_status.status_code_cs                  ? 
_pdbx_database_status.status_code_nmr_data            ? 
_pdbx_database_status.methods_development_category    ? 
_pdbx_database_status.pdb_format_compatible           Y 
# 
loop_
_audit_author.name 
_audit_author.pdbx_ordinal 
_audit_author.identifier_ORCID 
'Simmons, C.R.'      1 0000-0002-2290-6132 
'MacCulloch, T.'     2 0000-0001-5875-3361 
'Stephanopoulos, N.' 3 0000-0001-7859-410X 
'Yan, H.'            4 0000-0001-7397-9852 
# 
_citation.abstract                  ? 
_citation.abstract_id_CAS           ? 
_citation.book_id_ISBN              ? 
_citation.book_publisher            ? 
_citation.book_publisher_city       ? 
_citation.book_title                ? 
_citation.coordinate_linkage        ? 
_citation.country                   UK 
_citation.database_id_Medline       ? 
_citation.details                   ? 
_citation.id                        primary 
_citation.journal_abbrev            'Nat Commun' 
_citation.journal_id_ASTM           ? 
_citation.journal_id_CSD            ? 
_citation.journal_id_ISSN           2041-1723 
_citation.journal_full              ? 
_citation.journal_issue             ? 
_citation.journal_volume            13 
_citation.language                  ? 
_citation.page_first                3112 
_citation.page_last                 3112 
_citation.title                     'The influence of Holliday junction sequence and dynamics on DNA crystal self-assembly.' 
_citation.year                      2022 
_citation.database_id_CSD           ? 
_citation.pdbx_database_id_DOI      10.1038/s41467-022-30779-6 
_citation.pdbx_database_id_PubMed   35662248 
_citation.unpublished_flag          ? 
# 
loop_
_citation_author.citation_id 
_citation_author.name 
_citation_author.ordinal 
_citation_author.identifier_ORCID 
primary 'Simmons, C.R.'      1  ?                   
primary 'MacCulloch, T.'     2  ?                   
primary 'Krepl, M.'          3  0000-0002-9833-4281 
primary 'Matthies, M.'       4  ?                   
primary 'Buchberger, A.'     5  ?                   
primary 'Crawford, I.'       6  ?                   
primary 'Sponer, J.'         7  0000-0001-6558-6186 
primary 'Sulc, P.'           8  0000-0003-1565-6769 
primary 'Stephanopoulos, N.' 9  0000-0001-7859-410X 
primary 'Yan, H.'            10 0000-0001-7397-9852 
# 
_cell.angle_alpha                  90.000 
_cell.angle_alpha_esd              ? 
_cell.angle_beta                   90.000 
_cell.angle_beta_esd               ? 
_cell.angle_gamma                  120.000 
_cell.angle_gamma_esd              ? 
_cell.entry_id                     7JFT 
_cell.details                      ? 
_cell.formula_units_Z              ? 
_cell.length_a                     69.111 
_cell.length_a_esd                 ? 
_cell.length_b                     69.111 
_cell.length_b_esd                 ? 
_cell.length_c                     56.404 
_cell.length_c_esd                 ? 
_cell.volume                       ? 
_cell.volume_esd                   ? 
_cell.Z_PDB                        3 
_cell.reciprocal_angle_alpha       ? 
_cell.reciprocal_angle_beta        ? 
_cell.reciprocal_angle_gamma       ? 
_cell.reciprocal_angle_alpha_esd   ? 
_cell.reciprocal_angle_beta_esd    ? 
_cell.reciprocal_angle_gamma_esd   ? 
_cell.reciprocal_length_a          ? 
_cell.reciprocal_length_b          ? 
_cell.reciprocal_length_c          ? 
_cell.reciprocal_length_a_esd      ? 
_cell.reciprocal_length_b_esd      ? 
_cell.reciprocal_length_c_esd      ? 
_cell.pdbx_unique_axis             ? 
# 
_symmetry.entry_id                         7JFT 
_symmetry.cell_setting                     ? 
_symmetry.Int_Tables_number                145 
_symmetry.space_group_name_Hall            ? 
_symmetry.space_group_name_H-M             'P 32' 
_symmetry.pdbx_full_space_group_name_H-M   ? 
# 
loop_
_entity.id 
_entity.type 
_entity.src_method 
_entity.pdbx_description 
_entity.formula_weight 
_entity.pdbx_number_of_molecules 
_entity.pdbx_ec 
_entity.pdbx_mutation 
_entity.pdbx_fragment 
_entity.details 
1 polymer     syn 
;DNA (5'-D(*GP*AP*GP*CP*AP*GP*AP*CP*CP*TP*GP*A)-3')
;
3696.431 1 ? ? ? ? 
2 polymer     syn 
;DNA (5'-D(P*CP*GP*AP*GP*AP*CP*TP*CP*A)-3')
;
2724.813 1 ? ? ? ? 
3 polymer     syn 
;DNA (5'-D(P*TP*CP*AP*TP*CP*G)-3')
;
1784.204 1 ? ? ? ? 
4 polymer     syn 
;DNA (5'-D(*TP*CP*TP*GP*AP*GP*TP*CP*GP*GP*TP*CP*TP*GP*C)-3')
;
4591.969 1 ? ? ? ? 
5 non-polymer syn 'CACODYLATE ION'                                              136.989  2 ? ? ? ? 
# 
loop_
_entity_poly.entity_id 
_entity_poly.type 
_entity_poly.nstd_linkage 
_entity_poly.nstd_monomer 
_entity_poly.pdbx_seq_one_letter_code 
_entity_poly.pdbx_seq_one_letter_code_can 
_entity_poly.pdbx_strand_id 
_entity_poly.pdbx_target_identifier 
1 polydeoxyribonucleotide no no '(DG)(DA)(DG)(DC)(DA)(DG)(DA)(DC)(DC)(DT)(DG)(DA)'             GAGCAGACCTGA    A ? 
2 polydeoxyribonucleotide no no '(DC)(DG)(DA)(DG)(DA)(DC)(DT)(DC)(DA)'                         CGAGACTCA       B ? 
3 polydeoxyribonucleotide no no '(DT)(DC)(DA)(DT)(DC)(DG)'                                     TCATCG          C ? 
4 polydeoxyribonucleotide no no '(DT)(DC)(DT)(DG)(DA)(DG)(DT)(DC)(DG)(DG)(DT)(DC)(DT)(DG)(DC)' TCTGAGTCGGTCTGC D ? 
# 
loop_
_entity_poly_seq.entity_id 
_entity_poly_seq.num 
_entity_poly_seq.mon_id 
_entity_poly_seq.hetero 
1 1  DG n 
1 2  DA n 
1 3  DG n 
1 4  DC n 
1 5  DA n 
1 6  DG n 
1 7  DA n 
1 8  DC n 
1 9  DC n 
1 10 DT n 
1 11 DG n 
1 12 DA n 
2 1  DC n 
2 2  DG n 
2 3  DA n 
2 4  DG n 
2 5  DA n 
2 6  DC n 
2 7  DT n 
2 8  DC n 
2 9  DA n 
3 1  DT n 
3 2  DC n 
3 3  DA n 
3 4  DT n 
3 5  DC n 
3 6  DG n 
4 1  DT n 
4 2  DC n 
4 3  DT n 
4 4  DG n 
4 5  DA n 
4 6  DG n 
4 7  DT n 
4 8  DC n 
4 9  DG n 
4 10 DG n 
4 11 DT n 
4 12 DC n 
4 13 DT n 
4 14 DG n 
4 15 DC n 
# 
loop_
_pdbx_entity_src_syn.entity_id 
_pdbx_entity_src_syn.pdbx_src_id 
_pdbx_entity_src_syn.pdbx_alt_source_flag 
_pdbx_entity_src_syn.pdbx_beg_seq_num 
_pdbx_entity_src_syn.pdbx_end_seq_num 
_pdbx_entity_src_syn.organism_scientific 
_pdbx_entity_src_syn.organism_common_name 
_pdbx_entity_src_syn.ncbi_taxonomy_id 
_pdbx_entity_src_syn.details 
1 1 sample 1 12 'synthetic construct' ? 32630 ? 
2 1 sample 1 9  'synthetic construct' ? 32630 ? 
3 1 sample 1 6  'synthetic construct' ? 32630 ? 
4 1 sample 1 15 'synthetic construct' ? 32630 ? 
# 
loop_
_struct_ref.id 
_struct_ref.db_name 
_struct_ref.db_code 
_struct_ref.pdbx_db_accession 
_struct_ref.pdbx_db_isoform 
_struct_ref.entity_id 
_struct_ref.pdbx_seq_one_letter_code 
_struct_ref.pdbx_align_begin 
1 PDB 7JFT 7JFT ? 1 ? 1 
2 PDB 7JFT 7JFT ? 2 ? 1 
3 PDB 7JFT 7JFT ? 3 ? 1 
4 PDB 7JFT 7JFT ? 4 ? 1 
# 
loop_
_struct_ref_seq.align_id 
_struct_ref_seq.ref_id 
_struct_ref_seq.pdbx_PDB_id_code 
_struct_ref_seq.pdbx_strand_id 
_struct_ref_seq.seq_align_beg 
_struct_ref_seq.pdbx_seq_align_beg_ins_code 
_struct_ref_seq.seq_align_end 
_struct_ref_seq.pdbx_seq_align_end_ins_code 
_struct_ref_seq.pdbx_db_accession 
_struct_ref_seq.db_align_beg 
_struct_ref_seq.pdbx_db_align_beg_ins_code 
_struct_ref_seq.db_align_end 
_struct_ref_seq.pdbx_db_align_end_ins_code 
_struct_ref_seq.pdbx_auth_seq_align_beg 
_struct_ref_seq.pdbx_auth_seq_align_end 
1 1 7JFT A 1 ? 12 ? 7JFT 1  ? 12 ? 1  12 
2 2 7JFT B 1 ? 9  ? 7JFT 12 ? 20 ? 12 20 
3 3 7JFT C 1 ? 6  ? 7JFT 0  ? 5  ? 0  5  
4 4 7JFT D 1 ? 15 ? 7JFT 2  ? 16 ? 2  16 
# 
loop_
_chem_comp.id 
_chem_comp.type 
_chem_comp.mon_nstd_flag 
_chem_comp.name 
_chem_comp.pdbx_synonyms 
_chem_comp.formula 
_chem_comp.formula_weight 
CAC non-polymer   . 'CACODYLATE ION'                     dimethylarsinate 'C2 H6 As O2 -1'  136.989 
DA  'DNA linking' y "2'-DEOXYADENOSINE-5'-MONOPHOSPHATE" ?                'C10 H14 N5 O6 P' 331.222 
DC  'DNA linking' y "2'-DEOXYCYTIDINE-5'-MONOPHOSPHATE"  ?                'C9 H14 N3 O7 P'  307.197 
DG  'DNA linking' y "2'-DEOXYGUANOSINE-5'-MONOPHOSPHATE" ?                'C10 H14 N5 O7 P' 347.221 
DT  'DNA linking' y "THYMIDINE-5'-MONOPHOSPHATE"         ?                'C10 H15 N2 O8 P' 322.208 
# 
_exptl.absorpt_coefficient_mu     ? 
_exptl.absorpt_correction_T_max   ? 
_exptl.absorpt_correction_T_min   ? 
_exptl.absorpt_correction_type    ? 
_exptl.absorpt_process_details    ? 
_exptl.entry_id                   7JFT 
_exptl.crystals_number            1 
_exptl.details                    ? 
_exptl.method                     'X-RAY DIFFRACTION' 
_exptl.method_details             ? 
# 
_exptl_crystal.colour                      ? 
_exptl_crystal.density_diffrn              ? 
_exptl_crystal.density_Matthews            6.08 
_exptl_crystal.density_method              ? 
_exptl_crystal.density_percent_sol         79.76 
_exptl_crystal.description                 ? 
_exptl_crystal.F_000                       ? 
_exptl_crystal.id                          1 
_exptl_crystal.preparation                 ? 
_exptl_crystal.size_max                    ? 
_exptl_crystal.size_mid                    ? 
_exptl_crystal.size_min                    ? 
_exptl_crystal.size_rad                    ? 
_exptl_crystal.colour_lustre               ? 
_exptl_crystal.colour_modifier             ? 
_exptl_crystal.colour_primary              ? 
_exptl_crystal.density_meas                ? 
_exptl_crystal.density_meas_esd            ? 
_exptl_crystal.density_meas_gt             ? 
_exptl_crystal.density_meas_lt             ? 
_exptl_crystal.density_meas_temp           ? 
_exptl_crystal.density_meas_temp_esd       ? 
_exptl_crystal.density_meas_temp_gt        ? 
_exptl_crystal.density_meas_temp_lt        ? 
_exptl_crystal.pdbx_crystal_image_url      ? 
_exptl_crystal.pdbx_crystal_image_format   ? 
_exptl_crystal.pdbx_mosaicity              ? 
_exptl_crystal.pdbx_mosaicity_esd          ? 
# 
_exptl_crystal_grow.apparatus       ? 
_exptl_crystal_grow.atmosphere      ? 
_exptl_crystal_grow.crystal_id      1 
_exptl_crystal_grow.details         ? 
_exptl_crystal_grow.method          'VAPOR DIFFUSION, SITTING DROP' 
_exptl_crystal_grow.method_ref      ? 
_exptl_crystal_grow.pH              ? 
_exptl_crystal_grow.pressure        ? 
_exptl_crystal_grow.pressure_esd    ? 
_exptl_crystal_grow.seeding         ? 
_exptl_crystal_grow.seeding_ref     ? 
_exptl_crystal_grow.temp            298 
_exptl_crystal_grow.temp_details    'temperature gradient generated from 60 to 25 C at 0.3 degrees per hour' 
_exptl_crystal_grow.temp_esd        ? 
_exptl_crystal_grow.time            ? 
_exptl_crystal_grow.pdbx_details    
;0.5 mL of 0.05 M Cacodylate pH 6.5 with 2.0 mM spermine, 1.0 mM CoH18N6, and 80 mM CaCl2 was added to the reservoir with 2 uL added to the drop containing 4 uL of DNA stock
;
_exptl_crystal_grow.pdbx_pH_range   ? 
# 
_diffrn.ambient_environment              ? 
_diffrn.ambient_temp                     100 
_diffrn.ambient_temp_details             ? 
_diffrn.ambient_temp_esd                 ? 
_diffrn.crystal_id                       1 
_diffrn.crystal_support                  ? 
_diffrn.crystal_treatment                ? 
_diffrn.details                          ? 
_diffrn.id                               1 
_diffrn.ambient_pressure                 ? 
_diffrn.ambient_pressure_esd             ? 
_diffrn.ambient_pressure_gt              ? 
_diffrn.ambient_pressure_lt              ? 
_diffrn.ambient_temp_gt                  ? 
_diffrn.ambient_temp_lt                  ? 
_diffrn.pdbx_serial_crystal_experiment   N 
# 
_diffrn_detector.details                      ? 
_diffrn_detector.detector                     PIXEL 
_diffrn_detector.diffrn_id                    1 
_diffrn_detector.type                         'DECTRIS EIGER X 16M' 
_diffrn_detector.area_resol_mean              ? 
_diffrn_detector.dtime                        ? 
_diffrn_detector.pdbx_frames_total            ? 
_diffrn_detector.pdbx_collection_time_total   ? 
_diffrn_detector.pdbx_collection_date         2017-10-15 
_diffrn_detector.pdbx_frequency               ? 
# 
_diffrn_radiation.collimation                      ? 
_diffrn_radiation.diffrn_id                        1 
_diffrn_radiation.filter_edge                      ? 
_diffrn_radiation.inhomogeneity                    ? 
_diffrn_radiation.monochromator                    ? 
_diffrn_radiation.polarisn_norm                    ? 
_diffrn_radiation.polarisn_ratio                   ? 
_diffrn_radiation.probe                            ? 
_diffrn_radiation.type                             ? 
_diffrn_radiation.xray_symbol                      ? 
_diffrn_radiation.wavelength_id                    1 
_diffrn_radiation.pdbx_monochromatic_or_laue_m_l   M 
_diffrn_radiation.pdbx_wavelength_list             ? 
_diffrn_radiation.pdbx_wavelength                  ? 
_diffrn_radiation.pdbx_diffrn_protocol             'SINGLE WAVELENGTH' 
_diffrn_radiation.pdbx_analyzer                    ? 
_diffrn_radiation.pdbx_scattering_type             x-ray 
# 
_diffrn_radiation_wavelength.id           1 
_diffrn_radiation_wavelength.wavelength   0.98 
_diffrn_radiation_wavelength.wt           1.0 
# 
_diffrn_source.current                     ? 
_diffrn_source.details                     ? 
_diffrn_source.diffrn_id                   1 
_diffrn_source.power                       ? 
_diffrn_source.size                        ? 
_diffrn_source.source                      SYNCHROTRON 
_diffrn_source.target                      ? 
_diffrn_source.type                        'NSLS-II BEAMLINE 17-ID-2' 
_diffrn_source.voltage                     ? 
_diffrn_source.take-off_angle              ? 
_diffrn_source.pdbx_wavelength_list        0.98 
_diffrn_source.pdbx_wavelength             ? 
_diffrn_source.pdbx_synchrotron_beamline   17-ID-2 
_diffrn_source.pdbx_synchrotron_site       NSLS-II 
# 
_reflns.B_iso_Wilson_estimate            84.740 
_reflns.entry_id                         7JFT 
_reflns.data_reduction_details           ? 
_reflns.data_reduction_method            ? 
_reflns.d_resolution_high                3.150 
_reflns.d_resolution_low                 50.000 
_reflns.details                          ? 
_reflns.limit_h_max                      ? 
_reflns.limit_h_min                      ? 
_reflns.limit_k_max                      ? 
_reflns.limit_k_min                      ? 
_reflns.limit_l_max                      ? 
_reflns.limit_l_min                      ? 
_reflns.number_all                       ? 
_reflns.number_obs                       4138 
_reflns.observed_criterion               ? 
_reflns.observed_criterion_F_max         ? 
_reflns.observed_criterion_F_min         ? 
_reflns.observed_criterion_I_max         ? 
_reflns.observed_criterion_I_min         ? 
_reflns.observed_criterion_sigma_F       ? 
_reflns.observed_criterion_sigma_I       ? 
_reflns.percent_possible_obs             80.100 
_reflns.R_free_details                   ? 
_reflns.Rmerge_F_all                     ? 
_reflns.Rmerge_F_obs                     ? 
_reflns.Friedel_coverage                 ? 
_reflns.number_gt                        ? 
_reflns.threshold_expression             ? 
_reflns.pdbx_redundancy                  6.600 
_reflns.pdbx_Rmerge_I_obs                0.117 
_reflns.pdbx_Rmerge_I_all                ? 
_reflns.pdbx_Rsym_value                  ? 
_reflns.pdbx_netI_over_av_sigmaI         ? 
_reflns.pdbx_netI_over_sigmaI            6.000 
_reflns.pdbx_res_netI_over_av_sigmaI_2   ? 
_reflns.pdbx_res_netI_over_sigmaI_2      ? 
_reflns.pdbx_chi_squared                 1.197 
_reflns.pdbx_scaling_rejects             ? 
_reflns.pdbx_d_res_high_opt              ? 
_reflns.pdbx_d_res_low_opt               ? 
_reflns.pdbx_d_res_opt_method            ? 
_reflns.phase_calculation_details        ? 
_reflns.pdbx_Rrim_I_all                  0.127 
_reflns.pdbx_Rpim_I_all                  0.048 
_reflns.pdbx_d_opt                       ? 
_reflns.pdbx_number_measured_all         ? 
_reflns.pdbx_diffrn_id                   1 
_reflns.pdbx_ordinal                     1 
_reflns.pdbx_CC_half                     0.991 
_reflns.pdbx_CC_star                     ? 
_reflns.pdbx_R_split                     ? 
# 
loop_
_reflns_shell.d_res_high 
_reflns_shell.d_res_low 
_reflns_shell.meanI_over_sigI_all 
_reflns_shell.meanI_over_sigI_obs 
_reflns_shell.number_measured_all 
_reflns_shell.number_measured_obs 
_reflns_shell.number_possible 
_reflns_shell.number_unique_all 
_reflns_shell.number_unique_obs 
_reflns_shell.percent_possible_all 
_reflns_shell.percent_possible_obs 
_reflns_shell.Rmerge_F_all 
_reflns_shell.Rmerge_F_obs 
_reflns_shell.Rmerge_I_all 
_reflns_shell.Rmerge_I_obs 
_reflns_shell.meanI_over_sigI_gt 
_reflns_shell.meanI_over_uI_all 
_reflns_shell.meanI_over_uI_gt 
_reflns_shell.number_measured_gt 
_reflns_shell.number_unique_gt 
_reflns_shell.percent_possible_gt 
_reflns_shell.Rmerge_F_gt 
_reflns_shell.Rmerge_I_gt 
_reflns_shell.pdbx_redundancy 
_reflns_shell.pdbx_Rsym_value 
_reflns_shell.pdbx_chi_squared 
_reflns_shell.pdbx_netI_over_sigmaI_all 
_reflns_shell.pdbx_netI_over_sigmaI_obs 
_reflns_shell.pdbx_Rrim_I_all 
_reflns_shell.pdbx_Rpim_I_all 
_reflns_shell.pdbx_rejects 
_reflns_shell.pdbx_ordinal 
_reflns_shell.pdbx_diffrn_id 
_reflns_shell.pdbx_CC_half 
_reflns_shell.pdbx_CC_star 
_reflns_shell.pdbx_R_split 
3.150 3.200  ? ? ? ? ? ? 98  41.500  ? ? ? ? 0.321 ? ? ? ? ? ? ? ? 3.200 ? 0.618 ? ? 0.361 0.162 ? 1  1 0.960 ? ? 
3.200 3.260  ? ? ? ? ? ? 124 47.700  ? ? ? ? 0.186 ? ? ? ? ? ? ? ? 3.800 ? 1.053 ? ? 0.208 0.092 ? 2  1 0.984 ? ? 
3.260 3.330  ? ? ? ? ? ? 132 50.000  ? ? ? ? 0.204 ? ? ? ? ? ? ? ? 3.400 ? 1.218 ? ? 0.231 0.107 ? 3  1 0.992 ? ? 
3.330 3.390  ? ? ? ? ? ? 142 55.000  ? ? ? ? 0.232 ? ? ? ? ? ? ? ? 4.000 ? 1.081 ? ? 0.256 0.106 ? 4  1 0.960 ? ? 
3.390 3.470  ? ? ? ? ? ? 150 58.800  ? ? ? ? 0.217 ? ? ? ? ? ? ? ? 4.600 ? 0.915 ? ? 0.238 0.096 ? 5  1 0.979 ? ? 
3.470 3.550  ? ? ? ? ? ? 166 61.500  ? ? ? ? 0.297 ? ? ? ? ? ? ? ? 4.500 ? 0.793 ? ? 0.327 0.133 ? 6  1 0.966 ? ? 
3.550 3.640  ? ? ? ? ? ? 165 66.000  ? ? ? ? 0.271 ? ? ? ? ? ? ? ? 5.600 ? 0.827 ? ? 0.294 0.113 ? 7  1 0.962 ? ? 
3.640 3.730  ? ? ? ? ? ? 189 72.400  ? ? ? ? 0.369 ? ? ? ? ? ? ? ? 5.300 ? 0.685 ? ? 0.402 0.156 ? 8  1 0.958 ? ? 
3.730 3.840  ? ? ? ? ? ? 206 79.200  ? ? ? ? 0.382 ? ? ? ? ? ? ? ? 5.900 ? 0.577 ? ? 0.413 0.153 ? 9  1 0.953 ? ? 
3.840 3.970  ? ? ? ? ? ? 210 81.400  ? ? ? ? 0.349 ? ? ? ? ? ? ? ? 6.000 ? 0.754 ? ? 0.376 0.137 ? 10 1 0.953 ? ? 
3.970 4.110  ? ? ? ? ? ? 240 91.600  ? ? ? ? 0.337 ? ? ? ? ? ? ? ? 6.400 ? 0.863 ? ? 0.362 0.132 ? 11 1 0.959 ? ? 
4.110 4.270  ? ? ? ? ? ? 247 96.100  ? ? ? ? 0.295 ? ? ? ? ? ? ? ? 6.800 ? 0.933 ? ? 0.316 0.113 ? 12 1 0.972 ? ? 
4.270 4.470  ? ? ? ? ? ? 259 98.900  ? ? ? ? 0.283 ? ? ? ? ? ? ? ? 6.600 ? 0.963 ? ? 0.304 0.110 ? 13 1 0.956 ? ? 
4.470 4.700  ? ? ? ? ? ? 264 100.000 ? ? ? ? 0.298 ? ? ? ? ? ? ? ? 6.900 ? 0.973 ? ? 0.322 0.119 ? 14 1 0.955 ? ? 
4.700 5.000  ? ? ? ? ? ? 254 100.000 ? ? ? ? 0.231 ? ? ? ? ? ? ? ? 7.800 ? 1.472 ? ? 0.247 0.087 ? 15 1 0.982 ? ? 
5.000 5.380  ? ? ? ? ? ? 241 100.000 ? ? ? ? 0.173 ? ? ? ? ? ? ? ? 8.600 ? 1.549 ? ? 0.184 0.062 ? 16 1 0.985 ? ? 
5.380 5.930  ? ? ? ? ? ? 269 100.000 ? ? ? ? 0.141 ? ? ? ? ? ? ? ? 9.100 ? 1.676 ? ? 0.150 0.051 ? 17 1 0.988 ? ? 
5.930 6.780  ? ? ? ? ? ? 255 100.000 ? ? ? ? 0.122 ? ? ? ? ? ? ? ? 9.000 ? 1.700 ? ? 0.130 0.044 ? 18 1 0.995 ? ? 
6.780 8.540  ? ? ? ? ? ? 271 100.000 ? ? ? ? 0.104 ? ? ? ? ? ? ? ? 8.000 ? 1.441 ? ? 0.112 0.042 ? 19 1 0.989 ? ? 
8.540 50.000 ? ? ? ? ? ? 256 100.000 ? ? ? ? 0.097 ? ? ? ? ? ? ? ? 8.100 ? 1.320 ? ? 0.106 0.041 ? 20 1 0.965 ? ? 
# 
_refine.aniso_B[1][1]                            ? 
_refine.aniso_B[1][2]                            ? 
_refine.aniso_B[1][3]                            ? 
_refine.aniso_B[2][2]                            ? 
_refine.aniso_B[2][3]                            ? 
_refine.aniso_B[3][3]                            ? 
_refine.B_iso_max                                182.710 
_refine.B_iso_mean                               118.2532 
_refine.B_iso_min                                70.060 
_refine.correlation_coeff_Fo_to_Fc               ? 
_refine.correlation_coeff_Fo_to_Fc_free          ? 
_refine.details                                  ? 
_refine.diff_density_max                         ? 
_refine.diff_density_max_esd                     ? 
_refine.diff_density_min                         ? 
_refine.diff_density_min_esd                     ? 
_refine.diff_density_rms                         ? 
_refine.diff_density_rms_esd                     ? 
_refine.entry_id                                 7JFT 
_refine.pdbx_refine_id                           'X-RAY DIFFRACTION' 
_refine.ls_abs_structure_details                 ? 
_refine.ls_abs_structure_Flack                   ? 
_refine.ls_abs_structure_Flack_esd               ? 
_refine.ls_abs_structure_Rogers                  ? 
_refine.ls_abs_structure_Rogers_esd              ? 
_refine.ls_d_res_high                            3.1580 
_refine.ls_d_res_low                             34.5560 
_refine.ls_extinction_coef                       ? 
_refine.ls_extinction_coef_esd                   ? 
_refine.ls_extinction_expression                 ? 
_refine.ls_extinction_method                     ? 
_refine.ls_goodness_of_fit_all                   ? 
_refine.ls_goodness_of_fit_all_esd               ? 
_refine.ls_goodness_of_fit_obs                   ? 
_refine.ls_goodness_of_fit_obs_esd               ? 
_refine.ls_hydrogen_treatment                    ? 
_refine.ls_matrix_type                           ? 
_refine.ls_number_constraints                    ? 
_refine.ls_number_parameters                     ? 
_refine.ls_number_reflns_all                     ? 
_refine.ls_number_reflns_obs                     4097 
_refine.ls_number_reflns_R_free                  203 
_refine.ls_number_reflns_R_work                  3894 
_refine.ls_number_restraints                     ? 
_refine.ls_percent_reflns_obs                    79.5500 
_refine.ls_percent_reflns_R_free                 4.9500 
_refine.ls_R_factor_all                          ? 
_refine.ls_R_factor_obs                          0.2255 
_refine.ls_R_factor_R_free                       0.2468 
_refine.ls_R_factor_R_free_error                 ? 
_refine.ls_R_factor_R_free_error_details         ? 
_refine.ls_R_factor_R_work                       0.2242 
_refine.ls_R_Fsqd_factor_obs                     ? 
_refine.ls_R_I_factor_obs                        ? 
_refine.ls_redundancy_reflns_all                 ? 
_refine.ls_redundancy_reflns_obs                 ? 
_refine.ls_restrained_S_all                      ? 
_refine.ls_restrained_S_obs                      ? 
_refine.ls_shift_over_esd_max                    ? 
_refine.ls_shift_over_esd_mean                   ? 
_refine.ls_structure_factor_coef                 ? 
_refine.ls_weighting_details                     ? 
_refine.ls_weighting_scheme                      ? 
_refine.ls_wR_factor_all                         ? 
_refine.ls_wR_factor_obs                         ? 
_refine.ls_wR_factor_R_free                      ? 
_refine.ls_wR_factor_R_work                      ? 
_refine.occupancy_max                            ? 
_refine.occupancy_min                            ? 
_refine.solvent_model_details                    'FLAT BULK SOLVENT MODEL' 
_refine.solvent_model_param_bsol                 ? 
_refine.solvent_model_param_ksol                 ? 
_refine.pdbx_R_complete                          ? 
_refine.ls_R_factor_gt                           ? 
_refine.ls_goodness_of_fit_gt                    ? 
_refine.ls_goodness_of_fit_ref                   ? 
_refine.ls_shift_over_su_max                     ? 
_refine.ls_shift_over_su_max_lt                  ? 
_refine.ls_shift_over_su_mean                    ? 
_refine.ls_shift_over_su_mean_lt                 ? 
_refine.pdbx_ls_sigma_I                          ? 
_refine.pdbx_ls_sigma_F                          2.010 
_refine.pdbx_ls_sigma_Fsqd                       ? 
_refine.pdbx_data_cutoff_high_absF               ? 
_refine.pdbx_data_cutoff_high_rms_absF           ? 
_refine.pdbx_data_cutoff_low_absF                ? 
_refine.pdbx_isotropic_thermal_model             ? 
_refine.pdbx_ls_cross_valid_method               THROUGHOUT 
_refine.pdbx_method_to_determine_struct          'MOLECULAR REPLACEMENT' 
_refine.pdbx_starting_model                      6XNA 
_refine.pdbx_stereochemistry_target_values       ML 
_refine.pdbx_R_Free_selection_details            ? 
_refine.pdbx_stereochem_target_val_spec_case     ? 
_refine.pdbx_overall_ESU_R                       ? 
_refine.pdbx_overall_ESU_R_Free                  ? 
_refine.pdbx_solvent_vdw_probe_radii             1.1100 
_refine.pdbx_solvent_ion_probe_radii             ? 
_refine.pdbx_solvent_shrinkage_radii             0.9000 
_refine.pdbx_real_space_R                        ? 
_refine.pdbx_density_correlation                 ? 
_refine.pdbx_pd_number_of_powder_patterns        ? 
_refine.pdbx_pd_number_of_points                 ? 
_refine.pdbx_pd_meas_number_of_points            ? 
_refine.pdbx_pd_proc_ls_prof_R_factor            ? 
_refine.pdbx_pd_proc_ls_prof_wR_factor           ? 
_refine.pdbx_pd_Marquardt_correlation_coeff      ? 
_refine.pdbx_pd_Fsqrd_R_factor                   ? 
_refine.pdbx_pd_ls_matrix_band_width             ? 
_refine.pdbx_overall_phase_error                 33.9600 
_refine.pdbx_overall_SU_R_free_Cruickshank_DPI   ? 
_refine.pdbx_overall_SU_R_free_Blow_DPI          ? 
_refine.pdbx_overall_SU_R_Blow_DPI               ? 
_refine.pdbx_TLS_residual_ADP_flag               ? 
_refine.pdbx_diffrn_id                           1 
_refine.overall_SU_B                             ? 
_refine.overall_SU_ML                            0.2700 
_refine.overall_SU_R_Cruickshank_DPI             ? 
_refine.overall_SU_R_free                        ? 
_refine.overall_FOM_free_R_set                   ? 
_refine.overall_FOM_work_R_set                   ? 
_refine.pdbx_average_fsc_overall                 ? 
_refine.pdbx_average_fsc_work                    ? 
_refine.pdbx_average_fsc_free                    ? 
# 
_refine_hist.pdbx_refine_id                   'X-RAY DIFFRACTION' 
_refine_hist.cycle_id                         final 
_refine_hist.details                          ? 
_refine_hist.d_res_high                       3.1580 
_refine_hist.d_res_low                        34.5560 
_refine_hist.number_atoms_solvent             0 
_refine_hist.number_atoms_total               857 
_refine_hist.number_reflns_all                ? 
_refine_hist.number_reflns_obs                ? 
_refine_hist.number_reflns_R_free             ? 
_refine_hist.number_reflns_R_work             ? 
_refine_hist.R_factor_all                     ? 
_refine_hist.R_factor_obs                     ? 
_refine_hist.R_factor_R_free                  ? 
_refine_hist.R_factor_R_work                  ? 
_refine_hist.pdbx_number_residues_total       42 
_refine_hist.pdbx_B_iso_mean_ligand           174.85 
_refine_hist.pdbx_B_iso_mean_solvent          ? 
_refine_hist.pdbx_number_atoms_protein        0 
_refine_hist.pdbx_number_atoms_nucleic_acid   855 
_refine_hist.pdbx_number_atoms_ligand         2 
_refine_hist.pdbx_number_atoms_lipid          ? 
_refine_hist.pdbx_number_atoms_carb           ? 
_refine_hist.pdbx_pseudo_atom_details         ? 
# 
loop_
_refine_ls_restr.pdbx_refine_id 
_refine_ls_restr.criterion 
_refine_ls_restr.dev_ideal 
_refine_ls_restr.dev_ideal_target 
_refine_ls_restr.number 
_refine_ls_restr.rejects 
_refine_ls_restr.type 
_refine_ls_restr.weight 
_refine_ls_restr.pdbx_restraint_function 
'X-RAY DIFFRACTION' ? 0.006  ? 956  ? f_bond_d           ? ? 
'X-RAY DIFFRACTION' ? 0.773  ? 1467 ? f_angle_d          ? ? 
'X-RAY DIFFRACTION' ? 0.049  ? 166  ? f_chiral_restr     ? ? 
'X-RAY DIFFRACTION' ? 0.004  ? 42   ? f_plane_restr      ? ? 
'X-RAY DIFFRACTION' ? 33.483 ? 406  ? f_dihedral_angle_d ? ? 
# 
_refine_ls_shell.pdbx_refine_id                   'X-RAY DIFFRACTION' 
_refine_ls_shell.d_res_high                       3.1580 
_refine_ls_shell.d_res_low                        34.556 
_refine_ls_shell.number_reflns_all                ? 
_refine_ls_shell.number_reflns_obs                ? 
_refine_ls_shell.number_reflns_R_free             203 
_refine_ls_shell.number_reflns_R_work             3894 
_refine_ls_shell.percent_reflns_obs               80.0000 
_refine_ls_shell.percent_reflns_R_free            ? 
_refine_ls_shell.R_factor_all                     ? 
_refine_ls_shell.R_factor_obs                     ? 
_refine_ls_shell.R_factor_R_free                  0.2468 
_refine_ls_shell.R_factor_R_free_error            0.0000 
_refine_ls_shell.R_factor_R_work                  0.2242 
_refine_ls_shell.redundancy_reflns_all            ? 
_refine_ls_shell.redundancy_reflns_obs            ? 
_refine_ls_shell.wR_factor_all                    ? 
_refine_ls_shell.wR_factor_obs                    ? 
_refine_ls_shell.wR_factor_R_free                 ? 
_refine_ls_shell.wR_factor_R_work                 ? 
_refine_ls_shell.pdbx_R_complete                  ? 
_refine_ls_shell.pdbx_total_number_of_bins_used   ? 
_refine_ls_shell.pdbx_phase_error                 ? 
_refine_ls_shell.pdbx_fsc_work                    ? 
_refine_ls_shell.pdbx_fsc_free                    ? 
# 
_struct.entry_id                     7JFT 
_struct.title                        
'Self-assembly of a 3D DNA crystal lattice (4x6 junction version) containing the J2 immobile Holliday junction' 
_struct.pdbx_model_details           ? 
_struct.pdbx_formula_weight          ? 
_struct.pdbx_formula_weight_method   ? 
_struct.pdbx_model_type_details      ? 
_struct.pdbx_CASP_flag               N 
# 
_struct_keywords.entry_id        7JFT 
_struct_keywords.text            
'Structural DNA nanotechnology, immobile Holliday junctions, 3D DNA self-assembly, designer DNA crystals, DNA' 
_struct_keywords.pdbx_keywords   DNA 
# 
loop_
_struct_asym.id 
_struct_asym.pdbx_blank_PDB_chainid_flag 
_struct_asym.pdbx_modified 
_struct_asym.entity_id 
_struct_asym.details 
A N N 1 ? 
B N N 2 ? 
C N N 3 ? 
D N N 4 ? 
E N N 5 ? 
F N N 5 ? 
# 
loop_
_struct_conn.id 
_struct_conn.conn_type_id 
_struct_conn.pdbx_leaving_atom_flag 
_struct_conn.pdbx_PDB_id 
_struct_conn.ptnr1_label_asym_id 
_struct_conn.ptnr1_label_comp_id 
_struct_conn.ptnr1_label_seq_id 
_struct_conn.ptnr1_label_atom_id 
_struct_conn.pdbx_ptnr1_label_alt_id 
_struct_conn.pdbx_ptnr1_PDB_ins_code 
_struct_conn.pdbx_ptnr1_standard_comp_id 
_struct_conn.ptnr1_symmetry 
_struct_conn.ptnr2_label_asym_id 
_struct_conn.ptnr2_label_comp_id 
_struct_conn.ptnr2_label_seq_id 
_struct_conn.ptnr2_label_atom_id 
_struct_conn.pdbx_ptnr2_label_alt_id 
_struct_conn.pdbx_ptnr2_PDB_ins_code 
_struct_conn.ptnr1_auth_asym_id 
_struct_conn.ptnr1_auth_comp_id 
_struct_conn.ptnr1_auth_seq_id 
_struct_conn.ptnr2_auth_asym_id 
_struct_conn.ptnr2_auth_comp_id 
_struct_conn.ptnr2_auth_seq_id 
_struct_conn.ptnr2_symmetry 
_struct_conn.pdbx_ptnr3_label_atom_id 
_struct_conn.pdbx_ptnr3_label_seq_id 
_struct_conn.pdbx_ptnr3_label_comp_id 
_struct_conn.pdbx_ptnr3_label_asym_id 
_struct_conn.pdbx_ptnr3_label_alt_id 
_struct_conn.pdbx_ptnr3_PDB_ins_code 
_struct_conn.details 
_struct_conn.pdbx_dist_value 
_struct_conn.pdbx_value_order 
_struct_conn.pdbx_role 
hydrog1  hydrog ? ? A DG 3  N1 ? ? ? 1_555 D DG 14 O6 ? ? A DG 3  D DG 15 1_555 ? ? ? ? ? ? 'DG-DG MISPAIR' ? ? ? 
hydrog2  hydrog ? ? A DG 3  N2 ? ? ? 1_555 D DC 15 N3 ? ? A DG 3  D DC 16 1_555 ? ? ? ? ? ? 'DG-DC PAIR'    ? ? ? 
hydrog3  hydrog ? ? A DC 4  N3 ? ? ? 1_555 D DG 14 N1 ? ? A DC 4  D DG 15 1_555 ? ? ? ? ? ? WATSON-CRICK    ? ? ? 
hydrog4  hydrog ? ? A DC 4  N4 ? ? ? 1_555 D DG 14 O6 ? ? A DC 4  D DG 15 1_555 ? ? ? ? ? ? WATSON-CRICK    ? ? ? 
hydrog5  hydrog ? ? A DC 4  O2 ? ? ? 1_555 D DG 14 N2 ? ? A DC 4  D DG 15 1_555 ? ? ? ? ? ? WATSON-CRICK    ? ? ? 
hydrog6  hydrog ? ? A DA 5  N1 ? ? ? 1_555 D DT 13 N3 ? ? A DA 5  D DT 14 1_555 ? ? ? ? ? ? WATSON-CRICK    ? ? ? 
hydrog7  hydrog ? ? A DA 5  N6 ? ? ? 1_555 D DT 13 O4 ? ? A DA 5  D DT 14 1_555 ? ? ? ? ? ? WATSON-CRICK    ? ? ? 
hydrog8  hydrog ? ? A DG 6  N1 ? ? ? 1_555 D DC 12 N3 ? ? A DG 6  D DC 13 1_555 ? ? ? ? ? ? WATSON-CRICK    ? ? ? 
hydrog9  hydrog ? ? A DG 6  N2 ? ? ? 1_555 D DC 12 O2 ? ? A DG 6  D DC 13 1_555 ? ? ? ? ? ? WATSON-CRICK    ? ? ? 
hydrog10 hydrog ? ? A DG 6  O6 ? ? ? 1_555 D DC 12 N4 ? ? A DG 6  D DC 13 1_555 ? ? ? ? ? ? WATSON-CRICK    ? ? ? 
hydrog11 hydrog ? ? A DA 7  N1 ? ? ? 1_555 D DT 11 N3 ? ? A DA 7  D DT 12 1_555 ? ? ? ? ? ? WATSON-CRICK    ? ? ? 
hydrog12 hydrog ? ? A DA 7  N6 ? ? ? 1_555 D DT 11 O4 ? ? A DA 7  D DT 12 1_555 ? ? ? ? ? ? WATSON-CRICK    ? ? ? 
hydrog13 hydrog ? ? A DC 8  N3 ? ? ? 1_555 D DG 10 N1 ? ? A DC 8  D DG 11 1_555 ? ? ? ? ? ? WATSON-CRICK    ? ? ? 
hydrog14 hydrog ? ? A DC 8  N4 ? ? ? 1_555 D DG 10 O6 ? ? A DC 8  D DG 11 1_555 ? ? ? ? ? ? WATSON-CRICK    ? ? ? 
hydrog15 hydrog ? ? A DC 8  O2 ? ? ? 1_555 D DG 10 N2 ? ? A DC 8  D DG 11 1_555 ? ? ? ? ? ? WATSON-CRICK    ? ? ? 
hydrog16 hydrog ? ? A DC 9  N3 ? ? ? 1_555 D DG 9  N1 ? ? A DC 9  D DG 10 1_555 ? ? ? ? ? ? WATSON-CRICK    ? ? ? 
hydrog17 hydrog ? ? A DC 9  N4 ? ? ? 1_555 D DG 9  O6 ? ? A DC 9  D DG 10 1_555 ? ? ? ? ? ? WATSON-CRICK    ? ? ? 
hydrog18 hydrog ? ? A DC 9  O2 ? ? ? 1_555 D DG 9  N2 ? ? A DC 9  D DG 10 1_555 ? ? ? ? ? ? WATSON-CRICK    ? ? ? 
hydrog19 hydrog ? ? A DT 10 N3 ? ? ? 1_555 C DA 3  N1 ? ? A DT 10 C DA 2  1_555 ? ? ? ? ? ? WATSON-CRICK    ? ? ? 
hydrog20 hydrog ? ? A DT 10 O4 ? ? ? 1_555 C DA 3  N6 ? ? A DT 10 C DA 2  1_555 ? ? ? ? ? ? WATSON-CRICK    ? ? ? 
hydrog21 hydrog ? ? A DG 11 N1 ? ? ? 1_555 C DC 2  N3 ? ? A DG 11 C DC 1  1_555 ? ? ? ? ? ? WATSON-CRICK    ? ? ? 
hydrog22 hydrog ? ? A DG 11 N2 ? ? ? 1_555 C DC 2  O2 ? ? A DG 11 C DC 1  1_555 ? ? ? ? ? ? WATSON-CRICK    ? ? ? 
hydrog23 hydrog ? ? A DG 11 O6 ? ? ? 1_555 C DC 2  N4 ? ? A DG 11 C DC 1  1_555 ? ? ? ? ? ? WATSON-CRICK    ? ? ? 
hydrog24 hydrog ? ? A DA 12 N1 ? ? ? 1_555 C DT 1  N3 ? ? A DA 12 C DT 0  1_555 ? ? ? ? ? ? WATSON-CRICK    ? ? ? 
hydrog25 hydrog ? ? A DA 12 N6 ? ? ? 1_555 C DT 1  O4 ? ? A DA 12 C DT 0  1_555 ? ? ? ? ? ? WATSON-CRICK    ? ? ? 
hydrog26 hydrog ? ? B DC 1  N4 ? ? ? 1_555 C DG 6  O6 ? ? B DC 12 C DG 5  1_555 ? ? ? ? ? ? 'DC-DG PAIR'    ? ? ? 
hydrog27 hydrog ? ? B DG 2  O6 ? ? ? 1_555 C DC 5  N4 ? ? B DG 13 C DC 4  1_555 ? ? ? ? ? ? 'DG-DC PAIR'    ? ? ? 
hydrog28 hydrog ? ? B DA 3  N1 ? ? ? 1_555 C DT 4  N3 ? ? B DA 14 C DT 3  1_555 ? ? ? ? ? ? WATSON-CRICK    ? ? ? 
hydrog29 hydrog ? ? B DA 3  N6 ? ? ? 1_555 C DT 4  O4 ? ? B DA 14 C DT 3  1_555 ? ? ? ? ? ? WATSON-CRICK    ? ? ? 
hydrog30 hydrog ? ? B DG 4  N1 ? ? ? 1_555 D DC 8  N3 ? ? B DG 15 D DC 9  1_555 ? ? ? ? ? ? WATSON-CRICK    ? ? ? 
hydrog31 hydrog ? ? B DG 4  N2 ? ? ? 1_555 D DC 8  O2 ? ? B DG 15 D DC 9  1_555 ? ? ? ? ? ? WATSON-CRICK    ? ? ? 
hydrog32 hydrog ? ? B DG 4  O6 ? ? ? 1_555 D DC 8  N4 ? ? B DG 15 D DC 9  1_555 ? ? ? ? ? ? WATSON-CRICK    ? ? ? 
hydrog33 hydrog ? ? B DA 5  N1 ? ? ? 1_555 D DT 7  N3 ? ? B DA 16 D DT 8  1_555 ? ? ? ? ? ? WATSON-CRICK    ? ? ? 
hydrog34 hydrog ? ? B DA 5  N6 ? ? ? 1_555 D DT 7  O4 ? ? B DA 16 D DT 8  1_555 ? ? ? ? ? ? WATSON-CRICK    ? ? ? 
hydrog35 hydrog ? ? B DC 6  N3 ? ? ? 1_555 D DG 6  N2 ? ? B DC 17 D DG 7  1_555 ? ? ? ? ? ? 'DC-DG PAIR'    ? ? ? 
hydrog36 hydrog ? ? B DT 7  N3 ? ? ? 1_555 D DA 5  N1 ? ? B DT 18 D DA 6  1_555 ? ? ? ? ? ? WATSON-CRICK    ? ? ? 
hydrog37 hydrog ? ? B DT 7  O4 ? ? ? 1_555 D DA 5  N6 ? ? B DT 18 D DA 6  1_555 ? ? ? ? ? ? WATSON-CRICK    ? ? ? 
hydrog38 hydrog ? ? B DC 8  N3 ? ? ? 1_555 D DG 4  N2 ? ? B DC 19 D DG 5  1_555 ? ? ? ? ? ? 'DC-DG PAIR'    ? ? ? 
# 
_struct_conn_type.id          hydrog 
_struct_conn_type.criteria    ? 
_struct_conn_type.reference   ? 
# 
_atom_sites.entry_id                    7JFT 
_atom_sites.Cartn_transf_matrix[1][1]   ? 
_atom_sites.Cartn_transf_matrix[1][2]   ? 
_atom_sites.Cartn_transf_matrix[1][3]   ? 
_atom_sites.Cartn_transf_matrix[2][1]   ? 
_atom_sites.Cartn_transf_matrix[2][2]   ? 
_atom_sites.Cartn_transf_matrix[2][3]   ? 
_atom_sites.Cartn_transf_matrix[3][1]   ? 
_atom_sites.Cartn_transf_matrix[3][2]   ? 
_atom_sites.Cartn_transf_matrix[3][3]   ? 
_atom_sites.Cartn_transf_vector[1]      ? 
_atom_sites.Cartn_transf_vector[2]      ? 
_atom_sites.Cartn_transf_vector[3]      ? 
_atom_sites.fract_transf_matrix[1][1]   0.00798486 
_atom_sites.fract_transf_matrix[1][2]   0.00546563 
_atom_sites.fract_transf_matrix[1][3]   -0.01362021 
_atom_sites.fract_transf_matrix[2][1]   0.00776250 
_atom_sites.fract_transf_matrix[2][2]   0.01479336 
_atom_sites.fract_transf_matrix[2][3]   0.00023927 
_atom_sites.fract_transf_matrix[3][1]   0.01487242 
_atom_sites.fract_transf_matrix[3][2]   -0.00789378 
_atom_sites.fract_transf_matrix[3][3]   0.00555128 
_atom_sites.fract_transf_vector[1]      0.318119 
_atom_sites.fract_transf_vector[2]      1.148039 
_atom_sites.fract_transf_vector[3]      -1.171902 
_atom_sites.solution_primary            ? 
_atom_sites.solution_secondary          ? 
_atom_sites.solution_hydrogens          ? 
_atom_sites.special_details             ? 
# 
loop_
_atom_type.symbol 
AS 
C  
H  
N  
O  
P  
# 
loop_
_atom_site.group_PDB 
_atom_site.id 
_atom_site.type_symbol 
_atom_site.label_atom_id 
_atom_site.label_alt_id 
_atom_site.label_comp_id 
_atom_site.label_asym_id 
_atom_site.label_entity_id 
_atom_site.label_seq_id 
_atom_site.pdbx_PDB_ins_code 
_atom_site.Cartn_x 
_atom_site.Cartn_y 
_atom_site.Cartn_z 
_atom_site.occupancy 
_atom_site.B_iso_or_equiv 
_atom_site.pdbx_formal_charge 
_atom_site.auth_seq_id 
_atom_site.auth_comp_id 
_atom_site.auth_asym_id 
_atom_site.auth_atom_id 
_atom_site.pdbx_PDB_model_num 
ATOM   1    O  "O5'"  . DG  A 1 1  ? -10.198 -4.683  -21.085 1.00 143.18 ? 1   DG  A "O5'"  1 
ATOM   2    C  "C5'"  . DG  A 1 1  ? -10.093 -3.649  -22.064 1.00 143.14 ? 1   DG  A "C5'"  1 
ATOM   3    C  "C4'"  . DG  A 1 1  ? -8.841  -3.826  -22.912 1.00 141.75 ? 1   DG  A "C4'"  1 
ATOM   4    O  "O4'"  . DG  A 1 1  ? -8.595  -2.626  -23.675 1.00 112.40 ? 1   DG  A "O4'"  1 
ATOM   5    C  "C3'"  . DG  A 1 1  ? -7.569  -4.059  -22.117 1.00 147.64 ? 1   DG  A "C3'"  1 
ATOM   6    O  "O3'"  . DG  A 1 1  ? -7.377  -5.448  -21.882 1.00 151.76 ? 1   DG  A "O3'"  1 
ATOM   7    C  "C2'"  . DG  A 1 1  ? -6.469  -3.455  -22.995 1.00 121.74 ? 1   DG  A "C2'"  1 
ATOM   8    C  "C1'"  . DG  A 1 1  ? -7.209  -2.493  -23.932 1.00 112.40 ? 1   DG  A "C1'"  1 
ATOM   9    N  N9     . DG  A 1 1  ? -6.847  -1.083  -23.772 1.00 112.40 ? 1   DG  A N9     1 
ATOM   10   C  C8     . DG  A 1 1  ? -7.701  -0.005  -23.812 1.00 112.40 ? 1   DG  A C8     1 
ATOM   11   N  N7     . DG  A 1 1  ? -7.101  1.142   -23.659 1.00 112.40 ? 1   DG  A N7     1 
ATOM   12   C  C5     . DG  A 1 1  ? -5.763  0.811   -23.512 1.00 112.40 ? 1   DG  A C5     1 
ATOM   13   C  C6     . DG  A 1 1  ? -4.636  1.645   -23.312 1.00 112.40 ? 1   DG  A C6     1 
ATOM   14   O  O6     . DG  A 1 1  ? -4.602  2.883   -23.225 1.00 112.40 ? 1   DG  A O6     1 
ATOM   15   N  N1     . DG  A 1 1  ? -3.462  0.906   -23.208 1.00 112.40 ? 1   DG  A N1     1 
ATOM   16   C  C2     . DG  A 1 1  ? -3.384  -0.467  -23.300 1.00 112.40 ? 1   DG  A C2     1 
ATOM   17   N  N2     . DG  A 1 1  ? -2.161  -1.005  -23.182 1.00 118.29 ? 1   DG  A N2     1 
ATOM   18   N  N3     . DG  A 1 1  ? -4.431  -1.260  -23.487 1.00 112.40 ? 1   DG  A N3     1 
ATOM   19   C  C4     . DG  A 1 1  ? -5.584  -0.555  -23.582 1.00 112.40 ? 1   DG  A C4     1 
ATOM   20   H  "H5'"  . DG  A 1 1  ? -10.056 -2.789  -21.616 1.00 172.11 ? 1   DG  A "H5'"  1 
ATOM   21   H  "H5''" . DG  A 1 1  ? -10.873 -3.674  -22.639 1.00 172.11 ? 1   DG  A "H5''" 1 
ATOM   22   H  "H4'"  . DG  A 1 1  ? -8.974  -4.568  -23.521 1.00 170.45 ? 1   DG  A "H4'"  1 
ATOM   23   H  "H3'"  . DG  A 1 1  ? -7.615  -3.583  -21.273 1.00 177.51 ? 1   DG  A "H3'"  1 
ATOM   24   H  "H2'"  . DG  A 1 1  ? -5.828  -2.971  -22.451 1.00 146.44 ? 1   DG  A "H2'"  1 
ATOM   25   H  "H2''" . DG  A 1 1  ? -6.024  -4.150  -23.505 1.00 146.44 ? 1   DG  A "H2''" 1 
ATOM   26   H  "H1'"  . DG  A 1 1  ? -7.036  -2.757  -24.850 1.00 135.22 ? 1   DG  A "H1'"  1 
ATOM   27   H  H8     . DG  A 1 1  ? -8.620  -0.088  -23.931 1.00 135.22 ? 1   DG  A H8     1 
ATOM   28   H  H1     . DG  A 1 1  ? -2.728  1.339   -23.095 1.00 135.22 ? 1   DG  A H1     1 
ATOM   29   H  H21    . DG  A 1 1  ? -2.060  -1.858  -23.229 1.00 142.30 ? 1   DG  A H21    1 
ATOM   30   H  H22    . DG  A 1 1  ? -1.477  -0.497  -23.060 1.00 142.30 ? 1   DG  A H22    1 
ATOM   31   H  "HO5'" . DG  A 1 1  ? -10.742 -4.605  -20.448 1.00 172.16 ? 1   DG  A "HO5'" 1 
ATOM   32   P  P      . DA  A 1 2  ? -7.025  -5.972  -20.405 1.00 158.26 ? 2   DA  A P      1 
ATOM   33   O  OP1    . DA  A 1 2  ? -7.290  -7.430  -20.381 1.00 148.24 ? 2   DA  A OP1    1 
ATOM   34   O  OP2    . DA  A 1 2  ? -7.702  -5.074  -19.441 1.00 147.56 ? 2   DA  A OP2    1 
ATOM   35   O  "O5'"  . DA  A 1 2  ? -5.451  -5.710  -20.273 1.00 131.68 ? 2   DA  A "O5'"  1 
ATOM   36   C  "C5'"  . DA  A 1 2  ? -4.842  -5.654  -18.988 1.00 135.27 ? 2   DA  A "C5'"  1 
ATOM   37   C  "C4'"  . DA  A 1 2  ? -3.390  -5.220  -19.091 1.00 129.32 ? 2   DA  A "C4'"  1 
ATOM   38   O  "O4'"  . DA  A 1 2  ? -3.246  -4.297  -20.198 1.00 134.89 ? 2   DA  A "O4'"  1 
ATOM   39   C  "C3'"  . DA  A 1 2  ? -2.842  -4.511  -17.849 1.00 139.67 ? 2   DA  A "C3'"  1 
ATOM   40   O  "O3'"  . DA  A 1 2  ? -1.916  -5.342  -17.165 1.00 149.95 ? 2   DA  A "O3'"  1 
ATOM   41   C  "C2'"  . DA  A 1 2  ? -2.175  -3.246  -18.377 1.00 130.87 ? 2   DA  A "C2'"  1 
ATOM   42   C  "C1'"  . DA  A 1 2  ? -2.804  -3.038  -19.743 1.00 129.92 ? 2   DA  A "C1'"  1 
ATOM   43   N  N9     . DA  A 1 2  ? -3.937  -2.123  -19.726 1.00 129.86 ? 2   DA  A N9     1 
ATOM   44   C  C8     . DA  A 1 2  ? -5.264  -2.448  -19.666 1.00 113.60 ? 2   DA  A C8     1 
ATOM   45   N  N7     . DA  A 1 2  ? -6.062  -1.408  -19.670 1.00 113.01 ? 2   DA  A N7     1 
ATOM   46   C  C5     . DA  A 1 2  ? -5.197  -0.327  -19.736 1.00 112.93 ? 2   DA  A C5     1 
ATOM   47   C  C6     . DA  A 1 2  ? -5.419  1.063   -19.772 1.00 112.62 ? 2   DA  A C6     1 
ATOM   48   N  N6     . DA  A 1 2  ? -6.636  1.609   -19.742 1.00 123.49 ? 2   DA  A N6     1 
ATOM   49   N  N1     . DA  A 1 2  ? -4.337  1.869   -19.835 1.00 112.62 ? 2   DA  A N1     1 
ATOM   50   C  C2     . DA  A 1 2  ? -3.120  1.314   -19.861 1.00 112.62 ? 2   DA  A C2     1 
ATOM   51   N  N3     . DA  A 1 2  ? -2.788  0.024   -19.834 1.00 112.62 ? 2   DA  A N3     1 
ATOM   52   C  C4     . DA  A 1 2  ? -3.885  -0.750  -19.770 1.00 113.16 ? 2   DA  A C4     1 
ATOM   53   H  "H5'"  . DA  A 1 2  ? -4.885  -6.532  -18.577 1.00 162.67 ? 2   DA  A "H5'"  1 
ATOM   54   H  "H5''" . DA  A 1 2  ? -5.326  -5.021  -18.434 1.00 162.67 ? 2   DA  A "H5''" 1 
ATOM   55   H  "H4'"  . DA  A 1 2  ? -2.844  -6.002  -19.267 1.00 155.53 ? 2   DA  A "H4'"  1 
ATOM   56   H  "H3'"  . DA  A 1 2  ? -3.573  -4.275  -17.257 1.00 167.95 ? 2   DA  A "H3'"  1 
ATOM   57   H  "H2'"  . DA  A 1 2  ? -2.366  -2.493  -17.796 1.00 157.39 ? 2   DA  A "H2'"  1 
ATOM   58   H  "H2''" . DA  A 1 2  ? -1.218  -3.378  -18.461 1.00 157.39 ? 2   DA  A "H2''" 1 
ATOM   59   H  "H1'"  . DA  A 1 2  ? -2.131  -2.698  -20.353 1.00 156.25 ? 2   DA  A "H1'"  1 
ATOM   60   H  H8     . DA  A 1 2  ? -5.571  -3.326  -19.627 1.00 136.67 ? 2   DA  A H8     1 
ATOM   61   H  H61    . DA  A 1 2  ? -6.724  2.464   -19.763 1.00 148.54 ? 2   DA  A H61    1 
ATOM   62   H  H62    . DA  A 1 2  ? -7.333  1.107   -19.701 1.00 148.54 ? 2   DA  A H62    1 
ATOM   63   H  H2     . DA  A 1 2  ? -2.408  1.910   -19.908 1.00 135.49 ? 2   DA  A H2     1 
ATOM   64   P  P      . DG  A 1 3  ? -1.587  -5.078  -15.616 1.00 147.52 ? 3   DG  A P      1 
ATOM   65   O  OP1    . DG  A 1 3  ? -0.442  -5.938  -15.247 1.00 142.86 ? 3   DG  A OP1    1 
ATOM   66   O  OP2    . DG  A 1 3  ? -2.865  -5.179  -14.878 1.00 149.94 ? 3   DG  A OP2    1 
ATOM   67   O  "O5'"  . DG  A 1 3  ? -1.124  -3.547  -15.566 1.00 111.92 ? 3   DG  A "O5'"  1 
ATOM   68   C  "C5'"  . DG  A 1 3  ? 0.243   -3.207  -15.761 1.00 119.31 ? 3   DG  A "C5'"  1 
ATOM   69   C  "C4'"  . DG  A 1 3  ? 0.404   -1.704  -15.863 1.00 127.33 ? 3   DG  A "C4'"  1 
ATOM   70   O  "O4'"  . DG  A 1 3  ? -0.738  -1.168  -16.557 1.00 129.06 ? 3   DG  A "O4'"  1 
ATOM   71   C  "C3'"  . DG  A 1 3  ? 0.465   -0.969  -14.529 1.00 136.92 ? 3   DG  A "C3'"  1 
ATOM   72   O  "O3'"  . DG  A 1 3  ? 1.827   -0.720  -14.159 1.00 146.69 ? 3   DG  A "O3'"  1 
ATOM   73   C  "C2'"  . DG  A 1 3  ? -0.322  0.331   -14.765 1.00 133.57 ? 3   DG  A "C2'"  1 
ATOM   74   C  "C1'"  . DG  A 1 3  ? -0.991  0.146   -16.130 1.00 123.45 ? 3   DG  A "C1'"  1 
ATOM   75   N  N9     . DG  A 1 3  ? -2.439  0.342   -16.118 1.00 126.05 ? 3   DG  A N9     1 
ATOM   76   C  C8     . DG  A 1 3  ? -3.410  -0.628  -16.008 1.00 122.19 ? 3   DG  A C8     1 
ATOM   77   N  N7     . DG  A 1 3  ? -4.625  -0.152  -16.043 1.00 128.09 ? 3   DG  A N7     1 
ATOM   78   C  C5     . DG  A 1 3  ? -4.447  1.219   -16.190 1.00 126.32 ? 3   DG  A C5     1 
ATOM   79   C  C6     . DG  A 1 3  ? -5.402  2.259   -16.287 1.00 124.30 ? 3   DG  A C6     1 
ATOM   80   O  O6     . DG  A 1 3  ? -6.641  2.170   -16.263 1.00 126.20 ? 3   DG  A O6     1 
ATOM   81   N  N1     . DG  A 1 3  ? -4.791  3.507   -16.428 1.00 111.92 ? 3   DG  A N1     1 
ATOM   82   C  C2     . DG  A 1 3  ? -3.429  3.715   -16.467 1.00 111.92 ? 3   DG  A C2     1 
ATOM   83   N  N2     . DG  A 1 3  ? -3.022  4.983   -16.604 1.00 111.92 ? 3   DG  A N2     1 
ATOM   84   N  N3     . DG  A 1 3  ? -2.529  2.750   -16.377 1.00 111.92 ? 3   DG  A N3     1 
ATOM   85   C  C4     . DG  A 1 3  ? -3.106  1.534   -16.241 1.00 122.07 ? 3   DG  A C4     1 
ATOM   86   H  "H5'"  . DG  A 1 3  ? 0.562   -3.619  -16.579 1.00 143.51 ? 3   DG  A "H5'"  1 
ATOM   87   H  "H5''" . DG  A 1 3  ? 0.765   -3.534  -15.012 1.00 143.51 ? 3   DG  A "H5''" 1 
ATOM   88   H  "H4'"  . DG  A 1 3  ? 1.206   -1.504  -16.372 1.00 153.14 ? 3   DG  A "H4'"  1 
ATOM   89   H  "H3'"  . DG  A 1 3  ? 0.028   -1.497  -13.843 1.00 164.64 ? 3   DG  A "H3'"  1 
ATOM   90   H  "H2'"  . DG  A 1 3  ? -0.992  0.449   -14.072 1.00 160.63 ? 3   DG  A "H2'"  1 
ATOM   91   H  "H2''" . DG  A 1 3  ? 0.282   1.091   -14.784 1.00 160.63 ? 3   DG  A "H2''" 1 
ATOM   92   H  "H1'"  . DG  A 1 3  ? -0.594  0.766   -16.762 1.00 148.49 ? 3   DG  A "H1'"  1 
ATOM   93   H  H8     . DG  A 1 3  ? -3.220  -1.534  -15.915 1.00 146.98 ? 3   DG  A H8     1 
ATOM   94   H  H1     . DG  A 1 3  ? -5.301  4.196   -16.493 1.00 134.65 ? 3   DG  A H1     1 
ATOM   95   H  H21    . DG  A 1 3  ? -2.181  5.163   -16.633 1.00 134.65 ? 3   DG  A H21    1 
ATOM   96   H  H22    . DG  A 1 3  ? -3.600  5.616   -16.663 1.00 134.65 ? 3   DG  A H22    1 
ATOM   97   P  P      . DC  A 1 4  ? 2.205   -0.356  -12.640 1.00 155.24 ? 4   DC  A P      1 
ATOM   98   O  OP1    . DC  A 1 4  ? 3.581   0.192   -12.617 1.00 127.55 ? 4   DC  A OP1    1 
ATOM   99   O  OP2    . DC  A 1 4  ? 1.870   -1.540  -11.818 1.00 142.57 ? 4   DC  A OP2    1 
ATOM   100  O  "O5'"  . DC  A 1 4  ? 1.183   0.818   -12.275 1.00 145.26 ? 4   DC  A "O5'"  1 
ATOM   101  C  "C5'"  . DC  A 1 4  ? 1.547   1.810   -11.327 1.00 133.78 ? 4   DC  A "C5'"  1 
ATOM   102  C  "C4'"  . DC  A 1 4  ? 1.857   3.131   -12.010 1.00 145.02 ? 4   DC  A "C4'"  1 
ATOM   103  O  "O4'"  . DC  A 1 4  ? 1.016   3.273   -13.178 1.00 150.81 ? 4   DC  A "O4'"  1 
ATOM   104  C  "C3'"  . DC  A 1 4  ? 1.616   4.359   -11.137 1.00 146.34 ? 4   DC  A "C3'"  1 
ATOM   105  O  "O3'"  . DC  A 1 4  ? 2.851   4.886   -10.684 1.00 146.82 ? 4   DC  A "O3'"  1 
ATOM   106  C  "C2'"  . DC  A 1 4  ? 0.868   5.346   -12.028 1.00 136.32 ? 4   DC  A "C2'"  1 
ATOM   107  C  "C1'"  . DC  A 1 4  ? 0.300   4.491   -13.148 1.00 146.43 ? 4   DC  A "C1'"  1 
ATOM   108  N  N1     . DC  A 1 4  ? -1.151  4.175   -13.009 1.00 137.51 ? 4   DC  A N1     1 
ATOM   109  C  C2     . DC  A 1 4  ? -2.100  5.194   -13.145 1.00 126.54 ? 4   DC  A C2     1 
ATOM   110  O  O2     . DC  A 1 4  ? -1.715  6.355   -13.343 1.00 120.46 ? 4   DC  A O2     1 
ATOM   111  N  N3     . DC  A 1 4  ? -3.416  4.881   -13.047 1.00 110.50 ? 4   DC  A N3     1 
ATOM   112  C  C4     . DC  A 1 4  ? -3.787  3.618   -12.834 1.00 110.50 ? 4   DC  A C4     1 
ATOM   113  N  N4     . DC  A 1 4  ? -5.094  3.358   -12.742 1.00 110.50 ? 4   DC  A N4     1 
ATOM   114  C  C5     . DC  A 1 4  ? -2.836  2.565   -12.702 1.00 110.50 ? 4   DC  A C5     1 
ATOM   115  C  C6     . DC  A 1 4  ? -1.543  2.885   -12.800 1.00 120.39 ? 4   DC  A C6     1 
ATOM   116  H  "H5'"  . DC  A 1 4  ? 2.331   1.513   -10.840 1.00 160.89 ? 4   DC  A "H5'"  1 
ATOM   117  H  "H5''" . DC  A 1 4  ? 0.815   1.938   -10.704 1.00 160.89 ? 4   DC  A "H5''" 1 
ATOM   118  H  "H4'"  . DC  A 1 4  ? 2.784   3.126   -12.292 1.00 174.37 ? 4   DC  A "H4'"  1 
ATOM   119  H  "H3'"  . DC  A 1 4  ? 1.063   4.119   -10.377 1.00 175.95 ? 4   DC  A "H3'"  1 
ATOM   120  H  "H2'"  . DC  A 1 4  ? 0.152   5.773   -11.532 1.00 163.93 ? 4   DC  A "H2'"  1 
ATOM   121  H  "H2''" . DC  A 1 4  ? 1.479   6.009   -12.385 1.00 163.93 ? 4   DC  A "H2''" 1 
ATOM   122  H  "H1'"  . DC  A 1 4  ? 0.437   4.952   -13.990 1.00 176.06 ? 4   DC  A "H1'"  1 
ATOM   123  H  H41    . DC  A 1 4  ? -5.363  2.553   -12.606 1.00 132.94 ? 4   DC  A H41    1 
ATOM   124  H  H42    . DC  A 1 4  ? -5.666  3.996   -12.819 1.00 132.94 ? 4   DC  A H42    1 
ATOM   125  H  H5     . DC  A 1 4  ? -3.105  1.688   -12.553 1.00 132.94 ? 4   DC  A H5     1 
ATOM   126  H  H6     . DC  A 1 4  ? -0.900  2.218   -12.719 1.00 144.81 ? 4   DC  A H6     1 
ATOM   127  P  P      . DA  A 1 5  ? 3.368   4.551   -9.202  1.00 166.84 ? 5   DA  A P      1 
ATOM   128  O  OP1    . DA  A 1 5  ? 4.842   4.428   -9.254  1.00 161.77 ? 5   DA  A OP1    1 
ATOM   129  O  OP2    . DA  A 1 5  ? 2.548   3.424   -8.698  1.00 151.84 ? 5   DA  A OP2    1 
ATOM   130  O  "O5'"  . DA  A 1 5  ? 2.979   5.855   -8.362  1.00 160.23 ? 5   DA  A "O5'"  1 
ATOM   131  C  "C5'"  . DA  A 1 5  ? 3.282   7.144   -8.878  1.00 151.97 ? 5   DA  A "C5'"  1 
ATOM   132  C  "C4'"  . DA  A 1 5  ? 2.012   7.920   -9.170  1.00 145.11 ? 5   DA  A "C4'"  1 
ATOM   133  O  "O4'"  . DA  A 1 5  ? 0.997   7.019   -9.662  1.00 139.53 ? 5   DA  A "O4'"  1 
ATOM   134  C  "C3'"  . DA  A 1 5  ? 1.385   8.608   -7.956  1.00 138.87 ? 5   DA  A "C3'"  1 
ATOM   135  O  "O3'"  . DA  A 1 5  ? 1.685   10.003  -7.947  1.00 146.35 ? 5   DA  A "O3'"  1 
ATOM   136  C  "C2'"  . DA  A 1 5  ? -0.123  8.344   -8.100  1.00 128.03 ? 5   DA  A "C2'"  1 
ATOM   137  C  "C1'"  . DA  A 1 5  ? -0.254  7.608   -9.425  1.00 128.15 ? 5   DA  A "C1'"  1 
ATOM   138  N  N9     . DA  A 1 5  ? -1.296  6.577   -9.422  1.00 112.33 ? 5   DA  A N9     1 
ATOM   139  C  C8     . DA  A 1 5  ? -1.150  5.238   -9.178  1.00 119.29 ? 5   DA  A C8     1 
ATOM   140  N  N7     . DA  A 1 5  ? -2.278  4.562   -9.240  1.00 121.45 ? 5   DA  A N7     1 
ATOM   141  C  C5     . DA  A 1 5  ? -3.228  5.528   -9.538  1.00 122.22 ? 5   DA  A C5     1 
ATOM   142  C  C6     . DA  A 1 5  ? -4.628  5.467   -9.741  1.00 112.33 ? 5   DA  A C6     1 
ATOM   143  N  N6     . DA  A 1 5  ? -5.340  4.336   -9.667  1.00 112.33 ? 5   DA  A N6     1 
ATOM   144  N  N1     . DA  A 1 5  ? -5.268  6.621   -10.023 1.00 112.33 ? 5   DA  A N1     1 
ATOM   145  C  C2     . DA  A 1 5  ? -4.558  7.753   -10.096 1.00 114.65 ? 5   DA  A C2     1 
ATOM   146  N  N3     . DA  A 1 5  ? -3.250  7.934   -9.927  1.00 117.57 ? 5   DA  A N3     1 
ATOM   147  C  C4     . DA  A 1 5  ? -2.638  6.774   -9.650  1.00 118.50 ? 5   DA  A C4     1 
ATOM   148  H  "H5'"  . DA  A 1 5  ? 3.791   7.048   -9.697  1.00 182.71 ? 5   DA  A "H5'"  1 
ATOM   149  H  "H5''" . DA  A 1 5  ? 3.811   7.632   -8.227  1.00 182.71 ? 5   DA  A "H5''" 1 
ATOM   150  H  "H4'"  . DA  A 1 5  ? 2.198   8.587   -9.849  1.00 174.48 ? 5   DA  A "H4'"  1 
ATOM   151  H  "H3'"  . DA  A 1 5  ? 1.712   8.196   -7.141  1.00 166.99 ? 5   DA  A "H3'"  1 
ATOM   152  H  "H2'"  . DA  A 1 5  ? -0.440  7.789   -7.371  1.00 153.99 ? 5   DA  A "H2'"  1 
ATOM   153  H  "H2''" . DA  A 1 5  ? -0.611  9.182   -8.129  1.00 153.99 ? 5   DA  A "H2''" 1 
ATOM   154  H  "H1'"  . DA  A 1 5  ? -0.441  8.248   -10.129 1.00 154.12 ? 5   DA  A "H1'"  1 
ATOM   155  H  H8     . DA  A 1 5  ? -0.330  4.841   -8.993  1.00 143.49 ? 5   DA  A H8     1 
ATOM   156  H  H61    . DA  A 1 5  ? -6.189  4.354   -9.798  1.00 135.14 ? 5   DA  A H61    1 
ATOM   157  H  H62    . DA  A 1 5  ? -4.947  3.592   -9.489  1.00 135.14 ? 5   DA  A H62    1 
ATOM   158  H  H2     . DA  A 1 5  ? -5.047  8.520   -10.292 1.00 137.92 ? 5   DA  A H2     1 
ATOM   159  P  P      . DG  A 1 6  ? 1.371   10.890  -6.644  1.00 154.23 ? 6   DG  A P      1 
ATOM   160  O  OP1    . DG  A 1 6  ? 1.000   12.246  -7.107  1.00 146.50 ? 6   DG  A OP1    1 
ATOM   161  O  OP2    . DG  A 1 6  ? 2.492   10.717  -5.691  1.00 156.81 ? 6   DG  A OP2    1 
ATOM   162  O  "O5'"  . DG  A 1 6  ? 0.083   10.190  -6.001  1.00 141.74 ? 6   DG  A "O5'"  1 
ATOM   163  C  "C5'"  . DG  A 1 6  ? -0.730  10.900  -5.081  1.00 141.35 ? 6   DG  A "C5'"  1 
ATOM   164  C  "C4'"  . DG  A 1 6  ? -1.651  11.866  -5.801  1.00 142.27 ? 6   DG  A "C4'"  1 
ATOM   165  O  "O4'"  . DG  A 1 6  ? -2.147  11.246  -7.012  1.00 141.34 ? 6   DG  A "O4'"  1 
ATOM   166  C  "C3'"  . DG  A 1 6  ? -2.869  12.296  -4.988  1.00 140.09 ? 6   DG  A "C3'"  1 
ATOM   167  O  "O3'"  . DG  A 1 6  ? -2.852  13.703  -4.771  1.00 150.93 ? 6   DG  A "O3'"  1 
ATOM   168  C  "C2'"  . DG  A 1 6  ? -4.091  11.858  -5.799  1.00 128.31 ? 6   DG  A "C2'"  1 
ATOM   169  C  "C1'"  . DG  A 1 6  ? -3.535  11.004  -6.927  1.00 133.80 ? 6   DG  A "C1'"  1 
ATOM   170  N  N9     . DG  A 1 6  ? -3.744  9.565   -6.762  1.00 123.05 ? 6   DG  A N9     1 
ATOM   171  C  C8     . DG  A 1 6  ? -2.788  8.625   -6.473  1.00 126.81 ? 6   DG  A C8     1 
ATOM   172  N  N7     . DG  A 1 6  ? -3.252  7.409   -6.418  1.00 125.78 ? 6   DG  A N7     1 
ATOM   173  C  C5     . DG  A 1 6  ? -4.603  7.546   -6.695  1.00 119.36 ? 6   DG  A C5     1 
ATOM   174  C  C6     . DG  A 1 6  ? -5.621  6.566   -6.775  1.00 112.00 ? 6   DG  A C6     1 
ATOM   175  O  O6     . DG  A 1 6  ? -5.523  5.341   -6.608  1.00 112.00 ? 6   DG  A O6     1 
ATOM   176  N  N1     . DG  A 1 6  ? -6.858  7.131   -7.082  1.00 112.00 ? 6   DG  A N1     1 
ATOM   177  C  C2     . DG  A 1 6  ? -7.081  8.473   -7.286  1.00 112.00 ? 6   DG  A C2     1 
ATOM   178  N  N2     . DG  A 1 6  ? -8.340  8.829   -7.574  1.00 112.00 ? 6   DG  A N2     1 
ATOM   179  N  N3     . DG  A 1 6  ? -6.135  9.403   -7.216  1.00 115.13 ? 6   DG  A N3     1 
ATOM   180  C  C4     . DG  A 1 6  ? -4.924  8.869   -6.917  1.00 117.71 ? 6   DG  A C4     1 
ATOM   181  H  "H5'"  . DG  A 1 6  ? -0.160  11.397  -4.472  1.00 169.96 ? 6   DG  A "H5'"  1 
ATOM   182  H  "H5''" . DG  A 1 6  ? -1.263  10.268  -4.574  1.00 169.96 ? 6   DG  A "H5''" 1 
ATOM   183  H  "H4'"  . DG  A 1 6  ? -1.145  12.657  -6.044  1.00 171.07 ? 6   DG  A "H4'"  1 
ATOM   184  H  "H3'"  . DG  A 1 6  ? -2.865  11.837  -4.134  1.00 168.45 ? 6   DG  A "H3'"  1 
ATOM   185  H  "H2'"  . DG  A 1 6  ? -4.691  11.334  -5.246  1.00 154.31 ? 6   DG  A "H2'"  1 
ATOM   186  H  "H2''" . DG  A 1 6  ? -4.551  12.632  -6.159  1.00 154.31 ? 6   DG  A "H2''" 1 
ATOM   187  H  "H1'"  . DG  A 1 6  ? -3.950  11.282  -7.759  1.00 160.91 ? 6   DG  A "H1'"  1 
ATOM   188  H  H8     . DG  A 1 6  ? -1.893  8.837   -6.331  1.00 152.51 ? 6   DG  A H8     1 
ATOM   189  H  H1     . DG  A 1 6  ? -7.532  6.600   -7.146  1.00 134.74 ? 6   DG  A H1     1 
ATOM   190  H  H21    . DG  A 1 6  ? -8.533  9.656   -7.712  1.00 134.74 ? 6   DG  A H21    1 
ATOM   191  H  H22    . DG  A 1 6  ? -8.956  8.231   -7.621  1.00 134.74 ? 6   DG  A H22    1 
ATOM   192  P  P      . DA  A 1 7  ? -3.547  14.311  -3.458  1.00 170.02 ? 7   DA  A P      1 
ATOM   193  O  OP1    . DA  A 1 7  ? -3.649  15.780  -3.629  1.00 146.25 ? 7   DA  A OP1    1 
ATOM   194  O  OP2    . DA  A 1 7  ? -2.839  13.749  -2.286  1.00 145.68 ? 7   DA  A OP2    1 
ATOM   195  O  "O5'"  . DA  A 1 7  ? -5.015  13.677  -3.481  1.00 135.64 ? 7   DA  A "O5'"  1 
ATOM   196  C  "C5'"  . DA  A 1 7  ? -6.008  14.199  -4.357  1.00 135.60 ? 7   DA  A "C5'"  1 
ATOM   197  C  "C4'"  . DA  A 1 7  ? -7.263  13.348  -4.309  1.00 128.26 ? 7   DA  A "C4'"  1 
ATOM   198  O  "O4'"  . DA  A 1 7  ? -6.944  11.988  -4.678  1.00 131.47 ? 7   DA  A "O4'"  1 
ATOM   199  C  "C3'"  . DA  A 1 7  ? -7.910  13.261  -2.924  1.00 139.10 ? 7   DA  A "C3'"  1 
ATOM   200  O  "O3'"  . DA  A 1 7  ? -9.120  14.013  -2.877  1.00 147.42 ? 7   DA  A "O3'"  1 
ATOM   201  C  "C2'"  . DA  A 1 7  ? -8.152  11.764  -2.689  1.00 130.40 ? 7   DA  A "C2'"  1 
ATOM   202  C  "C1'"  . DA  A 1 7  ? -7.843  11.122  -4.031  1.00 119.05 ? 7   DA  A "C1'"  1 
ATOM   203  N  N9     . DA  A 1 7  ? -7.235  9.796   -3.936  1.00 112.86 ? 7   DA  A N9     1 
ATOM   204  C  C8     . DA  A 1 7  ? -5.911  9.506   -3.759  1.00 115.59 ? 7   DA  A C8     1 
ATOM   205  N  N7     . DA  A 1 7  ? -5.649  8.220   -3.727  1.00 114.61 ? 7   DA  A N7     1 
ATOM   206  C  C5     . DA  A 1 7  ? -6.888  7.622   -3.898  1.00 113.58 ? 7   DA  A C5     1 
ATOM   207  C  C6     . DA  A 1 7  ? -7.294  6.271   -3.956  1.00 110.27 ? 7   DA  A C6     1 
ATOM   208  N  N6     . DA  A 1 7  ? -6.448  5.238   -3.848  1.00 110.27 ? 7   DA  A N6     1 
ATOM   209  N  N1     . DA  A 1 7  ? -8.608  6.022   -4.136  1.00 110.27 ? 7   DA  A N1     1 
ATOM   210  C  C2     . DA  A 1 7  ? -9.452  7.055   -4.248  1.00 110.27 ? 7   DA  A C2     1 
ATOM   211  N  N3     . DA  A 1 7  ? -9.190  8.361   -4.209  1.00 110.82 ? 7   DA  A N3     1 
ATOM   212  C  C4     . DA  A 1 7  ? -7.877  8.580   -4.031  1.00 112.94 ? 7   DA  A C4     1 
ATOM   213  H  "H5'"  . DA  A 1 7  ? -5.662  14.208  -5.263  1.00 163.07 ? 7   DA  A "H5'"  1 
ATOM   214  H  "H5''" . DA  A 1 7  ? -6.226  15.105  -4.088  1.00 163.07 ? 7   DA  A "H5''" 1 
ATOM   215  H  "H4'"  . DA  A 1 7  ? -7.910  13.703  -4.937  1.00 154.26 ? 7   DA  A "H4'"  1 
ATOM   216  H  "H3'"  . DA  A 1 7  ? -7.292  13.599  -2.256  1.00 167.26 ? 7   DA  A "H3'"  1 
ATOM   217  H  "H2'"  . DA  A 1 7  ? -7.552  11.426  -2.006  1.00 156.82 ? 7   DA  A "H2'"  1 
ATOM   218  H  "H2''" . DA  A 1 7  ? -9.076  11.603  -2.441  1.00 156.82 ? 7   DA  A "H2''" 1 
ATOM   219  H  "H1'"  . DA  A 1 7  ? -8.659  11.063  -4.552  1.00 143.21 ? 7   DA  A "H1'"  1 
ATOM   220  H  H8     . DA  A 1 7  ? -5.256  10.160  -3.671  1.00 139.06 ? 7   DA  A H8     1 
ATOM   221  H  H61    . DA  A 1 7  ? -6.746  4.433   -3.892  1.00 132.67 ? 7   DA  A H61    1 
ATOM   222  H  H62    . DA  A 1 7  ? -5.608  5.382   -3.733  1.00 132.67 ? 7   DA  A H62    1 
ATOM   223  H  H2     . DA  A 1 7  ? -10.346 6.829   -4.371  1.00 132.67 ? 7   DA  A H2     1 
ATOM   224  P  P      . DC  A 1 8  ? -9.894  14.204  -1.479  1.00 161.56 ? 8   DC  A P      1 
ATOM   225  O  OP1    . DC  A 1 8  ? -10.821 15.346  -1.624  1.00 141.37 ? 8   DC  A OP1    1 
ATOM   226  O  OP2    . DC  A 1 8  ? -8.874  14.223  -0.407  1.00 150.80 ? 8   DC  A OP2    1 
ATOM   227  O  "O5'"  . DC  A 1 8  ? -10.753 12.861  -1.323  1.00 117.34 ? 8   DC  A "O5'"  1 
ATOM   228  C  "C5'"  . DC  A 1 8  ? -11.821 12.590  -2.227  1.00 130.49 ? 8   DC  A "C5'"  1 
ATOM   229  C  "C4'"  . DC  A 1 8  ? -12.433 11.225  -1.959  1.00 124.51 ? 8   DC  A "C4'"  1 
ATOM   230  O  "O4'"  . DC  A 1 8  ? -11.433 10.191  -2.180  1.00 126.79 ? 8   DC  A "O4'"  1 
ATOM   231  C  "C3'"  . DC  A 1 8  ? -12.944 11.012  -0.521  1.00 119.17 ? 8   DC  A "C3'"  1 
ATOM   232  O  "O3'"  . DC  A 1 8  ? -14.302 10.546  -0.522  1.00 133.40 ? 8   DC  A "O3'"  1 
ATOM   233  C  "C2'"  . DC  A 1 8  ? -11.982 9.972   0.047   1.00 119.05 ? 8   DC  A "C2'"  1 
ATOM   234  C  "C1'"  . DC  A 1 8  ? -11.610 9.203   -1.199  1.00 115.14 ? 8   DC  A "C1'"  1 
ATOM   235  N  N1     . DC  A 1 8  ? -10.369 8.374   -1.083  1.00 107.19 ? 8   DC  A N1     1 
ATOM   236  C  C2     . DC  A 1 8  ? -10.473 6.979   -1.159  1.00 109.49 ? 8   DC  A C2     1 
ATOM   237  O  O2     . DC  A 1 8  ? -11.587 6.464   -1.314  1.00 104.77 ? 8   DC  A O2     1 
ATOM   238  N  N3     . DC  A 1 8  ? -9.352  6.228   -1.060  1.00 102.96 ? 8   DC  A N3     1 
ATOM   239  C  C4     . DC  A 1 8  ? -8.170  6.813   -0.891  1.00 108.25 ? 8   DC  A C4     1 
ATOM   240  N  N4     . DC  A 1 8  ? -7.095  6.023   -0.805  1.00 102.96 ? 8   DC  A N4     1 
ATOM   241  C  C5     . DC  A 1 8  ? -8.034  8.235   -0.813  1.00 109.16 ? 8   DC  A C5     1 
ATOM   242  C  C6     . DC  A 1 8  ? -9.150  8.970   -0.914  1.00 106.81 ? 8   DC  A C6     1 
ATOM   243  H  "H5'"  . DC  A 1 8  ? -11.482 12.613  -3.136  1.00 156.93 ? 8   DC  A "H5'"  1 
ATOM   244  H  "H5''" . DC  A 1 8  ? -12.505 13.270  -2.126  1.00 156.93 ? 8   DC  A "H5''" 1 
ATOM   245  H  "H4'"  . DC  A 1 8  ? -13.169 11.085  -2.575  1.00 149.76 ? 8   DC  A "H4'"  1 
ATOM   246  H  "H3'"  . DC  A 1 8  ? -12.875 11.839  -0.018  1.00 143.35 ? 8   DC  A "H3'"  1 
ATOM   247  H  "H2'"  . DC  A 1 8  ? -11.203 10.397  0.439   1.00 143.21 ? 8   DC  A "H2'"  1 
ATOM   248  H  "H2''" . DC  A 1 8  ? -12.429 9.399   0.688   1.00 143.21 ? 8   DC  A "H2''" 1 
ATOM   249  H  "H1'"  . DC  A 1 8  ? -12.351 8.631   -1.453  1.00 138.51 ? 8   DC  A "H1'"  1 
ATOM   250  H  H41    . DC  A 1 8  ? -6.314  6.368   -0.696  1.00 123.90 ? 8   DC  A H41    1 
ATOM   251  H  H42    . DC  A 1 8  ? -7.183  5.169   -0.857  1.00 123.90 ? 8   DC  A H42    1 
ATOM   252  H  H5     . DC  A 1 8  ? -7.203  8.635   -0.697  1.00 131.34 ? 8   DC  A H5     1 
ATOM   253  H  H6     . DC  A 1 8  ? -9.096  9.897   -0.866  1.00 128.52 ? 8   DC  A H6     1 
ATOM   254  P  P      . DC  A 1 9  ? -15.099 10.346  0.864   1.00 146.45 ? 9   DC  A P      1 
ATOM   255  O  OP1    . DC  A 1 9  ? -16.480 10.843  0.665   1.00 144.69 ? 9   DC  A OP1    1 
ATOM   256  O  OP2    . DC  A 1 9  ? -14.259 10.909  1.946   1.00 137.69 ? 9   DC  A OP2    1 
ATOM   257  O  "O5'"  . DC  A 1 9  ? -15.160 8.755   1.074   1.00 124.05 ? 9   DC  A "O5'"  1 
ATOM   258  C  "C5'"  . DC  A 1 9  ? -14.759 7.869   0.030   1.00 115.32 ? 9   DC  A "C5'"  1 
ATOM   259  C  "C4'"  . DC  A 1 9  ? -15.456 6.519   0.143   1.00 126.28 ? 9   DC  A "C4'"  1 
ATOM   260  O  "O4'"  . DC  A 1 9  ? -14.456 5.467   0.058   1.00 136.89 ? 9   DC  A "O4'"  1 
ATOM   261  C  "C3'"  . DC  A 1 9  ? -16.197 6.258   1.451   1.00 129.87 ? 9   DC  A "C3'"  1 
ATOM   262  O  "O3'"  . DC  A 1 9  ? -17.299 5.363   1.254   1.00 134.43 ? 9   DC  A "O3'"  1 
ATOM   263  C  "C2'"  . DC  A 1 9  ? -15.110 5.656   2.327   1.00 123.35 ? 9   DC  A "C2'"  1 
ATOM   264  C  "C1'"  . DC  A 1 9  ? -14.275 4.857   1.329   1.00 121.73 ? 9   DC  A "C1'"  1 
ATOM   265  N  N1     . DC  A 1 9  ? -12.809 4.831   1.658   1.00 109.08 ? 9   DC  A N1     1 
ATOM   266  C  C2     . DC  A 1 9  ? -12.198 3.622   2.021   1.00 102.12 ? 9   DC  A C2     1 
ATOM   267  O  O2     . DC  A 1 9  ? -12.876 2.587   2.059   1.00 104.04 ? 9   DC  A O2     1 
ATOM   268  N  N3     . DC  A 1 9  ? -10.872 3.619   2.319   1.00 97.97  ? 9   DC  A N3     1 
ATOM   269  C  C4     . DC  A 1 9  ? -10.171 4.755   2.269   1.00 97.97  ? 9   DC  A C4     1 
ATOM   270  N  N4     . DC  A 1 9  ? -8.869  4.706   2.575   1.00 97.97  ? 9   DC  A N4     1 
ATOM   271  C  C5     . DC  A 1 9  ? -10.777 5.995   1.908   1.00 101.18 ? 9   DC  A C5     1 
ATOM   272  C  C6     . DC  A 1 9  ? -12.084 5.987   1.615   1.00 103.46 ? 9   DC  A C6     1 
ATOM   273  H  "H5'"  . DC  A 1 9  ? -13.800 7.736   0.081   1.00 138.73 ? 9   DC  A "H5'"  1 
ATOM   274  H  "H5''" . DC  A 1 9  ? -14.978 8.269   -0.825  1.00 138.73 ? 9   DC  A "H5''" 1 
ATOM   275  H  "H4'"  . DC  A 1 9  ? -16.078 6.422   -0.596  1.00 151.88 ? 9   DC  A "H4'"  1 
ATOM   276  H  "H3'"  . DC  A 1 9  ? -16.507 7.094   1.832   1.00 156.19 ? 9   DC  A "H3'"  1 
ATOM   277  H  "H2'"  . DC  A 1 9  ? -14.576 6.354   2.739   1.00 148.37 ? 9   DC  A "H2'"  1 
ATOM   278  H  "H2''" . DC  A 1 9  ? -15.494 5.072   2.999   1.00 148.37 ? 9   DC  A "H2''" 1 
ATOM   279  H  "H1'"  . DC  A 1 9  ? -14.608 3.947   1.294   1.00 146.42 ? 9   DC  A "H1'"  1 
ATOM   280  H  H41    . DC  A 1 9  ? -8.394  5.423   2.551   1.00 117.91 ? 9   DC  A H41    1 
ATOM   281  H  H42    . DC  A 1 9  ? -8.507  3.958   2.797   1.00 117.91 ? 9   DC  A H42    1 
ATOM   282  H  H5     . DC  A 1 9  ? -10.281 6.781   1.876   1.00 121.76 ? 9   DC  A H5     1 
ATOM   283  H  H6     . DC  A 1 9  ? -12.504 6.782   1.375   1.00 124.50 ? 9   DC  A H6     1 
ATOM   284  P  P      . DT  A 1 10 ? -18.206 4.896   2.500   1.00 142.81 ? 10  DT  A P      1 
ATOM   285  O  OP1    . DT  A 1 10 ? -19.500 4.397   1.983   1.00 147.59 ? 10  DT  A OP1    1 
ATOM   286  O  OP2    . DT  A 1 10 ? -18.184 5.972   3.514   1.00 141.15 ? 10  DT  A OP2    1 
ATOM   287  O  "O5'"  . DT  A 1 10 ? -17.417 3.642   3.089   1.00 128.23 ? 10  DT  A "O5'"  1 
ATOM   288  C  "C5'"  . DT  A 1 10 ? -17.103 2.553   2.242   1.00 121.02 ? 10  DT  A "C5'"  1 
ATOM   289  C  "C4'"  . DT  A 1 10 ? -16.614 1.372   3.049   1.00 125.56 ? 10  DT  A "C4'"  1 
ATOM   290  O  "O4'"  . DT  A 1 10 ? -15.205 1.525   3.318   1.00 117.35 ? 10  DT  A "O4'"  1 
ATOM   291  C  "C3'"  . DT  A 1 10 ? -17.286 1.204   4.419   1.00 139.83 ? 10  DT  A "C3'"  1 
ATOM   292  O  "O3'"  . DT  A 1 10 ? -18.069 0.021   4.438   1.00 152.41 ? 10  DT  A "O3'"  1 
ATOM   293  C  "C2'"  . DT  A 1 10 ? -16.116 1.162   5.421   1.00 128.80 ? 10  DT  A "C2'"  1 
ATOM   294  C  "C1'"  . DT  A 1 10 ? -14.924 0.872   4.526   1.00 125.11 ? 10  DT  A "C1'"  1 
ATOM   295  N  N1     . DT  A 1 10 ? -13.595 1.352   5.022   1.00 111.09 ? 10  DT  A N1     1 
ATOM   296  C  C2     . DT  A 1 10 ? -12.675 0.427   5.450   1.00 105.51 ? 10  DT  A C2     1 
ATOM   297  O  O2     . DT  A 1 10 ? -12.903 -0.769  5.489   1.00 114.06 ? 10  DT  A O2     1 
ATOM   298  N  N3     . DT  A 1 10 ? -11.475 0.948   5.846   1.00 95.02  ? 10  DT  A N3     1 
ATOM   299  C  C4     . DT  A 1 10 ? -11.105 2.277   5.845   1.00 95.02  ? 10  DT  A C4     1 
ATOM   300  O  O4     . DT  A 1 10 ? -9.999  2.652   6.224   1.00 95.02  ? 10  DT  A O4     1 
ATOM   301  C  C5     . DT  A 1 10 ? -12.104 3.197   5.371   1.00 97.84  ? 10  DT  A C5     1 
ATOM   302  C  C7     . DT  A 1 10 ? -11.802 4.662   5.332   1.00 95.02  ? 10  DT  A C7     1 
ATOM   303  C  C6     . DT  A 1 10 ? -13.290 2.700   4.978   1.00 110.41 ? 10  DT  A C6     1 
ATOM   304  H  "H5'"  . DT  A 1 10 ? -16.412 2.822   1.618   1.00 145.57 ? 10  DT  A "H5'"  1 
ATOM   305  H  "H5''" . DT  A 1 10 ? -17.896 2.295   1.748   1.00 145.57 ? 10  DT  A "H5''" 1 
ATOM   306  H  "H4'"  . DT  A 1 10 ? -16.748 0.562   2.531   1.00 151.02 ? 10  DT  A "H4'"  1 
ATOM   307  H  "H3'"  . DT  A 1 10 ? -17.848 1.972   4.604   1.00 168.14 ? 10  DT  A "H3'"  1 
ATOM   308  H  "H2'"  . DT  A 1 10 ? -16.012 2.018   5.865   1.00 154.91 ? 10  DT  A "H2'"  1 
ATOM   309  H  "H2''" . DT  A 1 10 ? -16.242 0.450   6.067   1.00 154.91 ? 10  DT  A "H2''" 1 
ATOM   310  H  "H1'"  . DT  A 1 10 ? -14.874 -0.084  4.366   1.00 150.48 ? 10  DT  A "H1'"  1 
ATOM   311  H  H3     . DT  A 1 10 ? -10.888 0.387   6.128   1.00 114.37 ? 10  DT  A H3     1 
ATOM   312  H  H71    . DT  A 1 10 ? -11.876 4.983   4.420   1.00 114.37 ? 10  DT  A H71    1 
ATOM   313  H  H72    . DT  A 1 10 ? -12.434 5.137   5.895   1.00 114.37 ? 10  DT  A H72    1 
ATOM   314  H  H73    . DT  A 1 10 ? -10.901 4.815   5.658   1.00 114.37 ? 10  DT  A H73    1 
ATOM   315  H  H6     . DT  A 1 10 ? -13.937 3.291   4.668   1.00 132.83 ? 10  DT  A H6     1 
ATOM   316  P  P      . DG  A 1 11 ? -19.227 -0.172  5.535   1.00 168.69 ? 11  DG  A P      1 
ATOM   317  O  OP1    . DG  A 1 11 ? -20.271 -1.024  4.921   1.00 160.94 ? 11  DG  A OP1    1 
ATOM   318  O  OP2    . DG  A 1 11 ? -19.585 1.160   6.079   1.00 149.18 ? 11  DG  A OP2    1 
ATOM   319  O  "O5'"  . DG  A 1 11 ? -18.502 -1.008  6.686   1.00 151.72 ? 11  DG  A "O5'"  1 
ATOM   320  C  "C5'"  . DG  A 1 11 ? -17.737 -2.167  6.349   1.00 134.23 ? 11  DG  A "C5'"  1 
ATOM   321  C  "C4'"  . DG  A 1 11 ? -16.963 -2.668  7.550   1.00 127.98 ? 11  DG  A "C4'"  1 
ATOM   322  O  "O4'"  . DG  A 1 11 ? -15.684 -1.977  7.621   1.00 119.84 ? 11  DG  A "O4'"  1 
ATOM   323  C  "C3'"  . DG  A 1 11 ? -17.660 -2.432  8.894   1.00 121.15 ? 11  DG  A "C3'"  1 
ATOM   324  O  "O3'"  . DG  A 1 11 ? -17.700 -3.638  9.651   1.00 107.50 ? 11  DG  A "O3'"  1 
ATOM   325  C  "C2'"  . DG  A 1 11 ? -16.819 -1.339  9.551   1.00 111.17 ? 11  DG  A "C2'"  1 
ATOM   326  C  "C1'"  . DG  A 1 11 ? -15.448 -1.554  8.940   1.00 95.38  ? 11  DG  A "C1'"  1 
ATOM   327  N  N9     . DG  A 1 11 ? -14.610 -0.354  8.917   1.00 95.38  ? 11  DG  A N9     1 
ATOM   328  C  C8     . DG  A 1 11 ? -14.997 0.930   8.607   1.00 108.63 ? 11  DG  A C8     1 
ATOM   329  N  N7     . DG  A 1 11 ? -14.024 1.796   8.676   1.00 97.61  ? 11  DG  A N7     1 
ATOM   330  C  C5     . DG  A 1 11 ? -12.923 1.039   9.051   1.00 95.38  ? 11  DG  A C5     1 
ATOM   331  C  C6     . DG  A 1 11 ? -11.583 1.431   9.279   1.00 95.38  ? 11  DG  A C6     1 
ATOM   332  O  O6     . DG  A 1 11 ? -11.088 2.560   9.194   1.00 95.38  ? 11  DG  A O6     1 
ATOM   333  N  N1     . DG  A 1 11 ? -10.788 0.353   9.644   1.00 95.38  ? 11  DG  A N1     1 
ATOM   334  C  C2     . DG  A 1 11 ? -11.225 -0.938  9.775   1.00 95.38  ? 11  DG  A C2     1 
ATOM   335  N  N2     . DG  A 1 11 ? -10.304 -1.839  10.137  1.00 95.38  ? 11  DG  A N2     1 
ATOM   336  N  N3     . DG  A 1 11 ? -12.476 -1.323  9.565   1.00 95.38  ? 11  DG  A N3     1 
ATOM   337  C  C4     . DG  A 1 11 ? -13.267 -0.285  9.206   1.00 95.38  ? 11  DG  A C4     1 
ATOM   338  H  "H5'"  . DG  A 1 11 ? -17.114 -1.943  5.640   1.00 161.42 ? 11  DG  A "H5'"  1 
ATOM   339  H  "H5''" . DG  A 1 11 ? -18.334 -2.866  6.040   1.00 161.42 ? 11  DG  A "H5''" 1 
ATOM   340  H  "H4'"  . DG  A 1 11 ? -16.800 -3.618  7.445   1.00 153.92 ? 11  DG  A "H4'"  1 
ATOM   341  H  "H3'"  . DG  A 1 11 ? -18.562 -2.108  8.743   1.00 145.73 ? 11  DG  A "H3'"  1 
ATOM   342  H  "H2'"  . DG  A 1 11 ? -17.162 -0.460  9.325   1.00 133.75 ? 11  DG  A "H2'"  1 
ATOM   343  H  "H2''" . DG  A 1 11 ? -16.789 -1.461  10.513  1.00 133.75 ? 11  DG  A "H2''" 1 
ATOM   344  H  "H1'"  . DG  A 1 11 ? -14.988 -2.258  9.424   1.00 114.80 ? 11  DG  A "H1'"  1 
ATOM   345  H  H8     . DG  A 1 11 ? -15.867 1.158   8.374   1.00 130.71 ? 11  DG  A H8     1 
ATOM   346  H  H1     . DG  A 1 11 ? -9.958  0.509   9.804   1.00 114.80 ? 11  DG  A H1     1 
ATOM   347  H  H21    . DG  A 1 11 ? -10.524 -2.664  10.232  1.00 114.80 ? 11  DG  A H21    1 
ATOM   348  H  H22    . DG  A 1 11 ? -9.492  -1.591  10.274  1.00 114.80 ? 11  DG  A H22    1 
ATOM   349  P  P      . DA  A 1 12 ? -18.259 -3.656  11.159  1.00 136.17 ? 12  DA  A P      1 
ATOM   350  O  OP1    . DA  A 1 12 ? -19.248 -4.754  11.231  1.00 128.40 ? 12  DA  A OP1    1 
ATOM   351  O  OP2    . DA  A 1 12 ? -18.651 -2.286  11.565  1.00 114.44 ? 12  DA  A OP2    1 
ATOM   352  O  "O5'"  . DA  A 1 12 ? -16.972 -4.058  12.014  1.00 120.82 ? 12  DA  A "O5'"  1 
ATOM   353  C  "C5'"  . DA  A 1 12 ? -15.930 -4.805  11.398  1.00 113.30 ? 12  DA  A "C5'"  1 
ATOM   354  C  "C4'"  . DA  A 1 12 ? -14.962 -5.346  12.432  1.00 97.60  ? 12  DA  A "C4'"  1 
ATOM   355  O  "O4'"  . DA  A 1 12 ? -13.815 -4.472  12.521  1.00 108.32 ? 12  DA  A "O4'"  1 
ATOM   356  C  "C3'"  . DA  A 1 12 ? -15.505 -5.423  13.846  1.00 116.00 ? 12  DA  A "C3'"  1 
ATOM   357  O  "O3'"  . DA  A 1 12 ? -14.864 -6.455  14.579  1.00 114.58 ? 12  DA  A "O3'"  1 
ATOM   358  C  "C2'"  . DA  A 1 12 ? -15.198 -4.037  14.405  1.00 102.85 ? 12  DA  A "C2'"  1 
ATOM   359  C  "C1'"  . DA  A 1 12 ? -13.941 -3.610  13.637  1.00 96.47  ? 12  DA  A "C1'"  1 
ATOM   360  N  N9     . DA  A 1 12 ? -13.980 -2.234  13.152  1.00 96.47  ? 12  DA  A N9     1 
ATOM   361  C  C8     . DA  A 1 12 ? -15.034 -1.595  12.560  1.00 108.48 ? 12  DA  A C8     1 
ATOM   362  N  N7     . DA  A 1 12 ? -14.777 -0.353  12.220  1.00 96.47  ? 12  DA  A N7     1 
ATOM   363  C  C5     . DA  A 1 12 ? -13.463 -0.167  12.612  1.00 96.47  ? 12  DA  A C5     1 
ATOM   364  C  C6     . DA  A 1 12 ? -12.594 0.939   12.530  1.00 98.15  ? 12  DA  A C6     1 
ATOM   365  N  N6     . DA  A 1 12 ? -12.944 2.115   11.998  1.00 102.25 ? 12  DA  A N6     1 
ATOM   366  N  N1     . DA  A 1 12 ? -11.344 0.790   13.017  1.00 96.47  ? 12  DA  A N1     1 
ATOM   367  C  C2     . DA  A 1 12 ? -10.995 -0.388  13.546  1.00 107.74 ? 12  DA  A C2     1 
ATOM   368  N  N3     . DA  A 1 12 ? -11.721 -1.497  13.679  1.00 96.47  ? 12  DA  A N3     1 
ATOM   369  C  C4     . DA  A 1 12 ? -12.956 -1.317  13.187  1.00 96.47  ? 12  DA  A C4     1 
ATOM   370  H  "H5'"  . DA  A 1 12 ? -15.449 -4.230  10.782  1.00 136.30 ? 12  DA  A "H5'"  1 
ATOM   371  H  "H5''" . DA  A 1 12 ? -16.318 -5.544  10.906  1.00 136.30 ? 12  DA  A "H5''" 1 
ATOM   372  H  "H4'"  . DA  A 1 12 ? -14.668 -6.229  12.158  1.00 117.46 ? 12  DA  A "H4'"  1 
ATOM   373  H  "H3'"  . DA  A 1 12 ? -16.463 -5.570  13.827  1.00 139.54 ? 12  DA  A "H3'"  1 
ATOM   374  H  "HO3'" . DA  A 1 12 ? -14.438 -6.271  15.279  1.00 137.84 ? 12  DA  A "HO3'" 1 
ATOM   375  H  "H2'"  . DA  A 1 12 ? -15.931 -3.427  14.227  1.00 123.76 ? 12  DA  A "H2'"  1 
ATOM   376  H  "H2''" . DA  A 1 12 ? -15.017 -4.086  15.357  1.00 123.76 ? 12  DA  A "H2''" 1 
ATOM   377  H  "H1'"  . DA  A 1 12 ? -13.167 -3.722  14.212  1.00 116.11 ? 12  DA  A "H1'"  1 
ATOM   378  H  H8     . DA  A 1 12 ? -15.857 -2.001  12.415  1.00 130.52 ? 12  DA  A H8     1 
ATOM   379  H  H61    . DA  A 1 12 ? -12.376 2.761   11.971  1.00 123.05 ? 12  DA  A H61    1 
ATOM   380  H  H62    . DA  A 1 12 ? -13.736 2.225   11.684  1.00 123.05 ? 12  DA  A H62    1 
ATOM   381  H  H2     . DA  A 1 12 ? -10.124 -0.441  13.867  1.00 129.63 ? 12  DA  A H2     1 
ATOM   382  P  P      . DC  B 2 1  ? 5.924   -9.940  23.442  1.00 125.71 ? 12  DC  B P      1 
ATOM   383  O  OP1    . DC  B 2 1  ? 4.729   -10.724 23.824  1.00 116.38 ? 12  DC  B OP1    1 
ATOM   384  O  OP2    . DC  B 2 1  ? 6.416   -8.867  24.338  1.00 125.36 ? 12  DC  B OP2    1 
ATOM   385  O  "O5'"  . DC  B 2 1  ? 5.702   -9.322  21.981  1.00 100.38 ? 12  DC  B "O5'"  1 
ATOM   386  C  "C5'"  . DC  B 2 1  ? 5.175   -10.132 20.933  1.00 85.52  ? 12  DC  B "C5'"  1 
ATOM   387  C  "C4'"  . DC  B 2 1  ? 6.251   -11.026 20.330  1.00 110.76 ? 12  DC  B "C4'"  1 
ATOM   388  O  "O4'"  . DC  B 2 1  ? 5.633   -11.989 19.428  1.00 98.63  ? 12  DC  B "O4'"  1 
ATOM   389  C  "C3'"  . DC  B 2 1  ? 7.296   -10.298 19.489  1.00 122.07 ? 12  DC  B "C3'"  1 
ATOM   390  O  "O3'"  . DC  B 2 1  ? 8.573   -10.927 19.592  1.00 126.67 ? 12  DC  B "O3'"  1 
ATOM   391  C  "C2'"  . DC  B 2 1  ? 6.727   -10.400 18.088  1.00 107.88 ? 12  DC  B "C2'"  1 
ATOM   392  C  "C1'"  . DC  B 2 1  ? 6.098   -11.782 18.104  1.00 86.04  ? 12  DC  B "C1'"  1 
ATOM   393  N  N1     . DC  B 2 1  ? 4.959   -11.922 17.170  1.00 85.52  ? 12  DC  B N1     1 
ATOM   394  C  C2     . DC  B 2 1  ? 3.799   -11.179 17.385  1.00 89.78  ? 12  DC  B C2     1 
ATOM   395  O  O2     . DC  B 2 1  ? 3.740   -10.424 18.361  1.00 114.94 ? 12  DC  B O2     1 
ATOM   396  N  N3     . DC  B 2 1  ? 2.767   -11.310 16.522  1.00 86.72  ? 12  DC  B N3     1 
ATOM   397  C  C4     . DC  B 2 1  ? 2.869   -12.136 15.482  1.00 96.83  ? 12  DC  B C4     1 
ATOM   398  N  N4     . DC  B 2 1  ? 1.824   -12.231 14.659  1.00 97.40  ? 12  DC  B N4     1 
ATOM   399  C  C5     . DC  B 2 1  ? 4.046   -12.901 15.243  1.00 96.00  ? 12  DC  B C5     1 
ATOM   400  C  C6     . DC  B 2 1  ? 5.058   -12.763 16.103  1.00 95.37  ? 12  DC  B C6     1 
ATOM   401  H  "H5'"  . DC  B 2 1  ? 4.813   -9.558  20.240  1.00 102.97 ? 12  DC  B "H5'"  1 
ATOM   402  H  "H5''" . DC  B 2 1  ? 4.464   -10.687 21.288  1.00 102.97 ? 12  DC  B "H5''" 1 
ATOM   403  H  "H4'"  . DC  B 2 1  ? 6.699   -11.505 21.044  1.00 133.26 ? 12  DC  B "H4'"  1 
ATOM   404  H  "H3'"  . DC  B 2 1  ? 7.356   -9.369  19.759  1.00 146.83 ? 12  DC  B "H3'"  1 
ATOM   405  H  "H2'"  . DC  B 2 1  ? 6.056   -9.716  17.937  1.00 129.80 ? 12  DC  B "H2'"  1 
ATOM   406  H  "H2''" . DC  B 2 1  ? 7.433   -10.349 17.424  1.00 129.80 ? 12  DC  B "H2''" 1 
ATOM   407  H  "H1'"  . DC  B 2 1  ? 6.772   -12.446 17.892  1.00 103.59 ? 12  DC  B "H1'"  1 
ATOM   408  H  H41    . DC  B 2 1  ? 1.859   -12.754 13.978  1.00 117.23 ? 12  DC  B H41    1 
ATOM   409  H  H42    . DC  B 2 1  ? 1.114   -11.768 14.810  1.00 117.23 ? 12  DC  B H42    1 
ATOM   410  H  H5     . DC  B 2 1  ? 4.107   -13.475 14.515  1.00 115.55 ? 12  DC  B H5     1 
ATOM   411  H  H6     . DC  B 2 1  ? 5.839   -13.249 15.972  1.00 114.79 ? 12  DC  B H6     1 
ATOM   412  P  P      . DG  B 2 2  ? 9.840   -10.303 18.822  1.00 137.28 ? 13  DG  B P      1 
ATOM   413  O  OP1    . DG  B 2 2  ? 11.022  -10.447 19.702  1.00 125.56 ? 13  DG  B OP1    1 
ATOM   414  O  OP2    . DG  B 2 2  ? 9.432   -8.968  18.328  1.00 111.33 ? 13  DG  B OP2    1 
ATOM   415  O  "O5'"  . DG  B 2 2  ? 10.021  -11.234 17.534  1.00 91.06  ? 13  DG  B "O5'"  1 
ATOM   416  C  "C5'"  . DG  B 2 2  ? 10.615  -12.519 17.657  1.00 107.97 ? 13  DG  B "C5'"  1 
ATOM   417  C  "C4'"  . DG  B 2 2  ? 10.777  -13.177 16.292  1.00 121.00 ? 13  DG  B "C4'"  1 
ATOM   418  O  "O4'"  . DG  B 2 2  ? 9.467   -13.287 15.653  1.00 98.43  ? 13  DG  B "O4'"  1 
ATOM   419  C  "C3'"  . DG  B 2 2  ? 11.660  -12.408 15.301  1.00 120.71 ? 13  DG  B "C3'"  1 
ATOM   420  O  "O3'"  . DG  B 2 2  ? 12.455  -13.301 14.500  1.00 123.97 ? 13  DG  B "O3'"  1 
ATOM   421  C  "C2'"  . DG  B 2 2  ? 10.639  -11.644 14.476  1.00 109.12 ? 13  DG  B "C2'"  1 
ATOM   422  C  "C1'"  . DG  B 2 2  ? 9.500   -12.645 14.392  1.00 102.76 ? 13  DG  B "C1'"  1 
ATOM   423  N  N9     . DG  B 2 2  ? 8.200   -12.036 14.119  1.00 101.63 ? 13  DG  B N9     1 
ATOM   424  C  C8     . DG  B 2 2  ? 7.583   -11.047 14.841  1.00 84.98  ? 13  DG  B C8     1 
ATOM   425  N  N7     . DG  B 2 2  ? 6.427   -10.689 14.350  1.00 83.61  ? 13  DG  B N7     1 
ATOM   426  C  C5     . DG  B 2 2  ? 6.271   -11.490 13.226  1.00 100.67 ? 13  DG  B C5     1 
ATOM   427  C  C6     . DG  B 2 2  ? 5.207   -11.556 12.288  1.00 104.64 ? 13  DG  B C6     1 
ATOM   428  O  O6     . DG  B 2 2  ? 4.159   -10.888 12.265  1.00 99.62  ? 13  DG  B O6     1 
ATOM   429  N  N1     . DG  B 2 2  ? 5.452   -12.509 11.294  1.00 103.51 ? 13  DG  B N1     1 
ATOM   430  C  C2     . DG  B 2 2  ? 6.582   -13.302 11.226  1.00 113.08 ? 13  DG  B C2     1 
ATOM   431  N  N2     . DG  B 2 2  ? 6.654   -14.173 10.203  1.00 117.09 ? 13  DG  B N2     1 
ATOM   432  N  N3     . DG  B 2 2  ? 7.578   -13.246 12.101  1.00 118.02 ? 13  DG  B N3     1 
ATOM   433  C  C4     . DG  B 2 2  ? 7.356   -12.325 13.070  1.00 111.97 ? 13  DG  B C4     1 
ATOM   434  H  "H5'"  . DG  B 2 2  ? 10.054  -13.078 18.217  1.00 129.91 ? 13  DG  B "H5'"  1 
ATOM   435  H  "H5''" . DG  B 2 2  ? 11.487  -12.428 18.072  1.00 129.91 ? 13  DG  B "H5''" 1 
ATOM   436  H  "H4'"  . DG  B 2 2  ? 11.142  -14.068 16.414  1.00 145.55 ? 13  DG  B "H4'"  1 
ATOM   437  H  "H3'"  . DG  B 2 2  ? 12.232  -11.787 15.778  1.00 145.20 ? 13  DG  B "H3'"  1 
ATOM   438  H  "H2'"  . DG  B 2 2  ? 10.358  -10.837 14.932  1.00 131.29 ? 13  DG  B "H2'"  1 
ATOM   439  H  "H2''" . DG  B 2 2  ? 10.988  -11.444 13.593  1.00 131.29 ? 13  DG  B "H2''" 1 
ATOM   440  H  "H1'"  . DG  B 2 2  ? 9.697   -13.300 13.705  1.00 123.66 ? 13  DG  B "H1'"  1 
ATOM   441  H  H8     . DG  B 2 2  ? 7.950   -10.672 15.608  1.00 102.33 ? 13  DG  B H8     1 
ATOM   442  H  H1     . DG  B 2 2  ? 4.855   -12.612 10.684  1.00 124.56 ? 13  DG  B H1     1 
ATOM   443  H  H21    . DG  B 2 2  ? 7.341   -14.685 10.122  1.00 140.86 ? 13  DG  B H21    1 
ATOM   444  H  H22    . DG  B 2 2  ? 6.014   -14.218 9.629   1.00 140.86 ? 13  DG  B H22    1 
ATOM   445  P  P      . DA  B 2 3  ? 13.536  -12.722 13.454  1.00 112.15 ? 14  DA  B P      1 
ATOM   446  O  OP1    . DA  B 2 3  ? 14.872  -13.199 13.878  1.00 117.43 ? 14  DA  B OP1    1 
ATOM   447  O  OP2    . DA  B 2 3  ? 13.296  -11.271 13.299  1.00 120.25 ? 14  DA  B OP2    1 
ATOM   448  O  "O5'"  . DA  B 2 3  ? 13.153  -13.431 12.069  1.00 87.24  ? 14  DA  B "O5'"  1 
ATOM   449  C  "C5'"  . DA  B 2 3  ? 11.792  -13.729 11.789  1.00 102.20 ? 14  DA  B "C5'"  1 
ATOM   450  C  "C4'"  . DA  B 2 3  ? 11.576  -14.061 10.322  1.00 107.83 ? 14  DA  B "C4'"  1 
ATOM   451  O  "O4'"  . DA  B 2 3  ? 10.229  -13.675 9.953   1.00 109.46 ? 14  DA  B "O4'"  1 
ATOM   452  C  "C3'"  . DA  B 2 3  ? 12.471  -13.317 9.345   1.00 111.92 ? 14  DA  B "C3'"  1 
ATOM   453  O  "O3'"  . DA  B 2 3  ? 12.613  -14.033 8.112   1.00 118.86 ? 14  DA  B "O3'"  1 
ATOM   454  C  "C2'"  . DA  B 2 3  ? 11.725  -12.004 9.169   1.00 107.46 ? 14  DA  B "C2'"  1 
ATOM   455  C  "C1'"  . DA  B 2 3  ? 10.255  -12.424 9.281   1.00 112.12 ? 14  DA  B "C1'"  1 
ATOM   456  N  N9     . DA  B 2 3  ? 9.422   -11.463 10.010  1.00 107.79 ? 14  DA  B N9     1 
ATOM   457  C  C8     . DA  B 2 3  ? 9.690   -10.869 11.215  1.00 106.48 ? 14  DA  B C8     1 
ATOM   458  N  N7     . DA  B 2 3  ? 8.757   -10.033 11.614  1.00 111.10 ? 14  DA  B N7     1 
ATOM   459  C  C5     . DA  B 2 3  ? 7.814   -10.080 10.599  1.00 106.15 ? 14  DA  B C5     1 
ATOM   460  C  C6     . DA  B 2 3  ? 6.580   -9.422  10.413  1.00 98.60  ? 14  DA  B C6     1 
ATOM   461  N  N6     . DA  B 2 3  ? 6.065   -8.553  11.292  1.00 89.02  ? 14  DA  B N6     1 
ATOM   462  N  N1     . DA  B 2 3  ? 5.888   -9.699  9.289   1.00 97.43  ? 14  DA  B N1     1 
ATOM   463  C  C2     . DA  B 2 3  ? 6.399   -10.571 8.413   1.00 92.22  ? 14  DA  B C2     1 
ATOM   464  N  N3     . DA  B 2 3  ? 7.545   -11.244 8.476   1.00 93.23  ? 14  DA  B N3     1 
ATOM   465  C  C4     . DA  B 2 3  ? 8.211   -10.953 9.603   1.00 104.82 ? 14  DA  B C4     1 
ATOM   466  H  "H5'"  . DA  B 2 3  ? 11.247  -12.961 12.021  1.00 122.99 ? 14  DA  B "H5'"  1 
ATOM   467  H  "H5''" . DA  B 2 3  ? 11.518  -14.486 12.328  1.00 122.99 ? 14  DA  B "H5''" 1 
ATOM   468  H  "H4'"  . DA  B 2 3  ? 11.683  -15.018 10.190  1.00 129.74 ? 14  DA  B "H4'"  1 
ATOM   469  H  "H3'"  . DA  B 2 3  ? 13.341  -13.156 9.744   1.00 134.65 ? 14  DA  B "H3'"  1 
ATOM   470  H  "H2'"  . DA  B 2 3  ? 11.957  -11.381 9.876   1.00 129.30 ? 14  DA  B "H2'"  1 
ATOM   471  H  "H2''" . DA  B 2 3  ? 11.906  -11.621 8.298   1.00 129.30 ? 14  DA  B "H2''" 1 
ATOM   472  H  "H1'"  . DA  B 2 3  ? 9.894   -12.540 8.388   1.00 134.88 ? 14  DA  B "H1'"  1 
ATOM   473  H  H8     . DA  B 2 3  ? 10.462  -11.042 11.706  1.00 128.12 ? 14  DA  B H8     1 
ATOM   474  H  H61    . DA  B 2 3  ? 5.306   -8.181  11.135  1.00 107.18 ? 14  DA  B H61    1 
ATOM   475  H  H62    . DA  B 2 3  ? 6.494   -8.365  12.013  1.00 107.18 ? 14  DA  B H62    1 
ATOM   476  H  H2     . DA  B 2 3  ? 5.886   -10.724 7.653   1.00 111.01 ? 14  DA  B H2     1 
ATOM   477  P  P      . DG  B 2 4  ? 13.458  -13.399 6.897   1.00 127.63 ? 15  DG  B P      1 
ATOM   478  O  OP1    . DG  B 2 4  ? 14.375  -14.441 6.387   1.00 125.26 ? 15  DG  B OP1    1 
ATOM   479  O  OP2    . DG  B 2 4  ? 14.015  -12.108 7.361   1.00 118.96 ? 15  DG  B OP2    1 
ATOM   480  O  "O5'"  . DG  B 2 4  ? 12.356  -13.088 5.776   1.00 106.46 ? 15  DG  B "O5'"  1 
ATOM   481  C  "C5'"  . DG  B 2 4  ? 11.662  -14.161 5.137   1.00 107.22 ? 15  DG  B "C5'"  1 
ATOM   482  C  "C4'"  . DG  B 2 4  ? 10.787  -13.649 4.008   1.00 106.32 ? 15  DG  B "C4'"  1 
ATOM   483  O  "O4'"  . DG  B 2 4  ? 9.727   -12.814 4.557   1.00 97.79  ? 15  DG  B "O4'"  1 
ATOM   484  C  "C3'"  . DG  B 2 4  ? 11.505  -12.775 2.987   1.00 118.23 ? 15  DG  B "C3'"  1 
ATOM   485  O  "O3'"  . DG  B 2 4  ? 10.955  -12.954 1.687   1.00 131.14 ? 15  DG  B "O3'"  1 
ATOM   486  C  "C2'"  . DG  B 2 4  ? 11.270  -11.377 3.525   1.00 111.74 ? 15  DG  B "C2'"  1 
ATOM   487  C  "C1'"  . DG  B 2 4  ? 9.861   -11.486 4.082   1.00 101.09 ? 15  DG  B "C1'"  1 
ATOM   488  N  N9     . DG  B 2 4  ? 9.587   -10.567 5.178   1.00 84.00  ? 15  DG  B N9     1 
ATOM   489  C  C8     . DG  B 2 4  ? 10.360  -10.357 6.296   1.00 92.67  ? 15  DG  B C8     1 
ATOM   490  N  N7     . DG  B 2 4  ? 9.861   -9.472  7.112   1.00 102.03 ? 15  DG  B N7     1 
ATOM   491  C  C5     . DG  B 2 4  ? 8.682   -9.070  6.498   1.00 97.88  ? 15  DG  B C5     1 
ATOM   492  C  C6     . DG  B 2 4  ? 7.715   -8.128  6.916   1.00 92.55  ? 15  DG  B C6     1 
ATOM   493  O  O6     . DG  B 2 4  ? 7.705   -7.443  7.947   1.00 89.78  ? 15  DG  B O6     1 
ATOM   494  N  N1     . DG  B 2 4  ? 6.670   -8.022  6.004   1.00 85.48  ? 15  DG  B N1     1 
ATOM   495  C  C2     . DG  B 2 4  ? 6.572   -8.734  4.835   1.00 88.61  ? 15  DG  B C2     1 
ATOM   496  N  N2     . DG  B 2 4  ? 5.489   -8.487  4.087   1.00 78.56  ? 15  DG  B N2     1 
ATOM   497  N  N3     . DG  B 2 4  ? 7.473   -9.620  4.426   1.00 94.13  ? 15  DG  B N3     1 
ATOM   498  C  C4     . DG  B 2 4  ? 8.499   -9.736  5.307   1.00 92.51  ? 15  DG  B C4     1 
ATOM   499  H  "H5'"  . DG  B 2 4  ? 11.106  -14.614 5.791   1.00 129.01 ? 15  DG  B "H5'"  1 
ATOM   500  H  "H5''" . DG  B 2 4  ? 12.308  -14.790 4.779   1.00 129.01 ? 15  DG  B "H5''" 1 
ATOM   501  H  "H4'"  . DG  B 2 4  ? 10.387  -14.405 3.550   1.00 127.94 ? 15  DG  B "H4'"  1 
ATOM   502  H  "H3'"  . DG  B 2 4  ? 12.454  -12.978 2.982   1.00 142.23 ? 15  DG  B "H3'"  1 
ATOM   503  H  "H2'"  . DG  B 2 4  ? 11.904  -11.166 4.228   1.00 134.44 ? 15  DG  B "H2'"  1 
ATOM   504  H  "H2''" . DG  B 2 4  ? 11.309  -10.721 2.812   1.00 134.44 ? 15  DG  B "H2''" 1 
ATOM   505  H  "H1'"  . DG  B 2 4  ? 9.222   -11.336 3.369   1.00 121.66 ? 15  DG  B "H1'"  1 
ATOM   506  H  H8     . DG  B 2 4  ? 11.162  -10.801 6.451   1.00 111.55 ? 15  DG  B H8     1 
ATOM   507  H  H1     . DG  B 2 4  ? 6.038   -7.468  6.186   1.00 102.92 ? 15  DG  B H1     1 
ATOM   508  H  H21    . DG  B 2 4  ? 5.376   -8.902  3.341   1.00 94.62  ? 15  DG  B H21    1 
ATOM   509  H  H22    . DG  B 2 4  ? 4.905   -7.914  4.351   1.00 94.62  ? 15  DG  B H22    1 
ATOM   510  P  P      . DA  B 2 5  ? 11.595  -12.194 0.423   1.00 134.02 ? 16  DA  B P      1 
ATOM   511  O  OP1    . DA  B 2 5  ? 11.960  -13.242 -0.559  1.00 119.96 ? 16  DA  B OP1    1 
ATOM   512  O  OP2    . DA  B 2 5  ? 12.624  -11.251 0.920   1.00 104.55 ? 16  DA  B OP2    1 
ATOM   513  O  "O5'"  . DA  B 2 5  ? 10.377  -11.341 -0.174  1.00 127.93 ? 16  DA  B "O5'"  1 
ATOM   514  C  "C5'"  . DA  B 2 5  ? 9.361   -11.989 -0.948  1.00 124.60 ? 16  DA  B "C5'"  1 
ATOM   515  C  "C4'"  . DA  B 2 5  ? 8.211   -11.040 -1.242  1.00 113.39 ? 16  DA  B "C4'"  1 
ATOM   516  O  "O4'"  . DA  B 2 5  ? 7.825   -10.360 -0.014  1.00 105.18 ? 16  DA  B "O4'"  1 
ATOM   517  C  "C3'"  . DA  B 2 5  ? 8.532   -9.928  -2.236  1.00 112.30 ? 16  DA  B "C3'"  1 
ATOM   518  O  "O3'"  . DA  B 2 5  ? 7.383   -9.578  -3.005  1.00 109.01 ? 16  DA  B "O3'"  1 
ATOM   519  C  "C2'"  . DA  B 2 5  ? 8.978   -8.802  -1.324  1.00 99.12  ? 16  DA  B "C2'"  1 
ATOM   520  C  "C1'"  . DA  B 2 5  ? 8.026   -8.967  -0.155  1.00 76.35  ? 16  DA  B "C1'"  1 
ATOM   521  N  N9     . DA  B 2 5  ? 8.534   -8.437  1.101   1.00 102.23 ? 16  DA  B N9     1 
ATOM   522  C  C8     . DA  B 2 5  ? 9.651   -8.843  1.771   1.00 105.55 ? 16  DA  B C8     1 
ATOM   523  N  N7     . DA  B 2 5  ? 9.868   -8.183  2.886   1.00 109.40 ? 16  DA  B N7     1 
ATOM   524  C  C5     . DA  B 2 5  ? 8.818   -7.279  2.947   1.00 102.90 ? 16  DA  B C5     1 
ATOM   525  C  C6     . DA  B 2 5  ? 8.467   -6.287  3.887   1.00 102.08 ? 16  DA  B C6     1 
ATOM   526  N  N6     . DA  B 2 5  ? 9.176   -6.037  4.994   1.00 95.40  ? 16  DA  B N6     1 
ATOM   527  N  N1     . DA  B 2 5  ? 7.353   -5.562  3.645   1.00 97.71  ? 16  DA  B N1     1 
ATOM   528  C  C2     . DA  B 2 5  ? 6.645   -5.817  2.538   1.00 92.53  ? 16  DA  B C2     1 
ATOM   529  N  N3     . DA  B 2 5  ? 6.874   -6.720  1.585   1.00 89.18  ? 16  DA  B N3     1 
ATOM   530  C  C4     . DA  B 2 5  ? 7.984   -7.426  1.854   1.00 102.54 ? 16  DA  B C4     1 
ATOM   531  H  "H5'"  . DA  B 2 5  ? 9.024   -12.754 -0.453  1.00 149.87 ? 16  DA  B "H5'"  1 
ATOM   532  H  "H5''" . DA  B 2 5  ? 9.744   -12.295 -1.785  1.00 149.87 ? 16  DA  B "H5''" 1 
ATOM   533  H  "H4'"  . DA  B 2 5  ? 7.455   -11.551 -1.571  1.00 136.42 ? 16  DA  B "H4'"  1 
ATOM   534  H  "H3'"  . DA  B 2 5  ? 9.260   -10.198 -2.817  1.00 135.10 ? 16  DA  B "H3'"  1 
ATOM   535  H  "H2'"  . DA  B 2 5  ? 9.898   -8.926  -1.042  1.00 119.29 ? 16  DA  B "H2'"  1 
ATOM   536  H  "H2''" . DA  B 2 5  ? 8.856   -7.940  -1.752  1.00 119.29 ? 16  DA  B "H2''" 1 
ATOM   537  H  "H1'"  . DA  B 2 5  ? 7.181   -8.540  -0.365  1.00 91.96  ? 16  DA  B "H1'"  1 
ATOM   538  H  H8     . DA  B 2 5  ? 10.206  -9.525  1.469   1.00 127.01 ? 16  DA  B H8     1 
ATOM   539  H  H61    . DA  B 2 5  ? 8.920   -5.423  5.537   1.00 114.83 ? 16  DA  B H61    1 
ATOM   540  H  H62    . DA  B 2 5  ? 9.887   -6.491  5.160   1.00 114.83 ? 16  DA  B H62    1 
ATOM   541  H  H2     . DA  B 2 5  ? 5.888   -5.291  2.417   1.00 111.39 ? 16  DA  B H2     1 
ATOM   542  P  P      . DC  B 2 6  ? 7.542   -8.681  -4.330  1.00 122.72 ? 17  DC  B P      1 
ATOM   543  O  OP1    . DC  B 2 6  ? 6.914   -9.419  -5.448  1.00 118.62 ? 17  DC  B OP1    1 
ATOM   544  O  OP2    . DC  B 2 6  ? 8.958   -8.261  -4.414  1.00 119.17 ? 17  DC  B OP2    1 
ATOM   545  O  "O5'"  . DC  B 2 6  ? 6.667   -7.377  -4.027  1.00 109.38 ? 17  DC  B "O5'"  1 
ATOM   546  C  "C5'"  . DC  B 2 6  ? 6.910   -6.605  -2.858  1.00 96.36  ? 17  DC  B "C5'"  1 
ATOM   547  C  "C4'"  . DC  B 2 6  ? 5.865   -5.518  -2.711  1.00 96.77  ? 17  DC  B "C4'"  1 
ATOM   548  O  "O4'"  . DC  B 2 6  ? 5.824   -5.064  -1.335  1.00 102.26 ? 17  DC  B "O4'"  1 
ATOM   549  C  "C3'"  . DC  B 2 6  ? 6.106   -4.275  -3.547  1.00 90.52  ? 17  DC  B "C3'"  1 
ATOM   550  O  "O3'"  . DC  B 2 6  ? 4.862   -3.734  -3.987  1.00 113.76 ? 17  DC  B "O3'"  1 
ATOM   551  C  "C2'"  . DC  B 2 6  ? 6.866   -3.346  -2.597  1.00 85.33  ? 17  DC  B "C2'"  1 
ATOM   552  C  "C1'"  . DC  B 2 6  ? 6.406   -3.776  -1.211  1.00 75.38  ? 17  DC  B "C1'"  1 
ATOM   553  N  N1     . DC  B 2 6  ? 7.519   -3.864  -0.215  1.00 91.97  ? 17  DC  B N1     1 
ATOM   554  C  C2     . DC  B 2 6  ? 7.571   -2.966  0.866   1.00 96.32  ? 17  DC  B C2     1 
ATOM   555  O  O2     . DC  B 2 6  ? 6.689   -2.102  0.982   1.00 91.89  ? 17  DC  B O2     1 
ATOM   556  N  N3     . DC  B 2 6  ? 8.589   -3.073  1.759   1.00 81.33  ? 17  DC  B N3     1 
ATOM   557  C  C4     . DC  B 2 6  ? 9.520   -4.017  1.600   1.00 92.71  ? 17  DC  B C4     1 
ATOM   558  N  N4     . DC  B 2 6  ? 10.506  -4.077  2.501   1.00 79.49  ? 17  DC  B N4     1 
ATOM   559  C  C5     . DC  B 2 6  ? 9.486   -4.935  0.507   1.00 75.38  ? 17  DC  B C5     1 
ATOM   560  C  C6     . DC  B 2 6  ? 8.477   -4.825  -0.364  1.00 76.76  ? 17  DC  B C6     1 
ATOM   561  H  "H5'"  . DC  B 2 6  ? 7.789   -6.198  -2.920  1.00 115.98 ? 17  DC  B "H5'"  1 
ATOM   562  H  "H5''" . DC  B 2 6  ? 6.881   -7.184  -2.081  1.00 115.98 ? 17  DC  B "H5''" 1 
ATOM   563  H  "H4'"  . DC  B 2 6  ? 4.999   -5.887  -2.943  1.00 116.47 ? 17  DC  B "H4'"  1 
ATOM   564  H  "H3'"  . DC  B 2 6  ? 6.662   -4.493  -4.311  1.00 108.97 ? 17  DC  B "H3'"  1 
ATOM   565  H  "H2'"  . DC  B 2 6  ? 7.823   -3.474  -2.691  1.00 102.75 ? 17  DC  B "H2'"  1 
ATOM   566  H  "H2''" . DC  B 2 6  ? 6.627   -2.421  -2.762  1.00 102.75 ? 17  DC  B "H2''" 1 
ATOM   567  H  "H1'"  . DC  B 2 6  ? 5.736   -3.154  -0.889  1.00 90.80  ? 17  DC  B "H1'"  1 
ATOM   568  H  H41    . DC  B 2 6  ? 11.119  -4.675  2.429   1.00 95.74  ? 17  DC  B H41    1 
ATOM   569  H  H42    . DC  B 2 6  ? 10.527  -3.517  3.154   1.00 95.74  ? 17  DC  B H42    1 
ATOM   570  H  H5     . DC  B 2 6  ? 10.139  -5.590  0.408   1.00 90.80  ? 17  DC  B H5     1 
ATOM   571  H  H6     . DC  B 2 6  ? 8.428   -5.412  -1.084  1.00 92.46  ? 17  DC  B H6     1 
ATOM   572  P  P      . DT  B 2 7  ? 4.786   -2.279  -4.662  1.00 116.37 ? 18  DT  B P      1 
ATOM   573  O  OP1    . DT  B 2 7  ? 3.709   -2.284  -5.677  1.00 110.47 ? 18  DT  B OP1    1 
ATOM   574  O  OP2    . DT  B 2 7  ? 6.160   -1.870  -5.026  1.00 110.72 ? 18  DT  B OP2    1 
ATOM   575  O  "O5'"  . DT  B 2 7  ? 4.322   -1.351  -3.461  1.00 103.37 ? 18  DT  B "O5'"  1 
ATOM   576  C  "C5'"  . DT  B 2 7  ? 4.397   0.045   -3.589  1.00 97.61  ? 18  DT  B "C5'"  1 
ATOM   577  C  "C4'"  . DT  B 2 7  ? 4.404   0.686   -2.224  1.00 93.13  ? 18  DT  B "C4'"  1 
ATOM   578  O  "O4'"  . DT  B 2 7  ? 5.480   0.120   -1.443  1.00 92.96  ? 18  DT  B "O4'"  1 
ATOM   579  C  "C3'"  . DT  B 2 7  ? 4.629   2.198   -2.219  1.00 96.05  ? 18  DT  B "C3'"  1 
ATOM   580  O  "O3'"  . DT  B 2 7  ? 3.475   2.858   -1.725  1.00 91.67  ? 18  DT  B "O3'"  1 
ATOM   581  C  "C2'"  . DT  B 2 7  ? 5.856   2.407   -1.317  1.00 91.66  ? 18  DT  B "C2'"  1 
ATOM   582  C  "C1'"  . DT  B 2 7  ? 5.939   1.101   -0.553  1.00 94.16  ? 18  DT  B "C1'"  1 
ATOM   583  N  N1     . DT  B 2 7  ? 7.306   0.710   -0.073  1.00 98.72  ? 18  DT  B N1     1 
ATOM   584  C  C2     . DT  B 2 7  ? 7.707   1.107   1.183   1.00 108.80 ? 18  DT  B C2     1 
ATOM   585  O  O2     . DT  B 2 7  ? 7.022   1.802   1.911   1.00 120.06 ? 18  DT  B O2     1 
ATOM   586  N  N3     . DT  B 2 7  ? 8.953   0.674   1.553   1.00 87.84  ? 18  DT  B N3     1 
ATOM   587  C  C4     . DT  B 2 7  ? 9.816   -0.114  0.818   1.00 90.39  ? 18  DT  B C4     1 
ATOM   588  O  O4     . DT  B 2 7  ? 10.918  -0.453  1.243   1.00 76.54  ? 18  DT  B O4     1 
ATOM   589  C  C5     . DT  B 2 7  ? 9.330   -0.514  -0.485  1.00 76.54  ? 18  DT  B C5     1 
ATOM   590  C  C7     . DT  B 2 7  ? 10.184  -1.375  -1.370  1.00 78.50  ? 18  DT  B C7     1 
ATOM   591  C  C6     . DT  B 2 7  ? 8.109   -0.094  -0.863  1.00 78.72  ? 18  DT  B C6     1 
ATOM   592  H  "H5'"  . DT  B 2 7  ? 3.631   0.365   -4.090  1.00 117.48 ? 18  DT  B "H5'"  1 
ATOM   593  H  "H5''" . DT  B 2 7  ? 5.212   0.282   -4.060  1.00 117.48 ? 18  DT  B "H5''" 1 
ATOM   594  H  "H4'"  . DT  B 2 7  ? 3.563   0.493   -1.783  1.00 112.10 ? 18  DT  B "H4'"  1 
ATOM   595  H  "H3'"  . DT  B 2 7  ? 4.826   2.505   -3.118  1.00 115.60 ? 18  DT  B "H3'"  1 
ATOM   596  H  "H2'"  . DT  B 2 7  ? 6.654   2.545   -1.851  1.00 110.34 ? 18  DT  B "H2'"  1 
ATOM   597  H  "H2''" . DT  B 2 7  ? 5.712   3.150   -0.710  1.00 110.34 ? 18  DT  B "H2''" 1 
ATOM   598  H  "H1'"  . DT  B 2 7  ? 5.339   1.142   0.207   1.00 113.34 ? 18  DT  B "H1'"  1 
ATOM   599  H  H3     . DT  B 2 7  ? 9.226   0.918   2.331   1.00 105.75 ? 18  DT  B H3     1 
ATOM   600  H  H71    . DT  B 2 7  ? 9.711   -2.198  -1.573  1.00 94.55  ? 18  DT  B H71    1 
ATOM   601  H  H72    . DT  B 2 7  ? 10.376  -0.901  -2.195  1.00 94.55  ? 18  DT  B H72    1 
ATOM   602  H  H73    . DT  B 2 7  ? 11.015  -1.583  -0.916  1.00 94.55  ? 18  DT  B H73    1 
ATOM   603  H  H6     . DT  B 2 7  ? 7.793   -0.349  -1.700  1.00 94.81  ? 18  DT  B H6     1 
ATOM   604  P  P      . DC  B 2 8  ? 2.847   4.092   -2.534  1.00 123.37 ? 19  DC  B P      1 
ATOM   605  O  OP1    . DC  B 2 8  ? 1.478   4.323   -2.026  1.00 110.75 ? 19  DC  B OP1    1 
ATOM   606  O  OP2    . DC  B 2 8  ? 3.073   3.862   -3.980  1.00 120.69 ? 19  DC  B OP2    1 
ATOM   607  O  "O5'"  . DC  B 2 8  ? 3.739   5.320   -2.065  1.00 107.54 ? 19  DC  B "O5'"  1 
ATOM   608  C  "C5'"  . DC  B 2 8  ? 3.746   5.663   -0.709  1.00 113.69 ? 19  DC  B "C5'"  1 
ATOM   609  C  "C4'"  . DC  B 2 8  ? 5.038   6.357   -0.328  1.00 117.96 ? 19  DC  B "C4'"  1 
ATOM   610  O  "O4'"  . DC  B 2 8  ? 6.151   5.413   -0.355  1.00 115.90 ? 19  DC  B "O4'"  1 
ATOM   611  C  "C3'"  . DC  B 2 8  ? 5.452   7.504   -1.260  1.00 116.97 ? 19  DC  B "C3'"  1 
ATOM   612  O  "O3'"  . DC  B 2 8  ? 5.727   8.661   -0.500  1.00 119.86 ? 19  DC  B "O3'"  1 
ATOM   613  C  "C2'"  . DC  B 2 8  ? 6.701   6.957   -1.952  1.00 101.79 ? 19  DC  B "C2'"  1 
ATOM   614  C  "C1'"  . DC  B 2 8  ? 7.272   6.105   -0.843  1.00 99.66  ? 19  DC  B "C1'"  1 
ATOM   615  N  N1     . DC  B 2 8  ? 8.364   5.129   -1.236  1.00 83.29  ? 19  DC  B N1     1 
ATOM   616  C  C2     . DC  B 2 8  ? 9.337   4.793   -0.286  1.00 92.06  ? 19  DC  B C2     1 
ATOM   617  O  O2     . DC  B 2 8  ? 9.271   5.293   0.845   1.00 87.12  ? 19  DC  B O2     1 
ATOM   618  N  N3     . DC  B 2 8  ? 10.321  3.923   -0.625  1.00 81.09  ? 19  DC  B N3     1 
ATOM   619  C  C4     . DC  B 2 8  ? 10.363  3.402   -1.848  1.00 82.44  ? 19  DC  B C4     1 
ATOM   620  N  N4     . DC  B 2 8  ? 11.358  2.551   -2.127  1.00 76.66  ? 19  DC  B N4     1 
ATOM   621  C  C5     . DC  B 2 8  ? 9.387   3.731   -2.839  1.00 76.66  ? 19  DC  B C5     1 
ATOM   622  C  C6     . DC  B 2 8  ? 8.414   4.594   -2.496  1.00 78.46  ? 19  DC  B C6     1 
ATOM   623  H  "H5'"  . DC  B 2 8  ? 3.647   4.859   -0.177  1.00 136.77 ? 19  DC  B "H5'"  1 
ATOM   624  H  "H5''" . DC  B 2 8  ? 3.000   6.257   -0.528  1.00 136.77 ? 19  DC  B "H5''" 1 
ATOM   625  H  "H4'"  . DC  B 2 8  ? 4.948   6.706   0.572   1.00 141.90 ? 19  DC  B "H4'"  1 
ATOM   626  H  "H3'"  . DC  B 2 8  ? 4.755   7.681   -1.910  1.00 140.71 ? 19  DC  B "H3'"  1 
ATOM   627  H  "H2'"  . DC  B 2 8  ? 6.466   6.416   -2.724  1.00 122.49 ? 19  DC  B "H2'"  1 
ATOM   628  H  "H2''" . DC  B 2 8  ? 7.311   7.672   -2.193  1.00 122.49 ? 19  DC  B "H2''" 1 
ATOM   629  H  "H1'"  . DC  B 2 8  ? 7.609   6.687   -0.144  1.00 119.94 ? 19  DC  B "H1'"  1 
ATOM   630  H  H41    . DC  B 2 8  ? 11.413  2.195   -2.908  1.00 92.34  ? 19  DC  B H41    1 
ATOM   631  H  H42    . DC  B 2 8  ? 11.941  2.360   -1.525  1.00 92.34  ? 19  DC  B H42    1 
ATOM   632  H  H5     . DC  B 2 8  ? 9.425   3.364   -3.693  1.00 92.34  ? 19  DC  B H5     1 
ATOM   633  H  H6     . DC  B 2 8  ? 7.764   4.826   -3.118  1.00 94.49  ? 19  DC  B H6     1 
ATOM   634  P  P      . DA  B 2 9  ? 5.354   10.116  -1.062  1.00 133.41 ? 20  DA  B P      1 
ATOM   635  O  OP1    . DA  B 2 9  ? 3.912   10.346  -0.815  1.00 136.27 ? 20  DA  B OP1    1 
ATOM   636  O  OP2    . DA  B 2 9  ? 5.881   10.194  -2.443  1.00 128.31 ? 20  DA  B OP2    1 
ATOM   637  O  "O5'"  . DA  B 2 9  ? 6.215   11.098  -0.133  1.00 133.67 ? 20  DA  B "O5'"  1 
ATOM   638  C  "C5'"  . DA  B 2 9  ? 6.058   11.054  1.286   1.00 124.72 ? 20  DA  B "C5'"  1 
ATOM   639  C  "C4'"  . DA  B 2 9  ? 7.404   11.090  2.005   1.00 121.72 ? 20  DA  B "C4'"  1 
ATOM   640  O  "O4'"  . DA  B 2 9  ? 8.061   9.802   1.885   1.00 114.44 ? 20  DA  B "O4'"  1 
ATOM   641  C  "C3'"  . DA  B 2 9  ? 8.399   12.112  1.471   1.00 128.82 ? 20  DA  B "C3'"  1 
ATOM   642  O  "O3'"  . DA  B 2 9  ? 8.257   13.358  2.149   1.00 121.57 ? 20  DA  B "O3'"  1 
ATOM   643  C  "C2'"  . DA  B 2 9  ? 9.749   11.458  1.741   1.00 114.41 ? 20  DA  B "C2'"  1 
ATOM   644  C  "C1'"  . DA  B 2 9  ? 9.445   9.970   1.620   1.00 94.41  ? 20  DA  B "C1'"  1 
ATOM   645  N  N9     . DA  B 2 9  ? 9.712   9.406   0.303   1.00 101.48 ? 20  DA  B N9     1 
ATOM   646  C  C8     . DA  B 2 9  ? 8.932   9.525   -0.811  1.00 118.28 ? 20  DA  B C8     1 
ATOM   647  N  N7     . DA  B 2 9  ? 9.404   8.891   -1.859  1.00 116.72 ? 20  DA  B N7     1 
ATOM   648  C  C5     . DA  B 2 9  ? 10.566  8.302   -1.396  1.00 108.60 ? 20  DA  B C5     1 
ATOM   649  C  C6     . DA  B 2 9  ? 11.529  7.488   -2.021  1.00 92.83  ? 20  DA  B C6     1 
ATOM   650  N  N6     . DA  B 2 9  ? 11.463  7.111   -3.302  1.00 94.84  ? 20  DA  B N6     1 
ATOM   651  N  N1     . DA  B 2 9  ? 12.568  7.070   -1.275  1.00 96.52  ? 20  DA  B N1     1 
ATOM   652  C  C2     . DA  B 2 9  ? 12.636  7.440   0.008   1.00 99.97  ? 20  DA  B C2     1 
ATOM   653  N  N3     . DA  B 2 9  ? 11.797  8.203   0.707   1.00 100.00 ? 20  DA  B N3     1 
ATOM   654  C  C4     . DA  B 2 9  ? 10.771  8.605   -0.061  1.00 111.40 ? 20  DA  B C4     1 
ATOM   655  H  "H5'"  . DA  B 2 9  ? 5.593   10.238  1.527   1.00 150.01 ? 20  DA  B "H5'"  1 
ATOM   656  H  "H5''" . DA  B 2 9  ? 5.527   11.816  1.568   1.00 150.01 ? 20  DA  B "H5''" 1 
ATOM   657  H  "H4'"  . DA  B 2 9  ? 7.248   11.273  2.945   1.00 146.41 ? 20  DA  B "H4'"  1 
ATOM   658  H  "H3'"  . DA  B 2 9  ? 8.272   12.232  0.517   1.00 154.94 ? 20  DA  B "H3'"  1 
ATOM   659  H  "HO3'" . DA  B 2 9  ? 8.067   14.052  1.716   1.00 146.23 ? 20  DA  B "HO3'" 1 
ATOM   660  H  "H2'"  . DA  B 2 9  ? 10.400  11.729  1.075   1.00 137.64 ? 20  DA  B "H2'"  1 
ATOM   661  H  "H2''" . DA  B 2 9  ? 10.059  11.671  2.635   1.00 137.64 ? 20  DA  B "H2''" 1 
ATOM   662  H  "H1'"  . DA  B 2 9  ? 9.958   9.485   2.284   1.00 113.64 ? 20  DA  B "H1'"  1 
ATOM   663  H  H8     . DA  B 2 9  ? 8.145   10.020  -0.829  1.00 142.28 ? 20  DA  B H8     1 
ATOM   664  H  H61    . DA  B 2 9  ? 12.077  6.611   -3.635  1.00 114.16 ? 20  DA  B H61    1 
ATOM   665  H  H62    . DA  B 2 9  ? 10.805  7.369   -3.792  1.00 114.16 ? 20  DA  B H62    1 
ATOM   666  H  H2     . DA  B 2 9  ? 13.374  7.124   0.477   1.00 120.31 ? 20  DA  B H2     1 
ATOM   667  P  P      . DT  C 3 1  ? -3.090  9.706   14.012  1.00 118.82 ? 0   DT  C P      1 
ATOM   668  O  OP1    . DT  C 3 1  ? -3.849  10.544  14.966  1.00 124.18 ? 0   DT  C OP1    1 
ATOM   669  O  OP2    . DT  C 3 1  ? -1.610  9.684   14.046  1.00 113.74 ? 0   DT  C OP2    1 
ATOM   670  O  "O5'"  . DT  C 3 1  ? -3.623  8.210   14.162  1.00 111.36 ? 0   DT  C "O5'"  1 
ATOM   671  C  "C5'"  . DT  C 3 1  ? -3.061  7.178   13.383  1.00 102.73 ? 0   DT  C "C5'"  1 
ATOM   672  C  "C4'"  . DT  C 3 1  ? -3.416  5.833   13.964  1.00 114.97 ? 0   DT  C "C4'"  1 
ATOM   673  O  "O4'"  . DT  C 3 1  ? -4.844  5.657   13.927  1.00 108.11 ? 0   DT  C "O4'"  1 
ATOM   674  C  "C3'"  . DT  C 3 1  ? -2.836  4.635   13.217  1.00 122.78 ? 0   DT  C "C3'"  1 
ATOM   675  O  "O3'"  . DT  C 3 1  ? -1.760  4.078   13.954  1.00 122.53 ? 0   DT  C "O3'"  1 
ATOM   676  C  "C2'"  . DT  C 3 1  ? -4.010  3.658   13.069  1.00 125.67 ? 0   DT  C "C2'"  1 
ATOM   677  C  "C1'"  . DT  C 3 1  ? -5.105  4.284   13.908  1.00 105.83 ? 0   DT  C "C1'"  1 
ATOM   678  N  N1     . DT  C 3 1  ? -6.456  4.064   13.385  1.00 109.40 ? 0   DT  C N1     1 
ATOM   679  C  C2     . DT  C 3 1  ? -6.977  2.799   13.426  1.00 113.70 ? 0   DT  C C2     1 
ATOM   680  O  O2     . DT  C 3 1  ? -6.364  1.840   13.859  1.00 121.64 ? 0   DT  C O2     1 
ATOM   681  N  N3     . DT  C 3 1  ? -8.246  2.689   12.940  1.00 109.33 ? 0   DT  C N3     1 
ATOM   682  C  C4     . DT  C 3 1  ? -9.030  3.704   12.429  1.00 103.12 ? 0   DT  C C4     1 
ATOM   683  O  O4     . DT  C 3 1  ? -10.165 3.508   12.012  1.00 103.47 ? 0   DT  C O4     1 
ATOM   684  C  C5     . DT  C 3 1  ? -8.422  5.010   12.420  1.00 99.35  ? 0   DT  C C5     1 
ATOM   685  C  C7     . DT  C 3 1  ? -9.180  6.184   11.885  1.00 107.50 ? 0   DT  C C7     1 
ATOM   686  C  C6     . DT  C 3 1  ? -7.178  5.130   12.896  1.00 103.00 ? 0   DT  C C6     1 
ATOM   687  H  "H5'"  . DT  C 3 1  ? -2.097  7.277   13.368  1.00 123.62 ? 0   DT  C "H5'"  1 
ATOM   688  H  "H5''" . DT  C 3 1  ? -3.405  7.237   12.478  1.00 123.62 ? 0   DT  C "H5''" 1 
ATOM   689  H  "H4'"  . DT  C 3 1  ? -3.119  5.801   14.887  1.00 138.32 ? 0   DT  C "H4'"  1 
ATOM   690  H  "H3'"  . DT  C 3 1  ? -2.526  4.914   12.341  1.00 147.68 ? 0   DT  C "H3'"  1 
ATOM   691  H  "H2'"  . DT  C 3 1  ? -4.284  3.595   12.141  1.00 151.15 ? 0   DT  C "H2'"  1 
ATOM   692  H  "H2''" . DT  C 3 1  ? -3.771  2.784   13.416  1.00 151.15 ? 0   DT  C "H2''" 1 
ATOM   693  H  "H1'"  . DT  C 3 1  ? -5.053  3.936   14.812  1.00 127.34 ? 0   DT  C "H1'"  1 
ATOM   694  H  H3     . DT  C 3 1  ? -8.596  1.903   12.953  1.00 131.54 ? 0   DT  C H3     1 
ATOM   695  H  H71    . DT  C 3 1  ? -10.051 5.891   11.573  1.00 129.35 ? 0   DT  C H71    1 
ATOM   696  H  H72    . DT  C 3 1  ? -9.293  6.845   12.586  1.00 129.35 ? 0   DT  C H72    1 
ATOM   697  H  H73    . DT  C 3 1  ? -8.689  6.577   11.147  1.00 129.35 ? 0   DT  C H73    1 
ATOM   698  H  H6     . DT  C 3 1  ? -6.779  5.970   12.893  1.00 123.94 ? 0   DT  C H6     1 
ATOM   699  P  P      . DC  C 3 2  ? -0.791  2.999   13.268  1.00 131.67 ? 1   DC  C P      1 
ATOM   700  O  OP1    . DC  C 3 2  ? 0.363   2.773   14.165  1.00 132.98 ? 1   DC  C OP1    1 
ATOM   701  O  OP2    . DC  C 3 2  ? -0.566  3.410   11.863  1.00 114.54 ? 1   DC  C OP2    1 
ATOM   702  O  "O5'"  . DC  C 3 2  ? -1.669  1.673   13.255  1.00 98.07  ? 1   DC  C "O5'"  1 
ATOM   703  C  "C5'"  . DC  C 3 2  ? -1.771  0.915   12.082  1.00 94.98  ? 1   DC  C "C5'"  1 
ATOM   704  C  "C4'"  . DC  C 3 2  ? -2.426  -0.411  12.378  1.00 100.54 ? 1   DC  C "C4'"  1 
ATOM   705  O  "O4'"  . DC  C 3 2  ? -3.859  -0.227  12.479  1.00 86.03  ? 1   DC  C "O4'"  1 
ATOM   706  C  "C3'"  . DC  C 3 2  ? -2.238  -1.469  11.316  1.00 98.99  ? 1   DC  C "C3'"  1 
ATOM   707  O  "O3'"  . DC  C 3 2  ? -2.270  -2.752  11.898  1.00 70.06  ? 1   DC  C "O3'"  1 
ATOM   708  C  "C2'"  . DC  C 3 2  ? -3.417  -1.217  10.388  1.00 89.66  ? 1   DC  C "C2'"  1 
ATOM   709  C  "C1'"  . DC  C 3 2  ? -4.508  -0.815  11.364  1.00 90.21  ? 1   DC  C "C1'"  1 
ATOM   710  N  N1     . DC  C 3 2  ? -5.492  0.171   10.846  1.00 94.13  ? 1   DC  C N1     1 
ATOM   711  C  C2     . DC  C 3 2  ? -6.805  -0.237  10.597  1.00 102.73 ? 1   DC  C C2     1 
ATOM   712  O  O2     . DC  C 3 2  ? -7.114  -1.421  10.777  1.00 118.10 ? 1   DC  C O2     1 
ATOM   713  N  N3     . DC  C 3 2  ? -7.704  0.673   10.159  1.00 98.28  ? 1   DC  C N3     1 
ATOM   714  C  C4     . DC  C 3 2  ? -7.337  1.940   9.983   1.00 97.97  ? 1   DC  C C4     1 
ATOM   715  N  N4     . DC  C 3 2  ? -8.263  2.799   9.550   1.00 99.70  ? 1   DC  C N4     1 
ATOM   716  C  C5     . DC  C 3 2  ? -6.007  2.382   10.242  1.00 103.39 ? 1   DC  C C5     1 
ATOM   717  C  C6     . DC  C 3 2  ? -5.126  1.475   10.675  1.00 99.72  ? 1   DC  C C6     1 
ATOM   718  H  "H5'"  . DC  C 3 2  ? -0.885  0.763   11.720  1.00 114.32 ? 1   DC  C "H5'"  1 
ATOM   719  H  "H5''" . DC  C 3 2  ? -2.306  1.399   11.433  1.00 114.32 ? 1   DC  C "H5''" 1 
ATOM   720  H  "H4'"  . DC  C 3 2  ? -2.090  -0.748  13.224  1.00 120.99 ? 1   DC  C "H4'"  1 
ATOM   721  H  "H3'"  . DC  C 3 2  ? -1.402  -1.329  10.845  1.00 119.14 ? 1   DC  C "H3'"  1 
ATOM   722  H  "H2'"  . DC  C 3 2  ? -3.223  -0.495  9.770   1.00 107.94 ? 1   DC  C "H2'"  1 
ATOM   723  H  "H2''" . DC  C 3 2  ? -3.661  -2.027  9.913   1.00 107.94 ? 1   DC  C "H2''" 1 
ATOM   724  H  "H1'"  . DC  C 3 2  ? -4.981  -1.610  11.657  1.00 108.60 ? 1   DC  C "H1'"  1 
ATOM   725  H  H41    . DC  C 3 2  ? -8.059  3.626   9.426   1.00 119.99 ? 1   DC  C H41    1 
ATOM   726  H  H42    . DC  C 3 2  ? -9.064  2.526   9.394   1.00 119.99 ? 1   DC  C H42    1 
ATOM   727  H  H5     . DC  C 3 2  ? -5.761  3.271   10.114  1.00 124.42 ? 1   DC  C H5     1 
ATOM   728  H  H6     . DC  C 3 2  ? -4.250  1.733   10.852  1.00 120.01 ? 1   DC  C H6     1 
ATOM   729  P  P      . DA  C 3 3  ? -1.377  -3.929  11.278  1.00 88.17  ? 2   DA  C P      1 
ATOM   730  O  OP1    . DA  C 3 3  ? -1.458  -5.076  12.210  1.00 111.12 ? 2   DA  C OP1    1 
ATOM   731  O  OP2    . DA  C 3 3  ? -0.051  -3.343  10.964  1.00 94.19  ? 2   DA  C OP2    1 
ATOM   732  O  "O5'"  . DA  C 3 3  ? -2.132  -4.285  9.907   1.00 73.76  ? 2   DA  C "O5'"  1 
ATOM   733  C  "C5'"  . DA  C 3 3  ? -3.348  -5.033  9.937   1.00 92.74  ? 2   DA  C "C5'"  1 
ATOM   734  C  "C4'"  . DA  C 3 3  ? -4.104  -4.940  8.613   1.00 91.31  ? 2   DA  C "C4'"  1 
ATOM   735  O  "O4'"  . DA  C 3 3  ? -4.856  -3.714  8.561   1.00 91.42  ? 2   DA  C "O4'"  1 
ATOM   736  C  "C3'"  . DA  C 3 3  ? -3.244  -4.889  7.359   1.00 81.73  ? 2   DA  C "C3'"  1 
ATOM   737  O  "O3'"  . DA  C 3 3  ? -2.854  -6.220  6.903   1.00 73.76  ? 2   DA  C "O3'"  1 
ATOM   738  C  "C2'"  . DA  C 3 3  ? -4.138  -4.138  6.351   1.00 87.26  ? 2   DA  C "C2'"  1 
ATOM   739  C  "C1'"  . DA  C 3 3  ? -5.233  -3.492  7.217   1.00 73.76  ? 2   DA  C "C1'"  1 
ATOM   740  N  N9     . DA  C 3 3  ? -5.413  -2.047  7.013   1.00 73.76  ? 2   DA  C N9     1 
ATOM   741  C  C8     . DA  C 3 3  ? -4.445  -1.080  7.016   1.00 73.76  ? 2   DA  C C8     1 
ATOM   742  N  N7     . DA  C 3 3  ? -4.905  0.136   6.820   1.00 73.76  ? 2   DA  C N7     1 
ATOM   743  C  C5     . DA  C 3 3  ? -6.272  -0.044  6.680   1.00 79.12  ? 2   DA  C C5     1 
ATOM   744  C  C6     . DA  C 3 3  ? -7.337  0.859   6.451   1.00 90.67  ? 2   DA  C C6     1 
ATOM   745  N  N6     . DA  C 3 3  ? -7.179  2.183   6.322   1.00 88.28  ? 2   DA  C N6     1 
ATOM   746  N  N1     . DA  C 3 3  ? -8.579  0.343   6.365   1.00 87.11  ? 2   DA  C N1     1 
ATOM   747  C  C2     . DA  C 3 3  ? -8.745  -0.978  6.502   1.00 84.87  ? 2   DA  C C2     1 
ATOM   748  N  N3     . DA  C 3 3  ? -7.828  -1.921  6.717   1.00 82.13  ? 2   DA  C N3     1 
ATOM   749  C  C4     . DA  C 3 3  ? -6.603  -1.384  6.797   1.00 78.97  ? 2   DA  C C4     1 
ATOM   750  H  "H5'"  . DA  C 3 3  ? -3.913  -4.691  10.648  1.00 111.63 ? 2   DA  C "H5'"  1 
ATOM   751  H  "H5''" . DA  C 3 3  ? -3.143  -5.964  10.118  1.00 111.63 ? 2   DA  C "H5''" 1 
ATOM   752  H  "H4'"  . DA  C 3 3  ? -4.716  -5.689  8.545   1.00 109.92 ? 2   DA  C "H4'"  1 
ATOM   753  H  "H3'"  . DA  C 3 3  ? -2.448  -4.362  7.538   1.00 98.42  ? 2   DA  C "H3'"  1 
ATOM   754  H  "H2'"  . DA  C 3 3  ? -3.627  -3.455  5.888   1.00 105.06 ? 2   DA  C "H2'"  1 
ATOM   755  H  "H2''" . DA  C 3 3  ? -4.529  -4.759  5.718   1.00 105.06 ? 2   DA  C "H2''" 1 
ATOM   756  H  "H1'"  . DA  C 3 3  ? -6.076  -3.942  7.048   1.00 88.86  ? 2   DA  C "H1'"  1 
ATOM   757  H  H8     . DA  C 3 3  ? -3.543  -1.266  7.146   1.00 88.86  ? 2   DA  C H8     1 
ATOM   758  H  H61    . DA  C 3 3  ? -7.863  2.686   6.186   1.00 106.28 ? 2   DA  C H61    1 
ATOM   759  H  H62    . DA  C 3 3  ? -6.394  2.530   6.374   1.00 106.28 ? 2   DA  C H62    1 
ATOM   760  H  H2     . DA  C 3 3  ? -9.622  -1.280  6.433   1.00 102.19 ? 2   DA  C H2     1 
ATOM   761  P  P      . DT  C 3 4  ? -3.930  -7.401  6.718   1.00 106.34 ? 3   DT  C P      1 
ATOM   762  O  OP1    . DT  C 3 4  ? -5.101  -6.879  5.984   1.00 101.90 ? 3   DT  C OP1    1 
ATOM   763  O  OP2    . DT  C 3 4  ? -4.114  -8.041  8.038   1.00 110.94 ? 3   DT  C OP2    1 
ATOM   764  O  "O5'"  . DT  C 3 4  ? -3.195  -8.446  5.756   1.00 120.74 ? 3   DT  C "O5'"  1 
ATOM   765  C  "C5'"  . DT  C 3 4  ? -2.707  -8.025  4.490   1.00 91.14  ? 3   DT  C "C5'"  1 
ATOM   766  C  "C4'"  . DT  C 3 4  ? -1.314  -8.568  4.243   1.00 80.82  ? 3   DT  C "C4'"  1 
ATOM   767  O  "O4'"  . DT  C 3 4  ? -0.381  -7.967  5.157   1.00 80.82  ? 3   DT  C "O4'"  1 
ATOM   768  C  "C3'"  . DT  C 3 4  ? -1.136  -10.052 4.494   1.00 94.44  ? 3   DT  C "C3'"  1 
ATOM   769  O  "O3'"  . DT  C 3 4  ? -1.557  -10.812 3.371   1.00 106.03 ? 3   DT  C "O3'"  1 
ATOM   770  C  "C2'"  . DT  C 3 4  ? 0.369   -10.175 4.767   1.00 80.82  ? 3   DT  C "C2'"  1 
ATOM   771  C  "C1'"  . DT  C 3 4  ? 0.797   -8.741  5.122   1.00 80.82  ? 3   DT  C "C1'"  1 
ATOM   772  N  N1     . DT  C 3 4  ? 1.529   -8.609  6.438   1.00 80.82  ? 3   DT  C N1     1 
ATOM   773  C  C2     . DT  C 3 4  ? 2.702   -9.306  6.616   1.00 89.46  ? 3   DT  C C2     1 
ATOM   774  O  O2     . DT  C 3 4  ? 3.170   -10.050 5.772   1.00 89.00  ? 3   DT  C O2     1 
ATOM   775  N  N3     . DT  C 3 4  ? 3.311   -9.110  7.827   1.00 91.05  ? 3   DT  C N3     1 
ATOM   776  C  C4     . DT  C 3 4  ? 2.877   -8.304  8.862   1.00 92.82  ? 3   DT  C C4     1 
ATOM   777  O  O4     . DT  C 3 4  ? 3.501   -8.193  9.916   1.00 84.55  ? 3   DT  C O4     1 
ATOM   778  C  C5     . DT  C 3 4  ? 1.649   -7.587  8.614   1.00 92.67  ? 3   DT  C C5     1 
ATOM   779  C  C7     . DT  C 3 4  ? 1.093   -6.676  9.672   1.00 80.82  ? 3   DT  C C7     1 
ATOM   780  C  C6     . DT  C 3 4  ? 1.037   -7.767  7.425   1.00 80.82  ? 3   DT  C C6     1 
ATOM   781  H  "H5'"  . DT  C 3 4  ? -2.682  -7.055  4.465   1.00 109.71 ? 3   DT  C "H5'"  1 
ATOM   782  H  "H5''" . DT  C 3 4  ? -3.304  -8.347  3.796   1.00 109.71 ? 3   DT  C "H5''" 1 
ATOM   783  H  "H4'"  . DT  C 3 4  ? -1.048  -8.363  3.334   1.00 97.33  ? 3   DT  C "H4'"  1 
ATOM   784  H  "H3'"  . DT  C 3 4  ? -1.638  -10.317 5.280   1.00 113.67 ? 3   DT  C "H3'"  1 
ATOM   785  H  "H2'"  . DT  C 3 4  ? 0.532   -10.773 5.512   1.00 97.33  ? 3   DT  C "H2'"  1 
ATOM   786  H  "H2''" . DT  C 3 4  ? 0.835   -10.482 3.973   1.00 97.33  ? 3   DT  C "H2''" 1 
ATOM   787  H  "H1'"  . DT  C 3 4  ? 1.368   -8.404  4.414   1.00 97.33  ? 3   DT  C "H1'"  1 
ATOM   788  H  H3     . DT  C 3 4  ? 4.041   -9.544  7.962   1.00 109.61 ? 3   DT  C H3     1 
ATOM   789  H  H71    . DT  C 3 4  ? 1.036   -5.772  9.323   1.00 97.33  ? 3   DT  C H71    1 
ATOM   790  H  H72    . DT  C 3 4  ? 0.209   -6.980  9.929   1.00 97.33  ? 3   DT  C H72    1 
ATOM   791  H  H73    . DT  C 3 4  ? 1.677   -6.687  10.447  1.00 97.33  ? 3   DT  C H73    1 
ATOM   792  H  H6     . DT  C 3 4  ? 0.245   -7.308  7.261   1.00 97.33  ? 3   DT  C H6     1 
ATOM   793  P  P      . DC  C 3 5  ? -2.903  -11.685 3.459   1.00 105.10 ? 4   DC  C P      1 
ATOM   794  O  OP1    . DC  C 3 5  ? -2.840  -12.713 2.398   1.00 98.52  ? 4   DC  C OP1    1 
ATOM   795  O  OP2    . DC  C 3 5  ? -4.055  -10.758 3.531   1.00 105.18 ? 4   DC  C OP2    1 
ATOM   796  O  "O5'"  . DC  C 3 5  ? -2.789  -12.413 4.873   1.00 84.96  ? 4   DC  C "O5'"  1 
ATOM   797  C  "C5'"  . DC  C 3 5  ? -2.477  -13.790 4.926   1.00 104.25 ? 4   DC  C "C5'"  1 
ATOM   798  C  "C4'"  . DC  C 3 5  ? -1.031  -14.037 4.538   1.00 90.36  ? 4   DC  C "C4'"  1 
ATOM   799  O  "O4'"  . DC  C 3 5  ? -0.192  -13.080 5.209   1.00 80.67  ? 4   DC  C "O4'"  1 
ATOM   800  C  "C3'"  . DC  C 3 5  ? -0.509  -15.411 4.925   1.00 107.49 ? 4   DC  C "C3'"  1 
ATOM   801  O  "O3'"  . DC  C 3 5  ? -0.517  -16.266 3.801   1.00 123.56 ? 4   DC  C "O3'"  1 
ATOM   802  C  "C2'"  . DC  C 3 5  ? 0.908   -15.176 5.447   1.00 110.51 ? 4   DC  C "C2'"  1 
ATOM   803  C  "C1'"  . DC  C 3 5  ? 1.044   -13.661 5.557   1.00 112.44 ? 4   DC  C "C1'"  1 
ATOM   804  N  N1     . DC  C 3 5  ? 1.404   -13.192 6.928   1.00 111.66 ? 4   DC  C N1     1 
ATOM   805  C  C2     . DC  C 3 5  ? 2.593   -13.634 7.525   1.00 94.33  ? 4   DC  C C2     1 
ATOM   806  O  O2     . DC  C 3 5  ? 3.328   -14.417 6.909   1.00 101.72 ? 4   DC  C O2     1 
ATOM   807  N  N3     . DC  C 3 5  ? 2.902   -13.190 8.768   1.00 83.92  ? 4   DC  C N3     1 
ATOM   808  C  C4     . DC  C 3 5  ? 2.085   -12.348 9.397   1.00 103.86 ? 4   DC  C C4     1 
ATOM   809  N  N4     . DC  C 3 5  ? 2.428   -11.941 10.616  1.00 97.48  ? 4   DC  C N4     1 
ATOM   810  C  C5     . DC  C 3 5  ? 0.874   -11.886 8.807   1.00 109.27 ? 4   DC  C C5     1 
ATOM   811  C  C6     . DC  C 3 5  ? 0.575   -12.331 7.583   1.00 110.67 ? 4   DC  C C6     1 
ATOM   812  H  "H5'"  . DC  C 3 5  ? -3.056  -14.271 4.316   1.00 125.44 ? 4   DC  C "H5'"  1 
ATOM   813  H  "H5''" . DC  C 3 5  ? -2.624  -14.115 5.828   1.00 125.44 ? 4   DC  C "H5''" 1 
ATOM   814  H  "H4'"  . DC  C 3 5  ? -0.937  -13.921 3.578   1.00 108.78 ? 4   DC  C "H4'"  1 
ATOM   815  H  "H3'"  . DC  C 3 5  ? -1.061  -15.786 5.628   1.00 129.33 ? 4   DC  C "H3'"  1 
ATOM   816  H  "H2'"  . DC  C 3 5  ? 1.017   -15.587 6.318   1.00 132.96 ? 4   DC  C "H2'"  1 
ATOM   817  H  "H2''" . DC  C 3 5  ? 1.560   -15.528 4.822   1.00 132.96 ? 4   DC  C "H2''" 1 
ATOM   818  H  "H1'"  . DC  C 3 5  ? 1.723   -13.359 4.932   1.00 135.28 ? 4   DC  C "H1'"  1 
ATOM   819  H  H41    . DC  C 3 5  ? 1.923   -11.394 11.046  1.00 117.33 ? 4   DC  C H41    1 
ATOM   820  H  H42    . DC  C 3 5  ? 3.156   -12.226 10.976  1.00 117.33 ? 4   DC  C H42    1 
ATOM   821  H  H5     . DC  C 3 5  ? 0.312   -11.297 9.258   1.00 131.47 ? 4   DC  C H5     1 
ATOM   822  H  H6     . DC  C 3 5  ? -0.207  -12.044 7.170   1.00 133.15 ? 4   DC  C H6     1 
ATOM   823  P  P      . DG  C 3 6  ? -0.182  -17.825 3.973   1.00 123.68 ? 5   DG  C P      1 
ATOM   824  O  OP1    . DG  C 3 6  ? 1.056   -18.111 3.220   1.00 113.00 ? 5   DG  C OP1    1 
ATOM   825  O  OP2    . DG  C 3 6  ? -1.421  -18.576 3.684   1.00 128.47 ? 5   DG  C OP2    1 
ATOM   826  O  "O5'"  . DG  C 3 6  ? 0.130   -17.983 5.526   1.00 88.86  ? 5   DG  C "O5'"  1 
ATOM   827  C  "C5'"  . DG  C 3 6  ? 0.831   -19.119 5.976   1.00 98.73  ? 5   DG  C "C5'"  1 
ATOM   828  C  "C4'"  . DG  C 3 6  ? 2.124   -18.714 6.630   1.00 97.87  ? 5   DG  C "C4'"  1 
ATOM   829  O  "O4'"  . DG  C 3 6  ? 1.923   -17.452 7.306   1.00 102.90 ? 5   DG  C "O4'"  1 
ATOM   830  C  "C3'"  . DG  C 3 6  ? 2.640   -19.690 7.690   1.00 117.76 ? 5   DG  C "C3'"  1 
ATOM   831  O  "O3'"  . DG  C 3 6  ? 4.010   -19.990 7.461   1.00 130.30 ? 5   DG  C "O3'"  1 
ATOM   832  C  "C2'"  . DG  C 3 6  ? 2.415   -18.952 9.009   1.00 103.53 ? 5   DG  C "C2'"  1 
ATOM   833  C  "C1'"  . DG  C 3 6  ? 2.513   -17.509 8.579   1.00 100.88 ? 5   DG  C "C1'"  1 
ATOM   834  N  N9     . DG  C 3 6  ? 1.843   -16.559 9.452   1.00 101.16 ? 5   DG  C N9     1 
ATOM   835  C  C8     . DG  C 3 6  ? 0.664   -15.899 9.212   1.00 107.12 ? 5   DG  C C8     1 
ATOM   836  N  N7     . DG  C 3 6  ? 0.327   -15.079 10.168  1.00 103.03 ? 5   DG  C N7     1 
ATOM   837  C  C5     . DG  C 3 6  ? 1.352   -15.200 11.095  1.00 92.13  ? 5   DG  C C5     1 
ATOM   838  C  C6     . DG  C 3 6  ? 1.536   -14.560 12.339  1.00 91.42  ? 5   DG  C C6     1 
ATOM   839  O  O6     . DG  C 3 6  ? 0.802   -13.722 12.888  1.00 83.13  ? 5   DG  C O6     1 
ATOM   840  N  N1     . DG  C 3 6  ? 2.713   -14.973 12.963  1.00 98.97  ? 5   DG  C N1     1 
ATOM   841  C  C2     . DG  C 3 6  ? 3.596   -15.893 12.443  1.00 97.80  ? 5   DG  C C2     1 
ATOM   842  N  N2     . DG  C 3 6  ? 4.680   -16.165 13.182  1.00 102.26 ? 5   DG  C N2     1 
ATOM   843  N  N3     . DG  C 3 6  ? 3.432   -16.501 11.281  1.00 89.45  ? 5   DG  C N3     1 
ATOM   844  C  C4     . DG  C 3 6  ? 2.298   -16.100 10.661  1.00 97.71  ? 5   DG  C C4     1 
ATOM   845  H  "H5'"  . DG  C 3 6  ? 1.021   -19.698 5.221   1.00 118.82 ? 5   DG  C "H5'"  1 
ATOM   846  H  "H5''" . DG  C 3 6  ? 0.285   -19.600 6.618   1.00 118.82 ? 5   DG  C "H5''" 1 
ATOM   847  H  "H4'"  . DG  C 3 6  ? 2.802   -18.602 5.946   1.00 117.79 ? 5   DG  C "H4'"  1 
ATOM   848  H  "H3'"  . DG  C 3 6  ? 2.115   -20.505 7.673   1.00 141.66 ? 5   DG  C "H3'"  1 
ATOM   849  H  "HO3'" . DG  C 3 6  ? 4.586   -19.797 8.042   1.00 156.71 ? 5   DG  C "HO3'" 1 
ATOM   850  H  "H2'"  . DG  C 3 6  ? 1.535   -19.146 9.369   1.00 124.58 ? 5   DG  C "H2'"  1 
ATOM   851  H  "H2''" . DG  C 3 6  ? 3.110   -19.170 9.651   1.00 124.58 ? 5   DG  C "H2''" 1 
ATOM   852  H  "H1'"  . DG  C 3 6  ? 3.449   -17.263 8.505   1.00 121.40 ? 5   DG  C "H1'"  1 
ATOM   853  H  H8     . DG  C 3 6  ? 0.156   -16.023 8.443   1.00 128.89 ? 5   DG  C H8     1 
ATOM   854  H  H1     . DG  C 3 6  ? 2.900   -14.629 13.729  1.00 119.11 ? 5   DG  C H1     1 
ATOM   855  H  H21    . DG  C 3 6  ? 5.261   -16.732 12.898  1.00 123.06 ? 5   DG  C H21    1 
ATOM   856  H  H22    . DG  C 3 6  ? 4.793   -15.774 13.939  1.00 123.06 ? 5   DG  C H22    1 
ATOM   857  O  "O5'"  . DT  D 4 1  ? 17.114  3.834   -12.814 1.00 110.59 ? 2   DT  D "O5'"  1 
ATOM   858  C  "C5'"  . DT  D 4 1  ? 17.453  4.870   -11.904 1.00 105.02 ? 2   DT  D "C5'"  1 
ATOM   859  C  "C4'"  . DT  D 4 1  ? 18.804  4.613   -11.266 1.00 98.93  ? 2   DT  D "C4'"  1 
ATOM   860  O  "O4'"  . DT  D 4 1  ? 19.282  5.836   -10.662 1.00 108.29 ? 2   DT  D "O4'"  1 
ATOM   861  C  "C3'"  . DT  D 4 1  ? 18.812  3.560   -10.163 1.00 117.40 ? 2   DT  D "C3'"  1 
ATOM   862  O  "O3'"  . DT  D 4 1  ? 19.982  2.751   -10.235 1.00 131.34 ? 2   DT  D "O3'"  1 
ATOM   863  C  "C2'"  . DT  D 4 1  ? 18.754  4.363   -8.866  1.00 119.72 ? 2   DT  D "C2'"  1 
ATOM   864  C  "C1'"  . DT  D 4 1  ? 19.235  5.760   -9.249  1.00 115.11 ? 2   DT  D "C1'"  1 
ATOM   865  N  N1     . DT  D 4 1  ? 18.348  6.845   -8.745  1.00 109.32 ? 2   DT  D N1     1 
ATOM   866  C  C2     . DT  D 4 1  ? 18.605  7.411   -7.519  1.00 120.41 ? 2   DT  D C2     1 
ATOM   867  O  O2     . DT  D 4 1  ? 19.533  7.073   -6.806  1.00 125.77 ? 2   DT  D O2     1 
ATOM   868  N  N3     . DT  D 4 1  ? 17.732  8.400   -7.150  1.00 117.64 ? 2   DT  D N3     1 
ATOM   869  C  C4     . DT  D 4 1  ? 16.650  8.866   -7.872  1.00 104.69 ? 2   DT  D C4     1 
ATOM   870  O  O4     . DT  D 4 1  ? 15.921  9.764   -7.456  1.00 94.21  ? 2   DT  D O4     1 
ATOM   871  C  C5     . DT  D 4 1  ? 16.438  8.227   -9.147  1.00 103.31 ? 2   DT  D C5     1 
ATOM   872  C  C7     . DT  D 4 1  ? 15.296  8.646   -10.015 1.00 102.20 ? 2   DT  D C7     1 
ATOM   873  C  C6     . DT  D 4 1  ? 17.285  7.258   -9.519  1.00 106.09 ? 2   DT  D C6     1 
ATOM   874  H  "H5'"  . DT  D 4 1  ? 16.777  4.919   -11.209 1.00 126.38 ? 2   DT  D "H5'"  1 
ATOM   875  H  "H5''" . DT  D 4 1  ? 17.481  5.716   -12.380 1.00 126.38 ? 2   DT  D "H5''" 1 
ATOM   876  H  "H4'"  . DT  D 4 1  ? 19.428  4.343   -11.958 1.00 119.06 ? 2   DT  D "H4'"  1 
ATOM   877  H  "H3'"  . DT  D 4 1  ? 18.022  3.003   -10.237 1.00 141.22 ? 2   DT  D "H3'"  1 
ATOM   878  H  "H2'"  . DT  D 4 1  ? 17.844  4.399   -8.532  1.00 144.01 ? 2   DT  D "H2'"  1 
ATOM   879  H  "H2''" . DT  D 4 1  ? 19.344  3.974   -8.202  1.00 144.01 ? 2   DT  D "H2''" 1 
ATOM   880  H  "H1'"  . DT  D 4 1  ? 20.127  5.894   -8.896  1.00 138.47 ? 2   DT  D "H1'"  1 
ATOM   881  H  H3     . DT  D 4 1  ? 17.873  8.772   -6.387  1.00 141.52 ? 2   DT  D H3     1 
ATOM   882  H  H71    . DT  D 4 1  ? 15.636  8.969   -10.863 1.00 122.98 ? 2   DT  D H71    1 
ATOM   883  H  H72    . DT  D 4 1  ? 14.711  7.888   -10.167 1.00 122.98 ? 2   DT  D H72    1 
ATOM   884  H  H73    . DT  D 4 1  ? 14.799  9.355   -9.575  1.00 122.98 ? 2   DT  D H73    1 
ATOM   885  H  H6     . DT  D 4 1  ? 17.150  6.845   -10.342 1.00 127.66 ? 2   DT  D H6     1 
ATOM   886  P  P      . DC  D 4 2  ? 20.169  1.509   -9.229  1.00 148.33 ? 3   DC  D P      1 
ATOM   887  O  OP1    . DC  D 4 2  ? 21.109  0.570   -9.882  1.00 128.07 ? 3   DC  D OP1    1 
ATOM   888  O  OP2    . DC  D 4 2  ? 18.824  1.032   -8.832  1.00 152.42 ? 3   DC  D OP2    1 
ATOM   889  O  "O5'"  . DC  D 4 2  ? 20.887  2.148   -7.943  1.00 130.14 ? 3   DC  D "O5'"  1 
ATOM   890  C  "C5'"  . DC  D 4 2  ? 20.761  1.525   -6.659  1.00 123.01 ? 3   DC  D "C5'"  1 
ATOM   891  C  "C4'"  . DC  D 4 2  ? 21.372  2.392   -5.575  1.00 114.59 ? 3   DC  D "C4'"  1 
ATOM   892  O  "O4'"  . DC  D 4 2  ? 20.744  3.705   -5.598  1.00 121.58 ? 3   DC  D "O4'"  1 
ATOM   893  C  "C3'"  . DC  D 4 2  ? 21.188  1.872   -4.152  1.00 114.12 ? 3   DC  D "C3'"  1 
ATOM   894  O  "O3'"  . DC  D 4 2  ? 22.336  2.133   -3.360  1.00 128.14 ? 3   DC  D "O3'"  1 
ATOM   895  C  "C2'"  . DC  D 4 2  ? 19.982  2.639   -3.655  1.00 122.10 ? 3   DC  D "C2'"  1 
ATOM   896  C  "C1'"  . DC  D 4 2  ? 20.155  3.981   -4.337  1.00 123.24 ? 3   DC  D "C1'"  1 
ATOM   897  N  N1     . DC  D 4 2  ? 18.884  4.720   -4.548  1.00 125.06 ? 3   DC  D N1     1 
ATOM   898  C  C2     . DC  D 4 2  ? 18.022  4.332   -5.577  1.00 116.67 ? 3   DC  D C2     1 
ATOM   899  O  O2     . DC  D 4 2  ? 18.329  3.367   -6.286  1.00 100.87 ? 3   DC  D O2     1 
ATOM   900  N  N3     . DC  D 4 2  ? 16.871  5.024   -5.764  1.00 104.69 ? 3   DC  D N3     1 
ATOM   901  C  C4     . DC  D 4 2  ? 16.576  6.058   -4.970  1.00 111.94 ? 3   DC  D C4     1 
ATOM   902  N  N4     . DC  D 4 2  ? 15.431  6.707   -5.196  1.00 90.60  ? 3   DC  D N4     1 
ATOM   903  C  C5     . DC  D 4 2  ? 17.445  6.469   -3.916  1.00 113.91 ? 3   DC  D C5     1 
ATOM   904  C  C6     . DC  D 4 2  ? 18.577  5.779   -3.742  1.00 116.33 ? 3   DC  D C6     1 
ATOM   905  H  "H5'"  . DC  D 4 2  ? 21.214  0.667   -6.675  1.00 147.96 ? 3   DC  D "H5'"  1 
ATOM   906  H  "H5''" . DC  D 4 2  ? 19.821  1.385   -6.463  1.00 147.96 ? 3   DC  D "H5''" 1 
ATOM   907  H  "H4'"  . DC  D 4 2  ? 22.320  2.493   -5.752  1.00 137.85 ? 3   DC  D "H4'"  1 
ATOM   908  H  "H3'"  . DC  D 4 2  ? 20.998  0.921   -4.165  1.00 137.29 ? 3   DC  D "H3'"  1 
ATOM   909  H  "H2'"  . DC  D 4 2  ? 19.159  2.212   -3.940  1.00 146.86 ? 3   DC  D "H2'"  1 
ATOM   910  H  "H2''" . DC  D 4 2  ? 20.008  2.737   -2.691  1.00 146.86 ? 3   DC  D "H2''" 1 
ATOM   911  H  "H1'"  . DC  D 4 2  ? 20.761  4.529   -3.815  1.00 148.24 ? 3   DC  D "H1'"  1 
ATOM   912  H  H41    . DC  D 4 2  ? 15.212  7.377   -4.703  1.00 109.07 ? 3   DC  D H41    1 
ATOM   913  H  H42    . DC  D 4 2  ? 14.912  6.454   -5.833  1.00 109.07 ? 3   DC  D H42    1 
ATOM   914  H  H5     . DC  D 4 2  ? 17.232  7.190   -3.370  1.00 137.04 ? 3   DC  D H5     1 
ATOM   915  H  H6     . DC  D 4 2  ? 19.163  6.024   -3.064  1.00 139.94 ? 3   DC  D H6     1 
ATOM   916  P  P      . DT  D 4 3  ? 22.536  1.400   -1.942  1.00 161.10 ? 4   DT  D P      1 
ATOM   917  O  OP1    . DT  D 4 3  ? 23.947  1.616   -1.559  1.00 170.33 ? 4   DT  D OP1    1 
ATOM   918  O  OP2    . DT  D 4 3  ? 22.016  0.021   -2.081  1.00 157.45 ? 4   DT  D OP2    1 
ATOM   919  O  "O5'"  . DT  D 4 3  ? 21.599  2.202   -0.908  1.00 134.54 ? 4   DT  D "O5'"  1 
ATOM   920  C  "C5'"  . DT  D 4 3  ? 21.509  1.758   0.458   1.00 122.12 ? 4   DT  D "C5'"  1 
ATOM   921  C  "C4'"  . DT  D 4 3  ? 20.602  2.659   1.279   1.00 130.45 ? 4   DT  D "C4'"  1 
ATOM   922  O  "O4'"  . DT  D 4 3  ? 20.025  3.698   0.437   1.00 133.62 ? 4   DT  D "O4'"  1 
ATOM   923  C  "C3'"  . DT  D 4 3  ? 19.392  1.967   1.890   1.00 138.27 ? 4   DT  D "C3'"  1 
ATOM   924  O  "O3'"  . DT  D 4 3  ? 19.711  1.225   3.103   1.00 133.47 ? 4   DT  D "O3'"  1 
ATOM   925  C  "C2'"  . DT  D 4 3  ? 18.453  3.145   2.110   1.00 136.90 ? 4   DT  D "C2'"  1 
ATOM   926  C  "C1'"  . DT  D 4 3  ? 18.689  3.974   0.859   1.00 131.47 ? 4   DT  D "C1'"  1 
ATOM   927  N  N1     . DT  D 4 3  ? 17.757  3.656   -0.269  1.00 125.85 ? 4   DT  D N1     1 
ATOM   928  C  C2     . DT  D 4 3  ? 18.042  2.591   -1.091  1.00 123.99 ? 4   DT  D C2     1 
ATOM   929  O  O2     . DT  D 4 3  ? 19.012  1.878   -0.946  1.00 130.47 ? 4   DT  D O2     1 
ATOM   930  N  N3     . DT  D 4 3  ? 17.152  2.392   -2.107  1.00 120.61 ? 4   DT  D N3     1 
ATOM   931  C  C4     . DT  D 4 3  ? 16.021  3.128   -2.376  1.00 109.40 ? 4   DT  D C4     1 
ATOM   932  O  O4     . DT  D 4 3  ? 15.277  2.868   -3.316  1.00 103.41 ? 4   DT  D O4     1 
ATOM   933  C  C5     . DT  D 4 3  ? 15.770  4.227   -1.480  1.00 106.49 ? 4   DT  D C5     1 
ATOM   934  C  C7     . DT  D 4 3  ? 14.564  5.083   -1.686  1.00 100.89 ? 4   DT  D C7     1 
ATOM   935  C  C6     . DT  D 4 3  ? 16.641  4.443   -0.478  1.00 113.52 ? 4   DT  D C6     1 
ATOM   936  H  "H5'"  . DT  D 4 3  ? 22.395  1.759   0.850   1.00 146.89 ? 4   DT  D "H5'"  1 
ATOM   937  H  "H5''" . DT  D 4 3  ? 21.156  0.854   0.474   1.00 146.89 ? 4   DT  D "H5''" 1 
ATOM   938  H  "H4'"  . DT  D 4 3  ? 21.121  3.074   1.986   1.00 156.89 ? 4   DT  D "H4'"  1 
ATOM   939  H  "H3'"  . DT  D 4 3  ? 19.004  1.363   1.236   1.00 166.27 ? 4   DT  D "H3'"  1 
ATOM   940  H  "H2'"  . DT  D 4 3  ? 17.530  2.848   2.159   1.00 164.63 ? 4   DT  D "H2'"  1 
ATOM   941  H  "H2''" . DT  D 4 3  ? 18.702  3.642   2.905   1.00 164.63 ? 4   DT  D "H2''" 1 
ATOM   942  H  "H1'"  . DT  D 4 3  ? 18.612  4.915   1.081   1.00 158.11 ? 4   DT  D "H1'"  1 
ATOM   943  H  H3     . DT  D 4 3  ? 17.315  1.733   -2.634  1.00 145.08 ? 4   DT  D H3     1 
ATOM   944  H  H71    . DT  D 4 3  ? 14.068  4.764   -2.456  1.00 121.41 ? 4   DT  D H71    1 
ATOM   945  H  H72    . DT  D 4 3  ? 14.000  5.042   -0.898  1.00 121.41 ? 4   DT  D H72    1 
ATOM   946  H  H73    . DT  D 4 3  ? 14.840  6.001   -1.838  1.00 121.41 ? 4   DT  D H73    1 
ATOM   947  H  H6     . DT  D 4 3  ? 16.482  5.151   0.103   1.00 136.57 ? 4   DT  D H6     1 
ATOM   948  P  P      . DG  D 4 4  ? 20.609  1.842   4.287   1.00 156.60 ? 5   DG  D P      1 
ATOM   949  O  OP1    . DG  D 4 4  ? 21.990  2.007   3.776   1.00 144.29 ? 5   DG  D OP1    1 
ATOM   950  O  OP2    . DG  D 4 4  ? 20.376  0.987   5.476   1.00 139.90 ? 5   DG  D OP2    1 
ATOM   951  O  "O5'"  . DG  D 4 4  ? 19.958  3.274   4.576   1.00 155.35 ? 5   DG  D "O5'"  1 
ATOM   952  C  "C5'"  . DG  D 4 4  ? 19.496  3.615   5.883   1.00 151.97 ? 5   DG  D "C5'"  1 
ATOM   953  C  "C4'"  . DG  D 4 4  ? 17.995  3.376   6.033   1.00 134.43 ? 5   DG  D "C4'"  1 
ATOM   954  O  "O4'"  . DG  D 4 4  ? 17.385  3.135   4.733   1.00 129.55 ? 5   DG  D "O4'"  1 
ATOM   955  C  "C3'"  . DG  D 4 4  ? 17.608  2.173   6.904   1.00 122.33 ? 5   DG  D "C3'"  1 
ATOM   956  O  "O3'"  . DG  D 4 4  ? 16.716  2.578   7.913   1.00 131.26 ? 5   DG  D "O3'"  1 
ATOM   957  C  "C2'"  . DG  D 4 4  ? 16.953  1.203   5.921   1.00 119.22 ? 5   DG  D "C2'"  1 
ATOM   958  C  "C1'"  . DG  D 4 4  ? 16.391  2.149   4.881   1.00 115.03 ? 5   DG  D "C1'"  1 
ATOM   959  N  N9     . DG  D 4 4  ? 16.111  1.538   3.581   1.00 115.63 ? 5   DG  D N9     1 
ATOM   960  C  C8     . DG  D 4 4  ? 16.768  0.480   2.996   1.00 114.41 ? 5   DG  D C8     1 
ATOM   961  N  N7     . DG  D 4 4  ? 16.293  0.157   1.823   1.00 110.73 ? 5   DG  D N7     1 
ATOM   962  C  C5     . DG  D 4 4  ? 15.250  1.054   1.617   1.00 104.90 ? 5   DG  D C5     1 
ATOM   963  C  C6     . DG  D 4 4  ? 14.364  1.191   0.517   1.00 82.25  ? 5   DG  D C6     1 
ATOM   964  O  O6     . DG  D 4 4  ? 14.323  0.525   -0.529  1.00 82.25  ? 5   DG  D O6     1 
ATOM   965  N  N1     . DG  D 4 4  ? 13.456  2.228   0.715   1.00 82.25  ? 5   DG  D N1     1 
ATOM   966  C  C2     . DG  D 4 4  ? 13.413  3.034   1.832   1.00 100.55 ? 5   DG  D C2     1 
ATOM   967  N  N2     . DG  D 4 4  ? 12.468  3.982   1.846   1.00 92.21  ? 5   DG  D N2     1 
ATOM   968  N  N3     . DG  D 4 4  ? 14.236  2.916   2.867   1.00 100.36 ? 5   DG  D N3     1 
ATOM   969  C  C4     . DG  D 4 4  ? 15.125  1.909   2.691   1.00 113.75 ? 5   DG  D C4     1 
ATOM   970  H  "H5'"  . DG  D 4 4  ? 19.685  4.552   6.050   1.00 182.71 ? 5   DG  D "H5'"  1 
ATOM   971  H  "H5''" . DG  D 4 4  ? 19.968  3.076   6.535   1.00 182.71 ? 5   DG  D "H5''" 1 
ATOM   972  H  "H4'"  . DG  D 4 4  ? 17.595  4.172   6.417   1.00 161.66 ? 5   DG  D "H4'"  1 
ATOM   973  H  "H3'"  . DG  D 4 4  ? 18.399  1.771   7.293   1.00 147.14 ? 5   DG  D "H3'"  1 
ATOM   974  H  "H2'"  . DG  D 4 4  ? 17.612  0.609   5.529   1.00 143.41 ? 5   DG  D "H2'"  1 
ATOM   975  H  "H2''" . DG  D 4 4  ? 16.243  0.701   6.351   1.00 143.41 ? 5   DG  D "H2''" 1 
ATOM   976  H  "H1'"  . DG  D 4 4  ? 15.582  2.559   5.225   1.00 138.38 ? 5   DG  D "H1'"  1 
ATOM   977  H  H8     . DG  D 4 4  ? 17.484  0.041   3.394   1.00 137.63 ? 5   DG  D H8     1 
ATOM   978  H  H1     . DG  D 4 4  ? 12.881  2.379   0.093   1.00 99.04  ? 5   DG  D H1     1 
ATOM   979  H  H21    . DG  D 4 4  ? 12.398  4.509   2.523   1.00 111.00 ? 5   DG  D H21    1 
ATOM   980  H  H22    . DG  D 4 4  ? 11.931  4.065   1.180   1.00 111.00 ? 5   DG  D H22    1 
ATOM   981  P  P      . DA  D 4 5  ? 16.743  1.872   9.351   1.00 148.25 ? 6   DA  D P      1 
ATOM   982  O  OP1    . DA  D 4 5  ? 18.040  2.210   9.984   1.00 147.56 ? 6   DA  D OP1    1 
ATOM   983  O  OP2    . DA  D 4 5  ? 16.355  0.455   9.158   1.00 138.99 ? 6   DA  D OP2    1 
ATOM   984  O  "O5'"  . DA  D 4 5  ? 15.555  2.597   10.141  1.00 150.06 ? 6   DA  D "O5'"  1 
ATOM   985  C  "C5'"  . DA  D 4 5  ? 15.398  4.012   10.055  1.00 139.13 ? 6   DA  D "C5'"  1 
ATOM   986  C  "C4'"  . DA  D 4 5  ? 13.955  4.381   9.761   1.00 121.27 ? 6   DA  D "C4'"  1 
ATOM   987  O  "O4'"  . DA  D 4 5  ? 13.629  3.998   8.399   1.00 119.79 ? 6   DA  D "O4'"  1 
ATOM   988  C  "C3'"  . DA  D 4 5  ? 12.936  3.698   10.663  1.00 113.67 ? 6   DA  D "C3'"  1 
ATOM   989  O  "O3'"  . DA  D 4 5  ? 11.982  4.625   11.125  1.00 120.42 ? 6   DA  D "O3'"  1 
ATOM   990  C  "C2'"  . DA  D 4 5  ? 12.312  2.616   9.790   1.00 108.88 ? 6   DA  D "C2'"  1 
ATOM   991  C  "C1'"  . DA  D 4 5  ? 12.514  3.133   8.370   1.00 105.46 ? 6   DA  D "C1'"  1 
ATOM   992  N  N9     . DA  D 4 5  ? 12.775  2.077   7.387   1.00 105.89 ? 6   DA  D N9     1 
ATOM   993  C  C8     . DA  D 4 5  ? 13.713  1.083   7.471   1.00 106.99 ? 6   DA  D C8     1 
ATOM   994  N  N7     . DA  D 4 5  ? 13.725  0.275   6.436   1.00 89.84  ? 6   DA  D N7     1 
ATOM   995  C  C5     . DA  D 4 5  ? 12.733  0.773   5.614   1.00 87.87  ? 6   DA  D C5     1 
ATOM   996  C  C6     . DA  D 4 5  ? 12.248  0.359   4.359   1.00 86.32  ? 6   DA  D C6     1 
ATOM   997  N  N6     . DA  D 4 5  ? 12.734  -0.696  3.698   1.00 83.31  ? 6   DA  D N6     1 
ATOM   998  N  N1     . DA  D 4 5  ? 11.245  1.073   3.810   1.00 83.31  ? 6   DA  D N1     1 
ATOM   999  C  C2     . DA  D 4 5  ? 10.765  2.131   4.477   1.00 91.15  ? 6   DA  D C2     1 
ATOM   1000 N  N3     . DA  D 4 5  ? 11.138  2.616   5.660   1.00 88.79  ? 6   DA  D N3     1 
ATOM   1001 C  C4     . DA  D 4 5  ? 12.136  1.884   6.182   1.00 96.63  ? 6   DA  D C4     1 
ATOM   1002 H  "H5'"  . DA  D 4 5  ? 15.964  4.353   9.346   1.00 167.30 ? 6   DA  D "H5'"  1 
ATOM   1003 H  "H5''" . DA  D 4 5  ? 15.663  4.414   10.897  1.00 167.30 ? 6   DA  D "H5''" 1 
ATOM   1004 H  "H4'"  . DA  D 4 5  ? 13.856  5.341   9.848   1.00 145.88 ? 6   DA  D "H4'"  1 
ATOM   1005 H  "H3'"  . DA  D 4 5  ? 13.388  3.289   11.418  1.00 136.76 ? 6   DA  D "H3'"  1 
ATOM   1006 H  "H2'"  . DA  D 4 5  ? 12.772  1.770   9.913   1.00 131.00 ? 6   DA  D "H2'"  1 
ATOM   1007 H  "H2''" . DA  D 4 5  ? 11.367  2.523   9.987   1.00 131.00 ? 6   DA  D "H2''" 1 
ATOM   1008 H  "H1'"  . DA  D 4 5  ? 11.730  3.634   8.099   1.00 126.90 ? 6   DA  D "H1'"  1 
ATOM   1009 H  H8     . DA  D 4 5  ? 14.287  0.987   8.196   1.00 128.74 ? 6   DA  D H8     1 
ATOM   1010 H  H61    . DA  D 4 5  ? 12.407  -0.911  2.932   1.00 100.32 ? 6   DA  D H61    1 
ATOM   1011 H  H62    . DA  D 4 5  ? 13.375  -1.158  4.038   1.00 100.32 ? 6   DA  D H62    1 
ATOM   1012 H  H2     . DA  D 4 5  ? 10.075  2.591   4.056   1.00 109.73 ? 6   DA  D H2     1 
ATOM   1013 P  P      . DG  D 4 6  ? 10.883  4.151   12.189  1.00 122.42 ? 7   DG  D P      1 
ATOM   1014 O  OP1    . DG  D 4 6  ? 10.450  5.335   12.961  1.00 131.21 ? 7   DG  D OP1    1 
ATOM   1015 O  OP2    . DG  D 4 6  ? 11.446  2.971   12.884  1.00 110.91 ? 7   DG  D OP2    1 
ATOM   1016 O  "O5'"  . DG  D 4 6  ? 9.673   3.657   11.275  1.00 109.60 ? 7   DG  D "O5'"  1 
ATOM   1017 C  "C5'"  . DG  D 4 6  ? 9.162   4.508   10.264  1.00 121.02 ? 7   DG  D "C5'"  1 
ATOM   1018 C  "C4'"  . DG  D 4 6  ? 8.298   3.728   9.298   1.00 110.21 ? 7   DG  D "C4'"  1 
ATOM   1019 O  "O4'"  . DG  D 4 6  ? 9.116   2.808   8.557   1.00 112.79 ? 7   DG  D "O4'"  1 
ATOM   1020 C  "C3'"  . DG  D 4 6  ? 7.233   2.866   9.960   1.00 98.99  ? 7   DG  D "C3'"  1 
ATOM   1021 O  "O3'"  . DG  D 4 6  ? 5.995   3.576   10.016  1.00 101.42 ? 7   DG  D "O3'"  1 
ATOM   1022 C  "C2'"  . DG  D 4 6  ? 7.170   1.597   9.086   1.00 93.21  ? 7   DG  D "C2'"  1 
ATOM   1023 C  "C1'"  . DG  D 4 6  ? 8.301   1.771   8.074   1.00 99.99  ? 7   DG  D "C1'"  1 
ATOM   1024 N  N9     . DG  D 4 6  ? 9.138   0.589   7.885   1.00 92.49  ? 7   DG  D N9     1 
ATOM   1025 C  C8     . DG  D 4 6  ? 10.116  0.127   8.736   1.00 95.88  ? 7   DG  D C8     1 
ATOM   1026 N  N7     . DG  D 4 6  ? 10.720  -0.944  8.299   1.00 81.12  ? 7   DG  D N7     1 
ATOM   1027 C  C5     . DG  D 4 6  ? 10.110  -1.206  7.081   1.00 82.36  ? 7   DG  D C5     1 
ATOM   1028 C  C6     . DG  D 4 6  ? 10.350  -2.245  6.148   1.00 98.83  ? 7   DG  D C6     1 
ATOM   1029 O  O6     . DG  D 4 6  ? 11.176  -3.167  6.223   1.00 101.46 ? 7   DG  D O6     1 
ATOM   1030 N  N1     . DG  D 4 6  ? 9.513   -2.144  5.037   1.00 86.19  ? 7   DG  D N1     1 
ATOM   1031 C  C2     . DG  D 4 6  ? 8.563   -1.168  4.855   1.00 82.98  ? 7   DG  D C2     1 
ATOM   1032 N  N2     . DG  D 4 6  ? 7.850   -1.243  3.723   1.00 81.12  ? 7   DG  D N2     1 
ATOM   1033 N  N3     . DG  D 4 6  ? 8.324   -0.188  5.723   1.00 81.12  ? 7   DG  D N3     1 
ATOM   1034 C  C4     . DG  D 4 6  ? 9.135   -0.269  6.809   1.00 81.12  ? 7   DG  D C4     1 
ATOM   1035 H  "H5'"  . DG  D 4 6  ? 9.901   4.908   9.780   1.00 145.57 ? 7   DG  D "H5'"  1 
ATOM   1036 H  "H5''" . DG  D 4 6  ? 8.632   5.209   10.674  1.00 145.57 ? 7   DG  D "H5''" 1 
ATOM   1037 H  "H4'"  . DG  D 4 6  ? 7.872   4.343   8.683   1.00 132.59 ? 7   DG  D "H4'"  1 
ATOM   1038 H  "H3'"  . DG  D 4 6  ? 7.516   2.631   10.857  1.00 119.14 ? 7   DG  D "H3'"  1 
ATOM   1039 H  "H2'"  . DG  D 4 6  ? 7.320   0.806   9.627   1.00 112.20 ? 7   DG  D "H2'"  1 
ATOM   1040 H  "H2''" . DG  D 4 6  ? 6.314   1.540   8.632   1.00 112.20 ? 7   DG  D "H2''" 1 
ATOM   1041 H  "H1'"  . DG  D 4 6  ? 7.925   2.034   7.219   1.00 120.34 ? 7   DG  D "H1'"  1 
ATOM   1042 H  H8     . DG  D 4 6  ? 10.324  0.536   9.544   1.00 115.40 ? 7   DG  D H8     1 
ATOM   1043 H  H1     . DG  D 4 6  ? 9.592   -2.742  4.424   1.00 103.77 ? 7   DG  D H1     1 
ATOM   1044 H  H21    . DG  D 4 6  ? 7.241   -0.659  3.559   1.00 97.69  ? 7   DG  D H21    1 
ATOM   1045 H  H22    . DG  D 4 6  ? 8.002   -1.875  3.160   1.00 97.69  ? 7   DG  D H22    1 
ATOM   1046 P  P      . DT  D 4 7  ? 4.612   2.790   10.220  1.00 103.19 ? 8   DT  D P      1 
ATOM   1047 O  OP1    . DT  D 4 7  ? 3.605   3.746   10.738  1.00 99.89  ? 8   DT  D OP1    1 
ATOM   1048 O  OP2    . DT  D 4 7  ? 4.921   1.551   10.968  1.00 107.66 ? 8   DT  D OP2    1 
ATOM   1049 O  "O5'"  . DT  D 4 7  ? 4.213   2.375   8.732   1.00 101.61 ? 8   DT  D "O5'"  1 
ATOM   1050 C  "C5'"  . DT  D 4 7  ? 2.989   1.722   8.484   1.00 93.21  ? 8   DT  D "C5'"  1 
ATOM   1051 C  "C4'"  . DT  D 4 7  ? 2.926   1.217   7.054   1.00 82.87  ? 8   DT  D "C4'"  1 
ATOM   1052 O  "O4'"  . DT  D 4 7  ? 4.108   0.420   6.766   1.00 83.14  ? 8   DT  D "O4'"  1 
ATOM   1053 C  "C3'"  . DT  D 4 7  ? 1.723   0.321   6.743   1.00 77.92  ? 8   DT  D "C3'"  1 
ATOM   1054 O  "O3'"  . DT  D 4 7  ? 1.011   0.815   5.618   1.00 82.76  ? 8   DT  D "O3'"  1 
ATOM   1055 C  "C2'"  . DT  D 4 7  ? 2.338   -1.055  6.481   1.00 77.92  ? 8   DT  D "C2'"  1 
ATOM   1056 C  "C1'"  . DT  D 4 7  ? 3.735   -0.710  6.014   1.00 77.92  ? 8   DT  D "C1'"  1 
ATOM   1057 N  N1     . DT  D 4 7  ? 4.755   -1.786  6.221   1.00 77.92  ? 8   DT  D N1     1 
ATOM   1058 C  C2     . DT  D 4 7  ? 4.952   -2.733  5.235   1.00 92.48  ? 8   DT  D C2     1 
ATOM   1059 O  O2     . DT  D 4 7  ? 4.320   -2.757  4.194   1.00 88.30  ? 8   DT  D O2     1 
ATOM   1060 N  N3     . DT  D 4 7  ? 5.920   -3.661  5.514   1.00 86.61  ? 8   DT  D N3     1 
ATOM   1061 C  C4     . DT  D 4 7  ? 6.700   -3.733  6.654   1.00 87.31  ? 8   DT  D C4     1 
ATOM   1062 O  O4     . DT  D 4 7  ? 7.548   -4.604  6.816   1.00 83.02  ? 8   DT  D O4     1 
ATOM   1063 C  C5     . DT  D 4 7  ? 6.449   -2.709  7.637   1.00 77.92  ? 8   DT  D C5     1 
ATOM   1064 C  C7     . DT  D 4 7  ? 7.238   -2.690  8.908   1.00 77.92  ? 8   DT  D C7     1 
ATOM   1065 C  C6     . DT  D 4 7  ? 5.504   -1.794  7.379   1.00 77.92  ? 8   DT  D C6     1 
ATOM   1066 H  "H5'"  . DT  D 4 7  ? 2.259   2.345   8.635   1.00 112.20 ? 8   DT  D "H5'"  1 
ATOM   1067 H  "H5''" . DT  D 4 7  ? 2.898   0.972   9.091   1.00 112.20 ? 8   DT  D "H5''" 1 
ATOM   1068 H  "H4'"  . DT  D 4 7  ? 2.910   1.979   6.454   1.00 99.79  ? 8   DT  D "H4'"  1 
ATOM   1069 H  "H3'"  . DT  D 4 7  ? 1.136   0.279   7.515   1.00 93.85  ? 8   DT  D "H3'"  1 
ATOM   1070 H  "H2'"  . DT  D 4 7  ? 2.367   -1.579  7.296   1.00 93.85  ? 8   DT  D "H2'"  1 
ATOM   1071 H  "H2''" . DT  D 4 7  ? 1.848   -1.523  5.787   1.00 93.85  ? 8   DT  D "H2''" 1 
ATOM   1072 H  "H1'"  . DT  D 4 7  ? 3.708   -0.473  5.074   1.00 93.85  ? 8   DT  D "H1'"  1 
ATOM   1073 H  H3     . DT  D 4 7  ? 6.059   -4.262  4.916   1.00 104.28 ? 8   DT  D H3     1 
ATOM   1074 H  H71    . DT  D 4 7  ? 7.722   -1.851  8.975   1.00 93.85  ? 8   DT  D H71    1 
ATOM   1075 H  H72    . DT  D 4 7  ? 6.638   -2.778  9.663   1.00 93.85  ? 8   DT  D H72    1 
ATOM   1076 H  H73    . DT  D 4 7  ? 7.869   -3.427  8.908   1.00 93.85  ? 8   DT  D H73    1 
ATOM   1077 H  H6     . DT  D 4 7  ? 5.342   -1.135  8.014   1.00 93.85  ? 8   DT  D H6     1 
ATOM   1078 P  P      . DC  D 4 8  ? -0.512  0.373   5.364   1.00 94.53  ? 9   DC  D P      1 
ATOM   1079 O  OP1    . DC  D 4 8  ? -0.991  1.039   4.129   1.00 78.84  ? 9   DC  D OP1    1 
ATOM   1080 O  OP2    . DC  D 4 8  ? -1.231  0.577   6.642   1.00 78.84  ? 9   DC  D OP2    1 
ATOM   1081 O  "O5'"  . DC  D 4 8  ? -0.410  -1.201  5.083   1.00 98.98  ? 9   DC  D "O5'"  1 
ATOM   1082 C  "C5'"  . DC  D 4 8  ? -0.958  -1.745  3.885   1.00 97.67  ? 9   DC  D "C5'"  1 
ATOM   1083 C  "C4'"  . DC  D 4 8  ? -0.193  -2.978  3.438   1.00 85.30  ? 9   DC  D "C4'"  1 
ATOM   1084 O  "O4'"  . DC  D 4 8  ? 0.921   -3.214  4.316   1.00 88.48  ? 9   DC  D "O4'"  1 
ATOM   1085 C  "C3'"  . DC  D 4 8  ? -0.987  -4.285  3.451   1.00 78.84  ? 9   DC  D "C3'"  1 
ATOM   1086 O  "O3'"  . DC  D 4 8  ? -1.291  -4.677  2.138   1.00 81.97  ? 9   DC  D "O3'"  1 
ATOM   1087 C  "C2'"  . DC  D 4 8  ? -0.066  -5.291  4.152   1.00 78.84  ? 9   DC  D "C2'"  1 
ATOM   1088 C  "C1'"  . DC  D 4 8  ? 1.259   -4.564  4.192   1.00 78.84  ? 9   DC  D "C1'"  1 
ATOM   1089 N  N1     . DC  D 4 8  ? 2.137   -4.937  5.307   1.00 78.84  ? 9   DC  D N1     1 
ATOM   1090 C  C2     . DC  D 4 8  ? 3.031   -6.003  5.161   1.00 78.84  ? 9   DC  D C2     1 
ATOM   1091 O  O2     . DC  D 4 8  ? 3.047   -6.636  4.097   1.00 78.84  ? 9   DC  D O2     1 
ATOM   1092 N  N3     . DC  D 4 8  ? 3.848   -6.317  6.193   1.00 80.27  ? 9   DC  D N3     1 
ATOM   1093 C  C4     . DC  D 4 8  ? 3.795   -5.604  7.321   1.00 91.60  ? 9   DC  D C4     1 
ATOM   1094 N  N4     . DC  D 4 8  ? 4.616   -5.948  8.317   1.00 95.52  ? 9   DC  D N4     1 
ATOM   1095 C  C5     . DC  D 4 8  ? 2.895   -4.513  7.480   1.00 82.39  ? 9   DC  D C5     1 
ATOM   1096 C  C6     . DC  D 4 8  ? 2.097   -4.214  6.456   1.00 78.84  ? 9   DC  D C6     1 
ATOM   1097 H  "H5'"  . DC  D 4 8  ? -0.919  -1.076  3.184   1.00 117.55 ? 9   DC  D "H5'"  1 
ATOM   1098 H  "H5''" . DC  D 4 8  ? -1.885  -1.987  4.040   1.00 117.55 ? 9   DC  D "H5''" 1 
ATOM   1099 H  "H4'"  . DC  D 4 8  ? 0.145   -2.827  2.541   1.00 102.71 ? 9   DC  D "H4'"  1 
ATOM   1100 H  "H3'"  . DC  D 4 8  ? -1.805  -4.171  3.961   1.00 94.95  ? 9   DC  D "H3'"  1 
ATOM   1101 H  "H2'"  . DC  D 4 8  ? -0.381  -5.479  5.049   1.00 94.95  ? 9   DC  D "H2'"  1 
ATOM   1102 H  "H2''" . DC  D 4 8  ? 0.008   -6.109  3.633   1.00 94.95  ? 9   DC  D "H2''" 1 
ATOM   1103 H  "H1'"  . DC  D 4 8  ? 1.727   -4.702  3.354   1.00 94.95  ? 9   DC  D "H1'"  1 
ATOM   1104 H  H41    . DC  D 4 8  ? 4.604   -5.507  9.055   1.00 114.97 ? 9   DC  D H41    1 
ATOM   1105 H  H42    . DC  D 4 8  ? 5.156   -6.611  8.220   1.00 114.97 ? 9   DC  D H42    1 
ATOM   1106 H  H5     . DC  D 4 8  ? 2.866   -4.024  8.271   1.00 99.21  ? 9   DC  D H5     1 
ATOM   1107 H  H6     . DC  D 4 8  ? 1.501   -3.503  6.530   1.00 94.95  ? 9   DC  D H6     1 
ATOM   1108 P  P      . DG  D 4 9  ? -2.440  -3.907  1.329   1.00 117.95 ? 10  DG  D P      1 
ATOM   1109 O  OP1    . DG  D 4 9  ? -2.778  -4.717  0.134   1.00 117.12 ? 10  DG  D OP1    1 
ATOM   1110 O  OP2    . DG  D 4 9  ? -1.993  -2.506  1.172   1.00 101.19 ? 10  DG  D OP2    1 
ATOM   1111 O  "O5'"  . DG  D 4 9  ? -3.675  -3.899  2.348   1.00 93.27  ? 10  DG  D "O5'"  1 
ATOM   1112 C  "C5'"  . DG  D 4 9  ? -4.162  -5.123  2.906   1.00 89.61  ? 10  DG  D "C5'"  1 
ATOM   1113 C  "C4'"  . DG  D 4 9  ? -5.674  -5.105  2.995   1.00 92.90  ? 10  DG  D "C4'"  1 
ATOM   1114 O  "O4'"  . DG  D 4 9  ? -6.091  -4.146  3.999   1.00 103.25 ? 10  DG  D "O4'"  1 
ATOM   1115 C  "C3'"  . DG  D 4 9  ? -6.373  -4.674  1.719   1.00 102.50 ? 10  DG  D "C3'"  1 
ATOM   1116 O  "O3'"  . DG  D 4 9  ? -6.611  -5.778  0.876   1.00 114.97 ? 10  DG  D "O3'"  1 
ATOM   1117 C  "C2'"  . DG  D 4 9  ? -7.658  -4.048  2.229   1.00 98.53  ? 10  DG  D "C2'"  1 
ATOM   1118 C  "C1'"  . DG  D 4 9  ? -7.224  -3.421  3.546   1.00 76.75  ? 10  DG  D "C1'"  1 
ATOM   1119 N  N9     . DG  D 4 9  ? -6.855  -2.022  3.426   1.00 76.75  ? 10  DG  D N9     1 
ATOM   1120 C  C8     . DG  D 4 9  ? -5.598  -1.489  3.558   1.00 76.75  ? 10  DG  D C8     1 
ATOM   1121 N  N7     . DG  D 4 9  ? -5.563  -0.198  3.398   1.00 86.68  ? 10  DG  D N7     1 
ATOM   1122 C  C5     . DG  D 4 9  ? -6.884  0.146   3.140   1.00 76.75  ? 10  DG  D C5     1 
ATOM   1123 C  C6     . DG  D 4 9  ? -7.458  1.407   2.881   1.00 76.75  ? 10  DG  D C6     1 
ATOM   1124 O  O6     . DG  D 4 9  ? -6.899  2.506   2.825   1.00 84.57  ? 10  DG  D O6     1 
ATOM   1125 N  N1     . DG  D 4 9  ? -8.827  1.315   2.670   1.00 76.75  ? 10  DG  D N1     1 
ATOM   1126 C  C2     . DG  D 4 9  ? -9.552  0.154   2.705   1.00 89.89  ? 10  DG  D C2     1 
ATOM   1127 N  N2     . DG  D 4 9  ? -10.867 0.275   2.475   1.00 97.18  ? 10  DG  D N2     1 
ATOM   1128 N  N3     . DG  D 4 9  ? -9.027  -1.044  2.942   1.00 76.75  ? 10  DG  D N3     1 
ATOM   1129 C  C4     . DG  D 4 9  ? -7.689  -0.969  3.151   1.00 76.75  ? 10  DG  D C4     1 
ATOM   1130 H  "H5'"  . DG  D 4 9  ? -3.791  -5.238  3.795   1.00 107.88 ? 10  DG  D "H5'"  1 
ATOM   1131 H  "H5''" . DG  D 4 9  ? -3.883  -5.863  2.344   1.00 107.88 ? 10  DG  D "H5''" 1 
ATOM   1132 H  "H4'"  . DG  D 4 9  ? -5.988  -5.986  3.248   1.00 111.82 ? 10  DG  D "H4'"  1 
ATOM   1133 H  "H3'"  . DG  D 4 9  ? -5.840  -4.009  1.256   1.00 123.35 ? 10  DG  D "H3'"  1 
ATOM   1134 H  "H2'"  . DG  D 4 9  ? -7.977  -3.368  1.615   1.00 118.58 ? 10  DG  D "H2'"  1 
ATOM   1135 H  "H2''" . DG  D 4 9  ? -8.335  -4.725  2.379   1.00 118.58 ? 10  DG  D "H2''" 1 
ATOM   1136 H  "H1'"  . DG  D 4 9  ? -7.940  -3.508  4.195   1.00 92.44  ? 10  DG  D "H1'"  1 
ATOM   1137 H  H8     . DG  D 4 9  ? -4.844  -2.000  3.747   1.00 92.44  ? 10  DG  D H8     1 
ATOM   1138 H  H1     . DG  D 4 9  ? -9.253  2.044   2.506   1.00 92.44  ? 10  DG  D H1     1 
ATOM   1139 H  H21    . DG  D 4 9  ? -11.370 -0.423  2.481   1.00 116.97 ? 10  DG  D H21    1 
ATOM   1140 H  H22    . DG  D 4 9  ? -11.207 1.049   2.322   1.00 116.97 ? 10  DG  D H22    1 
ATOM   1141 P  P      . DG  D 4 10 ? -6.605  -5.571  -0.714  1.00 116.43 ? 11  DG  D P      1 
ATOM   1142 O  OP1    . DG  D 4 10 ? -6.865  -6.895  -1.327  1.00 84.30  ? 11  DG  D OP1    1 
ATOM   1143 O  OP2    . DG  D 4 10 ? -5.380  -4.814  -1.058  1.00 104.73 ? 11  DG  D OP2    1 
ATOM   1144 O  "O5'"  . DG  D 4 10 ? -7.867  -4.626  -0.971  1.00 86.86  ? 11  DG  D "O5'"  1 
ATOM   1145 C  "C5'"  . DG  D 4 10 ? -9.155  -5.079  -0.599  1.00 79.23  ? 11  DG  D "C5'"  1 
ATOM   1146 C  "C4'"  . DG  D 4 10 ? -10.209 -4.036  -0.898  1.00 94.11  ? 11  DG  D "C4'"  1 
ATOM   1147 O  "O4'"  . DG  D 4 10 ? -10.030 -2.894  -0.029  1.00 95.99  ? 11  DG  D "O4'"  1 
ATOM   1148 C  "C3'"  . DG  D 4 10 ? -10.163 -3.444  -2.289  1.00 107.82 ? 11  DG  D "C3'"  1 
ATOM   1149 O  "O3'"  . DG  D 4 10 ? -10.778 -4.292  -3.239  1.00 120.48 ? 11  DG  D "O3'"  1 
ATOM   1150 C  "C2'"  . DG  D 4 10 ? -10.923 -2.143  -2.090  1.00 96.28  ? 11  DG  D "C2'"  1 
ATOM   1151 C  "C1'"  . DG  D 4 10 ? -10.503 -1.727  -0.684  1.00 77.30  ? 11  DG  D "C1'"  1 
ATOM   1152 N  N9     . DG  D 4 10 ? -9.448  -0.736  -0.683  1.00 88.41  ? 11  DG  D N9     1 
ATOM   1153 C  C8     . DG  D 4 10 ? -8.104  -0.959  -0.522  1.00 89.15  ? 11  DG  D C8     1 
ATOM   1154 N  N7     . DG  D 4 10 ? -7.388  0.130   -0.577  1.00 87.32  ? 11  DG  D N7     1 
ATOM   1155 C  C5     . DG  D 4 10 ? -8.319  1.136   -0.800  1.00 82.03  ? 11  DG  D C5     1 
ATOM   1156 C  C6     . DG  D 4 10 ? -8.135  2.527   -0.954  1.00 89.71  ? 11  DG  D C6     1 
ATOM   1157 O  O6     . DG  D 4 10 ? -7.076  3.170   -0.923  1.00 93.07  ? 11  DG  D O6     1 
ATOM   1158 N  N1     . DG  D 4 10 ? -9.343  3.185   -1.165  1.00 94.27  ? 11  DG  D N1     1 
ATOM   1159 C  C2     . DG  D 4 10 ? -10.573 2.573   -1.221  1.00 98.14  ? 11  DG  D C2     1 
ATOM   1160 N  N2     . DG  D 4 10 ? -11.623 3.376   -1.433  1.00 102.01 ? 11  DG  D N2     1 
ATOM   1161 N  N3     . DG  D 4 10 ? -10.760 1.269   -1.080  1.00 82.67  ? 11  DG  D N3     1 
ATOM   1162 C  C4     . DG  D 4 10 ? -9.590  0.616   -0.874  1.00 88.60  ? 11  DG  D C4     1 
ATOM   1163 H  "H5'"  . DG  D 4 10 ? -9.162  -5.272  0.352   1.00 95.42  ? 11  DG  D "H5'"  1 
ATOM   1164 H  "H5''" . DG  D 4 10 ? -9.363  -5.889  -1.090  1.00 95.42  ? 11  DG  D "H5''" 1 
ATOM   1165 H  "H4'"  . DG  D 4 10 ? -11.087 -4.417  -0.745  1.00 113.28 ? 11  DG  D "H4'"  1 
ATOM   1166 H  "H3'"  . DG  D 4 10 ? -9.246  -3.261  -2.545  1.00 129.73 ? 11  DG  D "H3'"  1 
ATOM   1167 H  "H2'"  . DG  D 4 10 ? -10.647 -1.479  -2.741  1.00 115.88 ? 11  DG  D "H2'"  1 
ATOM   1168 H  "H2''" . DG  D 4 10 ? -11.880 -2.293  -2.133  1.00 115.88 ? 11  DG  D "H2''" 1 
ATOM   1169 H  "H1'"  . DG  D 4 10 ? -11.273 -1.380  -0.207  1.00 93.10  ? 11  DG  D "H1'"  1 
ATOM   1170 H  H8     . DG  D 4 10 ? -7.740  -1.803  -0.378  1.00 107.33 ? 11  DG  D H8     1 
ATOM   1171 H  H1     . DG  D 4 10 ? -9.318  4.039   -1.267  1.00 113.47 ? 11  DG  D H1     1 
ATOM   1172 H  H21    . DG  D 4 10 ? -12.416 3.043   -1.478  1.00 122.76 ? 11  DG  D H21    1 
ATOM   1173 H  H22    . DG  D 4 10 ? -11.507 4.223   -1.525  1.00 122.76 ? 11  DG  D H22    1 
ATOM   1174 P  P      . DT  D 4 11 ? -11.393 -3.662  -4.580  1.00 122.27 ? 12  DT  D P      1 
ATOM   1175 O  OP1    . DT  D 4 11 ? -11.543 -4.769  -5.550  1.00 129.68 ? 12  DT  D OP1    1 
ATOM   1176 O  OP2    . DT  D 4 11 ? -10.607 -2.455  -4.939  1.00 75.98  ? 12  DT  D OP2    1 
ATOM   1177 O  "O5'"  . DT  D 4 11 ? -12.840 -3.163  -4.130  1.00 104.35 ? 12  DT  D "O5'"  1 
ATOM   1178 C  "C5'"  . DT  D 4 11 ? -13.722 -2.639  -5.089  1.00 119.84 ? 12  DT  D "C5'"  1 
ATOM   1179 C  "C4'"  . DT  D 4 11 ? -13.957 -1.159  -4.871  1.00 102.00 ? 12  DT  D "C4'"  1 
ATOM   1180 O  "O4'"  . DT  D 4 11 ? -12.774 -0.521  -4.354  1.00 82.70  ? 12  DT  D "O4'"  1 
ATOM   1181 C  "C3'"  . DT  D 4 11 ? -14.275 -0.378  -6.136  1.00 121.72 ? 12  DT  D "C3'"  1 
ATOM   1182 O  "O3'"  . DT  D 4 11 ? -15.672 -0.332  -6.348  1.00 132.99 ? 12  DT  D "O3'"  1 
ATOM   1183 C  "C2'"  . DT  D 4 11 ? -13.673 1.012   -5.878  1.00 105.44 ? 12  DT  D "C2'"  1 
ATOM   1184 C  "C1'"  . DT  D 4 11 ? -12.952 0.861   -4.543  1.00 96.56  ? 12  DT  D "C1'"  1 
ATOM   1185 N  N1     . DT  D 4 11 ? -11.642 1.550   -4.499  1.00 92.32  ? 12  DT  D N1     1 
ATOM   1186 C  C2     . DT  D 4 11 ? -11.606 2.925   -4.591  1.00 103.41 ? 12  DT  D C2     1 
ATOM   1187 O  O2     . DT  D 4 11 ? -12.604 3.615   -4.713  1.00 108.60 ? 12  DT  D O2     1 
ATOM   1188 N  N3     . DT  D 4 11 ? -10.355 3.470   -4.534  1.00 88.13  ? 12  DT  D N3     1 
ATOM   1189 C  C4     . DT  D 4 11 ? -9.161  2.792   -4.400  1.00 97.46  ? 12  DT  D C4     1 
ATOM   1190 O  O4     . DT  D 4 11 ? -8.079  3.370   -4.360  1.00 93.35  ? 12  DT  D O4     1 
ATOM   1191 C  C5     . DT  D 4 11 ? -9.272  1.356   -4.308  1.00 86.85  ? 12  DT  D C5     1 
ATOM   1192 C  C7     . DT  D 4 11 ? -8.045  0.519   -4.162  1.00 87.59  ? 12  DT  D C7     1 
ATOM   1193 C  C6     . DT  D 4 11 ? -10.494 0.809   -4.363  1.00 84.24  ? 12  DT  D C6     1 
ATOM   1194 H  "H5'"  . DT  D 4 11 ? -14.569 -3.107  -5.030  1.00 144.16 ? 12  DT  D "H5'"  1 
ATOM   1195 H  "H5''" . DT  D 4 11 ? -13.345 -2.774  -5.973  1.00 144.16 ? 12  DT  D "H5''" 1 
ATOM   1196 H  "H4'"  . DT  D 4 11 ? -14.681 -1.044  -4.237  1.00 122.75 ? 12  DT  D "H4'"  1 
ATOM   1197 H  "H3'"  . DT  D 4 11 ? -13.839 -0.791  -6.897  1.00 146.41 ? 12  DT  D "H3'"  1 
ATOM   1198 H  "H2'"  . DT  D 4 11 ? -13.044 1.245   -6.579  1.00 126.88 ? 12  DT  D "H2'"  1 
ATOM   1199 H  "H2''" . DT  D 4 11 ? -14.375 1.679   -5.812  1.00 126.88 ? 12  DT  D "H2''" 1 
ATOM   1200 H  "H1'"  . DT  D 4 11 ? -13.518 1.209   -3.836  1.00 116.22 ? 12  DT  D "H1'"  1 
ATOM   1201 H  H3     . DT  D 4 11 ? -10.306 4.327   -4.591  1.00 106.10 ? 12  DT  D H3     1 
ATOM   1202 H  H71    . DT  D 4 11 ? -8.094  0.015   -3.335  1.00 105.45 ? 12  DT  D H71    1 
ATOM   1203 H  H72    . DT  D 4 11 ? -7.980  -0.094  -4.911  1.00 105.45 ? 12  DT  D H72    1 
ATOM   1204 H  H73    . DT  D 4 11 ? -7.262  1.093   -4.144  1.00 105.45 ? 12  DT  D H73    1 
ATOM   1205 H  H6     . DT  D 4 11 ? -10.567 -0.116  -4.302  1.00 101.43 ? 12  DT  D H6     1 
ATOM   1206 P  P      . DC  D 4 12 ? -16.256 0.105   -7.778  1.00 146.13 ? 13  DC  D P      1 
ATOM   1207 O  OP1    . DC  D 4 12 ? -17.712 -0.150  -7.752  1.00 149.98 ? 13  DC  D OP1    1 
ATOM   1208 O  OP2    . DC  D 4 12 ? -15.416 -0.495  -8.840  1.00 133.40 ? 13  DC  D OP2    1 
ATOM   1209 O  "O5'"  . DC  D 4 12 ? -16.028 1.681   -7.808  1.00 120.79 ? 13  DC  D "O5'"  1 
ATOM   1210 C  "C5'"  . DC  D 4 12 ? -15.065 2.235   -8.662  1.00 105.58 ? 13  DC  D "C5'"  1 
ATOM   1211 C  "C4'"  . DC  D 4 12 ? -15.021 3.734   -8.487  1.00 117.74 ? 13  DC  D "C4'"  1 
ATOM   1212 O  "O4'"  . DC  D 4 12 ? -13.892 4.069   -7.653  1.00 116.75 ? 13  DC  D "O4'"  1 
ATOM   1213 C  "C3'"  . DC  D 4 12 ? -14.875 4.521   -9.786  1.00 137.36 ? 13  DC  D "C3'"  1 
ATOM   1214 O  "O3'"  . DC  D 4 12 ? -15.936 5.462   -9.924  1.00 148.89 ? 13  DC  D "O3'"  1 
ATOM   1215 C  "C2'"  . DC  D 4 12 ? -13.508 5.197   -9.693  1.00 122.28 ? 13  DC  D "C2'"  1 
ATOM   1216 C  "C1'"  . DC  D 4 12 ? -13.133 5.107   -8.221  1.00 110.92 ? 13  DC  D "C1'"  1 
ATOM   1217 N  N1     . DC  D 4 12 ? -11.696 4.802   -7.992  1.00 106.47 ? 13  DC  D N1     1 
ATOM   1218 C  C2     . DC  D 4 12 ? -10.790 5.850   -7.803  1.00 110.36 ? 13  DC  D C2     1 
ATOM   1219 O  O2     . DC  D 4 12 ? -11.202 7.018   -7.838  1.00 93.58  ? 13  DC  D O2     1 
ATOM   1220 N  N3     . DC  D 4 12 ? -9.483  5.557   -7.592  1.00 106.72 ? 13  DC  D N3     1 
ATOM   1221 C  C4     . DC  D 4 12 ? -9.080  4.285   -7.562  1.00 110.74 ? 13  DC  D C4     1 
ATOM   1222 N  N4     . DC  D 4 12 ? -7.782  4.047   -7.350  1.00 101.04 ? 13  DC  D N4     1 
ATOM   1223 C  C5     . DC  D 4 12 ? -9.991  3.200   -7.749  1.00 98.76  ? 13  DC  D C5     1 
ATOM   1224 C  C6     . DC  D 4 12 ? -11.277 3.502   -7.959  1.00 90.87  ? 13  DC  D C6     1 
ATOM   1225 H  "H5'"  . DC  D 4 12 ? -15.291 2.026   -9.581  1.00 127.04 ? 13  DC  D "H5'"  1 
ATOM   1226 H  "H5''" . DC  D 4 12 ? -14.195 1.862   -8.451  1.00 127.04 ? 13  DC  D "H5''" 1 
ATOM   1227 H  "H4'"  . DC  D 4 12 ? -15.834 4.019   -8.041  1.00 141.64 ? 13  DC  D "H4'"  1 
ATOM   1228 H  "H3'"  . DC  D 4 12 ? -14.883 3.908   -10.539 1.00 165.18 ? 13  DC  D "H3'"  1 
ATOM   1229 H  "H2'"  . DC  D 4 12 ? -12.858 4.723   -10.236 1.00 147.08 ? 13  DC  D "H2'"  1 
ATOM   1230 H  "H2''" . DC  D 4 12 ? -13.570 6.124   -9.971  1.00 147.08 ? 13  DC  D "H2''" 1 
ATOM   1231 H  "H1'"  . DC  D 4 12 ? -13.357 5.943   -7.783  1.00 133.45 ? 13  DC  D "H1'"  1 
ATOM   1232 H  H41    . DC  D 4 12 ? -7.491  3.238   -7.325  1.00 121.59 ? 13  DC  D H41    1 
ATOM   1233 H  H42    . DC  D 4 12 ? -7.238  4.704   -7.237  1.00 121.59 ? 13  DC  D H42    1 
ATOM   1234 H  H5     . DC  D 4 12 ? -9.699  2.318   -7.728  1.00 118.86 ? 13  DC  D H5     1 
ATOM   1235 H  H6     . DC  D 4 12 ? -11.894 2.817   -8.085  1.00 109.39 ? 13  DC  D H6     1 
ATOM   1236 P  P      . DT  D 4 13 ? -16.482 5.848   -11.385 1.00 174.19 ? 14  DT  D P      1 
ATOM   1237 O  OP1    . DT  D 4 13 ? -17.792 6.513   -11.200 1.00 162.40 ? 14  DT  D OP1    1 
ATOM   1238 O  OP2    . DT  D 4 13 ? -16.396 4.635   -12.231 1.00 158.66 ? 14  DT  D OP2    1 
ATOM   1239 O  "O5'"  . DT  D 4 13 ? -15.416 6.919   -11.925 1.00 147.32 ? 14  DT  D "O5'"  1 
ATOM   1240 C  "C5'"  . DT  D 4 13 ? -15.337 8.210   -11.318 1.00 138.68 ? 14  DT  D "C5'"  1 
ATOM   1241 C  "C4'"  . DT  D 4 13 ? -14.027 8.908   -11.661 1.00 143.23 ? 14  DT  D "C4'"  1 
ATOM   1242 O  "O4'"  . DT  D 4 13 ? -12.913 8.153   -11.129 1.00 141.10 ? 14  DT  D "O4'"  1 
ATOM   1243 C  "C3'"  . DT  D 4 13 ? -13.737 9.062   -13.163 1.00 149.73 ? 14  DT  D "C3'"  1 
ATOM   1244 O  "O3'"  . DT  D 4 13 ? -13.860 10.426  -13.565 1.00 165.07 ? 14  DT  D "O3'"  1 
ATOM   1245 C  "C2'"  . DT  D 4 13 ? -12.302 8.534   -13.332 1.00 147.59 ? 14  DT  D "C2'"  1 
ATOM   1246 C  "C1'"  . DT  D 4 13 ? -11.786 8.465   -11.904 1.00 140.92 ? 14  DT  D "C1'"  1 
ATOM   1247 N  N1     . DT  D 4 13 ? -10.721 7.436   -11.685 1.00 129.13 ? 14  DT  D N1     1 
ATOM   1248 C  C2     . DT  D 4 13 ? -9.440  7.848   -11.384 1.00 119.99 ? 14  DT  D C2     1 
ATOM   1249 O  O2     . DT  D 4 13 ? -9.122  9.021   -11.278 1.00 113.12 ? 14  DT  D O2     1 
ATOM   1250 N  N3     . DT  D 4 13 ? -8.538  6.832   -11.205 1.00 108.18 ? 14  DT  D N3     1 
ATOM   1251 C  C4     . DT  D 4 13 ? -8.782  5.475   -11.297 1.00 109.19 ? 14  DT  D C4     1 
ATOM   1252 O  O4     . DT  D 4 13 ? -7.903  4.638   -11.118 1.00 110.91 ? 14  DT  D O4     1 
ATOM   1253 C  C5     . DT  D 4 13 ? -10.142 5.112   -11.617 1.00 100.57 ? 14  DT  D C5     1 
ATOM   1254 C  C7     . DT  D 4 13 ? -10.521 3.670   -11.745 1.00 102.51 ? 14  DT  D C7     1 
ATOM   1255 C  C6     . DT  D 4 13 ? -11.038 6.097   -11.796 1.00 107.53 ? 14  DT  D C6     1 
ATOM   1256 H  "H5'"  . DT  D 4 13 ? -15.400 8.112   -10.355 1.00 166.76 ? 14  DT  D "H5'"  1 
ATOM   1257 H  "H5''" . DT  D 4 13 ? -16.076 8.754   -11.631 1.00 166.76 ? 14  DT  D "H5''" 1 
ATOM   1258 H  "H4'"  . DT  D 4 13 ? -14.029 9.788   -11.253 1.00 172.23 ? 14  DT  D "H4'"  1 
ATOM   1259 H  "H3'"  . DT  D 4 13 ? -14.351 8.512   -13.673 1.00 180.02 ? 14  DT  D "H3'"  1 
ATOM   1260 H  "H2'"  . DT  D 4 13 ? -12.307 7.654   -13.737 1.00 177.45 ? 14  DT  D "H2'"  1 
ATOM   1261 H  "H2''" . DT  D 4 13 ? -11.770 9.153   -13.858 1.00 177.45 ? 14  DT  D "H2''" 1 
ATOM   1262 H  "H1'"  . DT  D 4 13 ? -11.448 9.336   -11.643 1.00 169.45 ? 14  DT  D "H1'"  1 
ATOM   1263 H  H3     . DT  D 4 13 ? -7.733  7.065   -11.013 1.00 130.17 ? 14  DT  D H3     1 
ATOM   1264 H  H71    . DT  D 4 13 ? -9.742  3.116   -11.582 1.00 123.35 ? 14  DT  D H71    1 
ATOM   1265 H  H72    . DT  D 4 13 ? -11.210 3.458   -11.095 1.00 123.35 ? 14  DT  D H72    1 
ATOM   1266 H  H73    . DT  D 4 13 ? -10.857 3.501   -12.639 1.00 123.35 ? 14  DT  D H73    1 
ATOM   1267 H  H6     . DT  D 4 13 ? -11.914 5.865   -12.003 1.00 129.38 ? 14  DT  D H6     1 
ATOM   1268 P  P      . DG  D 4 14 ? -13.582 10.852  -15.091 1.00 179.83 ? 15  DG  D P      1 
ATOM   1269 O  OP1    . DG  D 4 14 ? -14.320 12.107  -15.351 1.00 166.69 ? 15  DG  D OP1    1 
ATOM   1270 O  OP2    . DG  D 4 14 ? -13.832 9.661   -15.935 1.00 158.26 ? 15  DG  D OP2    1 
ATOM   1271 O  "O5'"  . DG  D 4 14 ? -12.020 11.202  -15.114 1.00 150.61 ? 15  DG  D "O5'"  1 
ATOM   1272 C  "C5'"  . DG  D 4 14 ? -11.483 12.108  -14.154 1.00 145.86 ? 15  DG  D "C5'"  1 
ATOM   1273 C  "C4'"  . DG  D 4 14 ? -9.970  12.101  -14.190 1.00 144.46 ? 15  DG  D "C4'"  1 
ATOM   1274 O  "O4'"  . DG  D 4 14 ? -9.481  10.803  -13.753 1.00 142.50 ? 15  DG  D "O4'"  1 
ATOM   1275 C  "C3'"  . DG  D 4 14 ? -9.365  12.339  -15.574 1.00 137.55 ? 15  DG  D "C3'"  1 
ATOM   1276 O  "O3'"  . DG  D 4 14 ? -8.344  13.311  -15.511 1.00 152.94 ? 15  DG  D "O3'"  1 
ATOM   1277 C  "C2'"  . DG  D 4 14 ? -8.828  10.973  -15.971 1.00 120.12 ? 15  DG  D "C2'"  1 
ATOM   1278 C  "C1'"  . DG  D 4 14 ? -8.467  10.378  -14.630 1.00 133.32 ? 15  DG  D "C1'"  1 
ATOM   1279 N  N9     . DG  D 4 14 ? -8.402  8.926   -14.630 1.00 130.63 ? 15  DG  D N9     1 
ATOM   1280 C  C8     . DG  D 4 14 ? -9.427  8.045   -14.881 1.00 126.55 ? 15  DG  D C8     1 
ATOM   1281 N  N7     . DG  D 4 14 ? -9.060  6.793   -14.820 1.00 120.75 ? 15  DG  D N7     1 
ATOM   1282 C  C5     . DG  D 4 14 ? -7.706  6.853   -14.518 1.00 123.10 ? 15  DG  D C5     1 
ATOM   1283 C  C6     . DG  D 4 14 ? -6.765  5.814   -14.325 1.00 118.12 ? 15  DG  D C6     1 
ATOM   1284 O  O6     . DG  D 4 14 ? -6.950  4.591   -14.386 1.00 115.56 ? 15  DG  D O6     1 
ATOM   1285 N  N1     . DG  D 4 14 ? -5.496  6.316   -14.031 1.00 118.58 ? 15  DG  D N1     1 
ATOM   1286 C  C2     . DG  D 4 14 ? -5.182  7.654   -13.935 1.00 118.26 ? 15  DG  D C2     1 
ATOM   1287 N  N2     . DG  D 4 14 ? -3.909  7.952   -13.643 1.00 99.03  ? 15  DG  D N2     1 
ATOM   1288 N  N3     . DG  D 4 14 ? -6.053  8.633   -14.114 1.00 123.07 ? 15  DG  D N3     1 
ATOM   1289 C  C4     . DG  D 4 14 ? -7.290  8.160   -14.397 1.00 129.46 ? 15  DG  D C4     1 
ATOM   1290 H  "H5'"  . DG  D 4 14 ? -11.782 11.849  -13.269 1.00 175.37 ? 15  DG  D "H5'"  1 
ATOM   1291 H  "H5''" . DG  D 4 14 ? -11.802 13.004  -14.349 1.00 175.37 ? 15  DG  D "H5''" 1 
ATOM   1292 H  "H4'"  . DG  D 4 14 ? -9.639  12.781  -13.582 1.00 173.70 ? 15  DG  D "H4'"  1 
ATOM   1293 H  "H3'"  . DG  D 4 14 ? -10.055 12.618  -16.195 1.00 165.40 ? 15  DG  D "H3'"  1 
ATOM   1294 H  "H2'"  . DG  D 4 14 ? -9.514  10.445  -16.409 1.00 144.49 ? 15  DG  D "H2'"  1 
ATOM   1295 H  "H2''" . DG  D 4 14 ? -8.042  11.060  -16.534 1.00 144.49 ? 15  DG  D "H2''" 1 
ATOM   1296 H  "H1'"  . DG  D 4 14 ? -7.615  10.740  -14.336 1.00 160.34 ? 15  DG  D "H1'"  1 
ATOM   1297 H  H8     . DG  D 4 14 ? -10.296 8.313   -15.070 1.00 152.21 ? 15  DG  D H8     1 
ATOM   1298 H  H1     . DG  D 4 14 ? -4.864  5.749   -13.900 1.00 142.65 ? 15  DG  D H1     1 
ATOM   1299 H  H21    . DG  D 4 14 ? -3.664  8.773   -13.574 1.00 119.19 ? 15  DG  D H21    1 
ATOM   1300 H  H22    . DG  D 4 14 ? -3.335  7.321   -13.526 1.00 119.19 ? 15  DG  D H22    1 
ATOM   1301 P  P      . DC  D 4 15 ? -8.247  14.451  -16.637 1.00 171.67 ? 16  DC  D P      1 
ATOM   1302 O  OP1    . DC  D 4 15 ? -8.633  15.726  -15.990 1.00 174.74 ? 16  DC  D OP1    1 
ATOM   1303 O  OP2    . DC  D 4 15 ? -8.980  13.971  -17.835 1.00 152.36 ? 16  DC  D OP2    1 
ATOM   1304 O  "O5'"  . DC  D 4 15 ? -6.686  14.511  -16.988 1.00 157.11 ? 16  DC  D "O5'"  1 
ATOM   1305 C  "C5'"  . DC  D 4 15 ? -5.981  13.313  -17.285 1.00 151.52 ? 16  DC  D "C5'"  1 
ATOM   1306 C  "C4'"  . DC  D 4 15 ? -4.632  13.286  -16.586 1.00 149.41 ? 16  DC  D "C4'"  1 
ATOM   1307 O  "O4'"  . DC  D 4 15 ? -4.465  12.017  -15.906 1.00 143.70 ? 16  DC  D "O4'"  1 
ATOM   1308 C  "C3'"  . DC  D 4 15 ? -3.428  13.418  -17.505 1.00 138.68 ? 16  DC  D "C3'"  1 
ATOM   1309 O  "O3'"  . DC  D 4 15 ? -2.352  14.082  -16.843 1.00 136.04 ? 16  DC  D "O3'"  1 
ATOM   1310 C  "C2'"  . DC  D 4 15 ? -3.098  11.967  -17.846 1.00 128.23 ? 16  DC  D "C2'"  1 
ATOM   1311 C  "C1'"  . DC  D 4 15 ? -3.520  11.210  -16.591 1.00 132.81 ? 16  DC  D "C1'"  1 
ATOM   1312 N  N1     . DC  D 4 15 ? -4.153  9.894   -16.865 1.00 118.58 ? 16  DC  D N1     1 
ATOM   1313 C  C2     . DC  D 4 15 ? -3.372  8.733   -16.871 1.00 122.17 ? 16  DC  D C2     1 
ATOM   1314 O  O2     . DC  D 4 15 ? -2.154  8.824   -16.666 1.00 116.28 ? 16  DC  D O2     1 
ATOM   1315 N  N3     . DC  D 4 15 ? -3.974  7.540   -17.113 1.00 118.17 ? 16  DC  D N3     1 
ATOM   1316 C  C4     . DC  D 4 15 ? -5.290  7.492   -17.331 1.00 115.82 ? 16  DC  D C4     1 
ATOM   1317 N  N4     . DC  D 4 15 ? -5.843  6.299   -17.565 1.00 118.09 ? 16  DC  D N4     1 
ATOM   1318 C  C5     . DC  D 4 15 ? -6.099  8.666   -17.328 1.00 114.42 ? 16  DC  D C5     1 
ATOM   1319 C  C6     . DC  D 4 15 ? -5.495  9.830   -17.085 1.00 115.76 ? 16  DC  D C6     1 
ATOM   1320 H  "H5'"  . DC  D 4 15 ? -5.843  13.253  -18.244 1.00 182.17 ? 16  DC  D "H5'"  1 
ATOM   1321 H  "H5''" . DC  D 4 15 ? -6.506  12.553  -16.991 1.00 182.17 ? 16  DC  D "H5''" 1 
ATOM   1322 H  "H4'"  . DC  D 4 15 ? -4.606  14.000  -15.930 1.00 179.63 ? 16  DC  D "H4'"  1 
ATOM   1323 H  "H3'"  . DC  D 4 15 ? -3.675  13.901  -18.309 1.00 166.76 ? 16  DC  D "H3'"  1 
ATOM   1324 H  "HO3'" . DC  D 4 15 ? -2.049  14.802  -17.153 1.00 163.59 ? 16  DC  D "HO3'" 1 
ATOM   1325 H  "H2'"  . DC  D 4 15 ? -3.612  11.671  -18.614 1.00 154.22 ? 16  DC  D "H2'"  1 
ATOM   1326 H  "H2''" . DC  D 4 15 ? -2.147  11.862  -18.007 1.00 154.22 ? 16  DC  D "H2''" 1 
ATOM   1327 H  "H1'"  . DC  D 4 15 ? -2.744  11.077  -16.023 1.00 159.72 ? 16  DC  D "H1'"  1 
ATOM   1328 H  H41    . DC  D 4 15 ? -6.689  6.237   -17.707 1.00 142.06 ? 16  DC  D H41    1 
ATOM   1329 H  H42    . DC  D 4 15 ? -5.352  5.592   -17.575 1.00 142.06 ? 16  DC  D H42    1 
ATOM   1330 H  H5     . DC  D 4 15 ? -7.015  8.619   -17.479 1.00 137.65 ? 16  DC  D H5     1 
ATOM   1331 H  H6     . DC  D 4 15 ? -5.999  10.613  -17.073 1.00 139.25 ? 16  DC  D H6     1 
HETATM 1332 AS AS     . CAC E 5 .  ? 9.049   -17.331 11.084  1.00 175.33 ? 101 CAC B AS     1 
HETATM 1333 AS AS     . CAC F 5 .  ? -3.134  1.425   -0.221  1.00 174.37 ? 101 CAC D AS     1 
# 
loop_
_pdbx_poly_seq_scheme.asym_id 
_pdbx_poly_seq_scheme.entity_id 
_pdbx_poly_seq_scheme.seq_id 
_pdbx_poly_seq_scheme.mon_id 
_pdbx_poly_seq_scheme.ndb_seq_num 
_pdbx_poly_seq_scheme.pdb_seq_num 
_pdbx_poly_seq_scheme.auth_seq_num 
_pdbx_poly_seq_scheme.pdb_mon_id 
_pdbx_poly_seq_scheme.auth_mon_id 
_pdbx_poly_seq_scheme.pdb_strand_id 
_pdbx_poly_seq_scheme.pdb_ins_code 
_pdbx_poly_seq_scheme.hetero 
A 1 1  DG 1  1  1  DG DG A . n 
A 1 2  DA 2  2  2  DA DA A . n 
A 1 3  DG 3  3  3  DG DG A . n 
A 1 4  DC 4  4  4  DC DC A . n 
A 1 5  DA 5  5  5  DA DA A . n 
A 1 6  DG 6  6  6  DG DG A . n 
A 1 7  DA 7  7  7  DA DA A . n 
A 1 8  DC 8  8  8  DC DC A . n 
A 1 9  DC 9  9  9  DC DC A . n 
A 1 10 DT 10 10 10 DT DT A . n 
A 1 11 DG 11 11 11 DG DG A . n 
A 1 12 DA 12 12 12 DA DA A . n 
B 2 1  DC 1  12 12 DC DC B . n 
B 2 2  DG 2  13 13 DG DG B . n 
B 2 3  DA 3  14 14 DA DA B . n 
B 2 4  DG 4  15 15 DG DG B . n 
B 2 5  DA 5  16 16 DA DA B . n 
B 2 6  DC 6  17 17 DC DC B . n 
B 2 7  DT 7  18 18 DT DT B . n 
B 2 8  DC 8  19 19 DC DC B . n 
B 2 9  DA 9  20 20 DA DA B . n 
C 3 1  DT 1  0  0  DT DT C . n 
C 3 2  DC 2  1  1  DC DC C . n 
C 3 3  DA 3  2  2  DA DA C . n 
C 3 4  DT 4  3  3  DT DT C . n 
C 3 5  DC 5  4  4  DC DC C . n 
C 3 6  DG 6  5  5  DG DG C . n 
D 4 1  DT 1  2  2  DT DT D . n 
D 4 2  DC 2  3  3  DC DC D . n 
D 4 3  DT 3  4  4  DT DT D . n 
D 4 4  DG 4  5  5  DG DG D . n 
D 4 5  DA 5  6  6  DA DA D . n 
D 4 6  DG 6  7  7  DG DG D . n 
D 4 7  DT 7  8  8  DT DT D . n 
D 4 8  DC 8  9  9  DC DC D . n 
D 4 9  DG 9  10 10 DG DG D . n 
D 4 10 DG 10 11 11 DG DG D . n 
D 4 11 DT 11 12 12 DT DT D . n 
D 4 12 DC 12 13 13 DC DC D . n 
D 4 13 DT 13 14 14 DT DT D . n 
D 4 14 DG 14 15 15 DG DG D . n 
D 4 15 DC 15 16 16 DC DC D . n 
# 
loop_
_pdbx_nonpoly_scheme.asym_id 
_pdbx_nonpoly_scheme.entity_id 
_pdbx_nonpoly_scheme.mon_id 
_pdbx_nonpoly_scheme.ndb_seq_num 
_pdbx_nonpoly_scheme.pdb_seq_num 
_pdbx_nonpoly_scheme.auth_seq_num 
_pdbx_nonpoly_scheme.pdb_mon_id 
_pdbx_nonpoly_scheme.auth_mon_id 
_pdbx_nonpoly_scheme.pdb_strand_id 
_pdbx_nonpoly_scheme.pdb_ins_code 
E 5 CAC 1 101 2 CAC AS B . 
F 5 CAC 1 101 1 CAC AS D . 
# 
_pdbx_struct_assembly.id                   1 
_pdbx_struct_assembly.details              author_defined_assembly 
_pdbx_struct_assembly.method_details       ? 
_pdbx_struct_assembly.oligomeric_details   tetrameric 
_pdbx_struct_assembly.oligomeric_count     4 
# 
_pdbx_struct_assembly_gen.assembly_id       1 
_pdbx_struct_assembly_gen.oper_expression   1 
_pdbx_struct_assembly_gen.asym_id_list      A,B,C,D,E,F 
# 
_pdbx_struct_oper_list.id                   1 
_pdbx_struct_oper_list.type                 'identity operation' 
_pdbx_struct_oper_list.name                 1_555 
_pdbx_struct_oper_list.symmetry_operation   x,y,z 
_pdbx_struct_oper_list.matrix[1][1]         1.0000000000 
_pdbx_struct_oper_list.matrix[1][2]         0.0000000000 
_pdbx_struct_oper_list.matrix[1][3]         0.0000000000 
_pdbx_struct_oper_list.vector[1]            0.0000000000 
_pdbx_struct_oper_list.matrix[2][1]         0.0000000000 
_pdbx_struct_oper_list.matrix[2][2]         1.0000000000 
_pdbx_struct_oper_list.matrix[2][3]         0.0000000000 
_pdbx_struct_oper_list.vector[2]            0.0000000000 
_pdbx_struct_oper_list.matrix[3][1]         0.0000000000 
_pdbx_struct_oper_list.matrix[3][2]         0.0000000000 
_pdbx_struct_oper_list.matrix[3][3]         1.0000000000 
_pdbx_struct_oper_list.vector[3]            0.0000000000 
# 
loop_
_pdbx_audit_revision_history.ordinal 
_pdbx_audit_revision_history.data_content_type 
_pdbx_audit_revision_history.major_revision 
_pdbx_audit_revision_history.minor_revision 
_pdbx_audit_revision_history.revision_date 
1 'Structure model' 1 0 2021-07-14 
2 'Structure model' 1 1 2022-07-06 
3 'Structure model' 1 2 2023-10-18 
# 
_pdbx_audit_revision_details.ordinal             1 
_pdbx_audit_revision_details.revision_ordinal    1 
_pdbx_audit_revision_details.data_content_type   'Structure model' 
_pdbx_audit_revision_details.provider            repository 
_pdbx_audit_revision_details.type                'Initial release' 
_pdbx_audit_revision_details.description         ? 
_pdbx_audit_revision_details.details             ? 
# 
loop_
_pdbx_audit_revision_group.ordinal 
_pdbx_audit_revision_group.revision_ordinal 
_pdbx_audit_revision_group.data_content_type 
_pdbx_audit_revision_group.group 
1 2 'Structure model' 'Database references'    
2 3 'Structure model' 'Data collection'        
3 3 'Structure model' 'Refinement description' 
# 
loop_
_pdbx_audit_revision_category.ordinal 
_pdbx_audit_revision_category.revision_ordinal 
_pdbx_audit_revision_category.data_content_type 
_pdbx_audit_revision_category.category 
1 2 'Structure model' citation                      
2 2 'Structure model' citation_author               
3 2 'Structure model' database_2                    
4 3 'Structure model' chem_comp_atom                
5 3 'Structure model' chem_comp_bond                
6 3 'Structure model' pdbx_initial_refinement_model 
# 
loop_
_pdbx_audit_revision_item.ordinal 
_pdbx_audit_revision_item.revision_ordinal 
_pdbx_audit_revision_item.data_content_type 
_pdbx_audit_revision_item.item 
1  2 'Structure model' '_citation.country'                   
2  2 'Structure model' '_citation.journal_abbrev'            
3  2 'Structure model' '_citation.journal_id_CSD'            
4  2 'Structure model' '_citation.journal_id_ISSN'           
5  2 'Structure model' '_citation.journal_volume'            
6  2 'Structure model' '_citation.page_first'                
7  2 'Structure model' '_citation.page_last'                 
8  2 'Structure model' '_citation.pdbx_database_id_DOI'      
9  2 'Structure model' '_citation.pdbx_database_id_PubMed'   
10 2 'Structure model' '_citation.title'                     
11 2 'Structure model' '_citation.year'                      
12 2 'Structure model' '_database_2.pdbx_DOI'                
13 2 'Structure model' '_database_2.pdbx_database_accession' 
# 
loop_
_software.citation_id 
_software.classification 
_software.compiler_name 
_software.compiler_version 
_software.contact_author 
_software.contact_author_email 
_software.date 
_software.description 
_software.dependencies 
_software.hardware 
_software.language 
_software.location 
_software.mods 
_software.name 
_software.os 
_software.os_version 
_software.type 
_software.version 
_software.pdbx_ordinal 
? refinement        ? ? ? ? ? ? ? ? ? ? ? PHENIX      ? ? ? 1.11.1_2575 1 
? 'data reduction'  ? ? ? ? ? ? ? ? ? ? ? HKL-2000    ? ? ? .           2 
? 'data scaling'    ? ? ? ? ? ? ? ? ? ? ? HKL-2000    ? ? ? .           3 
? 'data extraction' ? ? ? ? ? ? ? ? ? ? ? PDB_EXTRACT ? ? ? 3.25        4 
? phasing           ? ? ? ? ? ? ? ? ? ? ? PHENIX      ? ? ? .           5 
# 
_pdbx_entry_details.entry_id                 7JFT 
_pdbx_entry_details.has_ligand_of_interest   N 
_pdbx_entry_details.compound_details         ? 
_pdbx_entry_details.source_details           ? 
_pdbx_entry_details.nonpolymer_details       ? 
_pdbx_entry_details.sequence_details         ? 
# 
_pdbx_validate_symm_contact.id                1 
_pdbx_validate_symm_contact.PDB_model_num     1 
_pdbx_validate_symm_contact.auth_atom_id_1    OP1 
_pdbx_validate_symm_contact.auth_asym_id_1    C 
_pdbx_validate_symm_contact.auth_comp_id_1    DT 
_pdbx_validate_symm_contact.auth_seq_id_1     0 
_pdbx_validate_symm_contact.PDB_ins_code_1    ? 
_pdbx_validate_symm_contact.label_alt_id_1    ? 
_pdbx_validate_symm_contact.site_symmetry_1   1_555 
_pdbx_validate_symm_contact.auth_atom_id_2    "O3'" 
_pdbx_validate_symm_contact.auth_asym_id_2    C 
_pdbx_validate_symm_contact.auth_comp_id_2    DG 
_pdbx_validate_symm_contact.auth_seq_id_2     5 
_pdbx_validate_symm_contact.PDB_ins_code_2    ? 
_pdbx_validate_symm_contact.label_alt_id_2    ? 
_pdbx_validate_symm_contact.site_symmetry_2   2_674 
_pdbx_validate_symm_contact.dist              1.99 
# 
_pdbx_validate_rmsd_angle.id                         1 
_pdbx_validate_rmsd_angle.PDB_model_num              1 
_pdbx_validate_rmsd_angle.auth_atom_id_1             "O4'" 
_pdbx_validate_rmsd_angle.auth_asym_id_1             B 
_pdbx_validate_rmsd_angle.auth_comp_id_1             DC 
_pdbx_validate_rmsd_angle.auth_seq_id_1              19 
_pdbx_validate_rmsd_angle.PDB_ins_code_1             ? 
_pdbx_validate_rmsd_angle.label_alt_id_1             ? 
_pdbx_validate_rmsd_angle.auth_atom_id_2             "C1'" 
_pdbx_validate_rmsd_angle.auth_asym_id_2             B 
_pdbx_validate_rmsd_angle.auth_comp_id_2             DC 
_pdbx_validate_rmsd_angle.auth_seq_id_2              19 
_pdbx_validate_rmsd_angle.PDB_ins_code_2             ? 
_pdbx_validate_rmsd_angle.label_alt_id_2             ? 
_pdbx_validate_rmsd_angle.auth_atom_id_3             N1 
_pdbx_validate_rmsd_angle.auth_asym_id_3             B 
_pdbx_validate_rmsd_angle.auth_comp_id_3             DC 
_pdbx_validate_rmsd_angle.auth_seq_id_3              19 
_pdbx_validate_rmsd_angle.PDB_ins_code_3             ? 
_pdbx_validate_rmsd_angle.label_alt_id_3             ? 
_pdbx_validate_rmsd_angle.angle_value                110.30 
_pdbx_validate_rmsd_angle.angle_target_value         108.30 
_pdbx_validate_rmsd_angle.angle_deviation            2.00 
_pdbx_validate_rmsd_angle.angle_standard_deviation   0.30 
_pdbx_validate_rmsd_angle.linker_flag                N 
# 
loop_
_pdbx_unobs_or_zero_occ_atoms.id 
_pdbx_unobs_or_zero_occ_atoms.PDB_model_num 
_pdbx_unobs_or_zero_occ_atoms.polymer_flag 
_pdbx_unobs_or_zero_occ_atoms.occupancy_flag 
_pdbx_unobs_or_zero_occ_atoms.auth_asym_id 
_pdbx_unobs_or_zero_occ_atoms.auth_comp_id 
_pdbx_unobs_or_zero_occ_atoms.auth_seq_id 
_pdbx_unobs_or_zero_occ_atoms.PDB_ins_code 
_pdbx_unobs_or_zero_occ_atoms.auth_atom_id 
_pdbx_unobs_or_zero_occ_atoms.label_alt_id 
_pdbx_unobs_or_zero_occ_atoms.label_asym_id 
_pdbx_unobs_or_zero_occ_atoms.label_comp_id 
_pdbx_unobs_or_zero_occ_atoms.label_seq_id 
_pdbx_unobs_or_zero_occ_atoms.label_atom_id 
1 1 N 1 B CAC 101 ? O1 ? E CAC 1 O1 
2 1 N 1 B CAC 101 ? O2 ? E CAC 1 O2 
3 1 N 1 B CAC 101 ? C1 ? E CAC 1 C1 
4 1 N 1 B CAC 101 ? C2 ? E CAC 1 C2 
5 1 N 1 D CAC 101 ? O1 ? F CAC 1 O1 
6 1 N 1 D CAC 101 ? O2 ? F CAC 1 O2 
7 1 N 1 D CAC 101 ? C1 ? F CAC 1 C1 
8 1 N 1 D CAC 101 ? C2 ? F CAC 1 C2 
# 
loop_
_chem_comp_atom.comp_id 
_chem_comp_atom.atom_id 
_chem_comp_atom.type_symbol 
_chem_comp_atom.pdbx_aromatic_flag 
_chem_comp_atom.pdbx_stereo_config 
_chem_comp_atom.pdbx_ordinal 
CAC AS     AS N N 1   
CAC O1     O  N N 2   
CAC O2     O  N N 3   
CAC C1     C  N N 4   
CAC C2     C  N N 5   
CAC H11    H  N N 6   
CAC H12    H  N N 7   
CAC H13    H  N N 8   
CAC H21    H  N N 9   
CAC H22    H  N N 10  
CAC H23    H  N N 11  
DA  OP3    O  N N 12  
DA  P      P  N N 13  
DA  OP1    O  N N 14  
DA  OP2    O  N N 15  
DA  "O5'"  O  N N 16  
DA  "C5'"  C  N N 17  
DA  "C4'"  C  N R 18  
DA  "O4'"  O  N N 19  
DA  "C3'"  C  N S 20  
DA  "O3'"  O  N N 21  
DA  "C2'"  C  N N 22  
DA  "C1'"  C  N R 23  
DA  N9     N  Y N 24  
DA  C8     C  Y N 25  
DA  N7     N  Y N 26  
DA  C5     C  Y N 27  
DA  C6     C  Y N 28  
DA  N6     N  N N 29  
DA  N1     N  Y N 30  
DA  C2     C  Y N 31  
DA  N3     N  Y N 32  
DA  C4     C  Y N 33  
DA  HOP3   H  N N 34  
DA  HOP2   H  N N 35  
DA  "H5'"  H  N N 36  
DA  "H5''" H  N N 37  
DA  "H4'"  H  N N 38  
DA  "H3'"  H  N N 39  
DA  "HO3'" H  N N 40  
DA  "H2'"  H  N N 41  
DA  "H2''" H  N N 42  
DA  "H1'"  H  N N 43  
DA  H8     H  N N 44  
DA  H61    H  N N 45  
DA  H62    H  N N 46  
DA  H2     H  N N 47  
DC  OP3    O  N N 48  
DC  P      P  N N 49  
DC  OP1    O  N N 50  
DC  OP2    O  N N 51  
DC  "O5'"  O  N N 52  
DC  "C5'"  C  N N 53  
DC  "C4'"  C  N R 54  
DC  "O4'"  O  N N 55  
DC  "C3'"  C  N S 56  
DC  "O3'"  O  N N 57  
DC  "C2'"  C  N N 58  
DC  "C1'"  C  N R 59  
DC  N1     N  N N 60  
DC  C2     C  N N 61  
DC  O2     O  N N 62  
DC  N3     N  N N 63  
DC  C4     C  N N 64  
DC  N4     N  N N 65  
DC  C5     C  N N 66  
DC  C6     C  N N 67  
DC  HOP3   H  N N 68  
DC  HOP2   H  N N 69  
DC  "H5'"  H  N N 70  
DC  "H5''" H  N N 71  
DC  "H4'"  H  N N 72  
DC  "H3'"  H  N N 73  
DC  "HO3'" H  N N 74  
DC  "H2'"  H  N N 75  
DC  "H2''" H  N N 76  
DC  "H1'"  H  N N 77  
DC  H41    H  N N 78  
DC  H42    H  N N 79  
DC  H5     H  N N 80  
DC  H6     H  N N 81  
DG  OP3    O  N N 82  
DG  P      P  N N 83  
DG  OP1    O  N N 84  
DG  OP2    O  N N 85  
DG  "O5'"  O  N N 86  
DG  "C5'"  C  N N 87  
DG  "C4'"  C  N R 88  
DG  "O4'"  O  N N 89  
DG  "C3'"  C  N S 90  
DG  "O3'"  O  N N 91  
DG  "C2'"  C  N N 92  
DG  "C1'"  C  N R 93  
DG  N9     N  Y N 94  
DG  C8     C  Y N 95  
DG  N7     N  Y N 96  
DG  C5     C  Y N 97  
DG  C6     C  N N 98  
DG  O6     O  N N 99  
DG  N1     N  N N 100 
DG  C2     C  N N 101 
DG  N2     N  N N 102 
DG  N3     N  N N 103 
DG  C4     C  Y N 104 
DG  HOP3   H  N N 105 
DG  HOP2   H  N N 106 
DG  "H5'"  H  N N 107 
DG  "H5''" H  N N 108 
DG  "H4'"  H  N N 109 
DG  "H3'"  H  N N 110 
DG  "HO3'" H  N N 111 
DG  "H2'"  H  N N 112 
DG  "H2''" H  N N 113 
DG  "H1'"  H  N N 114 
DG  H8     H  N N 115 
DG  H1     H  N N 116 
DG  H21    H  N N 117 
DG  H22    H  N N 118 
DT  OP3    O  N N 119 
DT  P      P  N N 120 
DT  OP1    O  N N 121 
DT  OP2    O  N N 122 
DT  "O5'"  O  N N 123 
DT  "C5'"  C  N N 124 
DT  "C4'"  C  N R 125 
DT  "O4'"  O  N N 126 
DT  "C3'"  C  N S 127 
DT  "O3'"  O  N N 128 
DT  "C2'"  C  N N 129 
DT  "C1'"  C  N R 130 
DT  N1     N  N N 131 
DT  C2     C  N N 132 
DT  O2     O  N N 133 
DT  N3     N  N N 134 
DT  C4     C  N N 135 
DT  O4     O  N N 136 
DT  C5     C  N N 137 
DT  C7     C  N N 138 
DT  C6     C  N N 139 
DT  HOP3   H  N N 140 
DT  HOP2   H  N N 141 
DT  "H5'"  H  N N 142 
DT  "H5''" H  N N 143 
DT  "H4'"  H  N N 144 
DT  "H3'"  H  N N 145 
DT  "HO3'" H  N N 146 
DT  "H2'"  H  N N 147 
DT  "H2''" H  N N 148 
DT  "H1'"  H  N N 149 
DT  H3     H  N N 150 
DT  H71    H  N N 151 
DT  H72    H  N N 152 
DT  H73    H  N N 153 
DT  H6     H  N N 154 
# 
loop_
_chem_comp_bond.comp_id 
_chem_comp_bond.atom_id_1 
_chem_comp_bond.atom_id_2 
_chem_comp_bond.value_order 
_chem_comp_bond.pdbx_aromatic_flag 
_chem_comp_bond.pdbx_stereo_config 
_chem_comp_bond.pdbx_ordinal 
CAC AS    O1     doub N N 1   
CAC AS    O2     sing N N 2   
CAC AS    C1     sing N N 3   
CAC AS    C2     sing N N 4   
CAC C1    H11    sing N N 5   
CAC C1    H12    sing N N 6   
CAC C1    H13    sing N N 7   
CAC C2    H21    sing N N 8   
CAC C2    H22    sing N N 9   
CAC C2    H23    sing N N 10  
DA  OP3   P      sing N N 11  
DA  OP3   HOP3   sing N N 12  
DA  P     OP1    doub N N 13  
DA  P     OP2    sing N N 14  
DA  P     "O5'"  sing N N 15  
DA  OP2   HOP2   sing N N 16  
DA  "O5'" "C5'"  sing N N 17  
DA  "C5'" "C4'"  sing N N 18  
DA  "C5'" "H5'"  sing N N 19  
DA  "C5'" "H5''" sing N N 20  
DA  "C4'" "O4'"  sing N N 21  
DA  "C4'" "C3'"  sing N N 22  
DA  "C4'" "H4'"  sing N N 23  
DA  "O4'" "C1'"  sing N N 24  
DA  "C3'" "O3'"  sing N N 25  
DA  "C3'" "C2'"  sing N N 26  
DA  "C3'" "H3'"  sing N N 27  
DA  "O3'" "HO3'" sing N N 28  
DA  "C2'" "C1'"  sing N N 29  
DA  "C2'" "H2'"  sing N N 30  
DA  "C2'" "H2''" sing N N 31  
DA  "C1'" N9     sing N N 32  
DA  "C1'" "H1'"  sing N N 33  
DA  N9    C8     sing Y N 34  
DA  N9    C4     sing Y N 35  
DA  C8    N7     doub Y N 36  
DA  C8    H8     sing N N 37  
DA  N7    C5     sing Y N 38  
DA  C5    C6     sing Y N 39  
DA  C5    C4     doub Y N 40  
DA  C6    N6     sing N N 41  
DA  C6    N1     doub Y N 42  
DA  N6    H61    sing N N 43  
DA  N6    H62    sing N N 44  
DA  N1    C2     sing Y N 45  
DA  C2    N3     doub Y N 46  
DA  C2    H2     sing N N 47  
DA  N3    C4     sing Y N 48  
DC  OP3   P      sing N N 49  
DC  OP3   HOP3   sing N N 50  
DC  P     OP1    doub N N 51  
DC  P     OP2    sing N N 52  
DC  P     "O5'"  sing N N 53  
DC  OP2   HOP2   sing N N 54  
DC  "O5'" "C5'"  sing N N 55  
DC  "C5'" "C4'"  sing N N 56  
DC  "C5'" "H5'"  sing N N 57  
DC  "C5'" "H5''" sing N N 58  
DC  "C4'" "O4'"  sing N N 59  
DC  "C4'" "C3'"  sing N N 60  
DC  "C4'" "H4'"  sing N N 61  
DC  "O4'" "C1'"  sing N N 62  
DC  "C3'" "O3'"  sing N N 63  
DC  "C3'" "C2'"  sing N N 64  
DC  "C3'" "H3'"  sing N N 65  
DC  "O3'" "HO3'" sing N N 66  
DC  "C2'" "C1'"  sing N N 67  
DC  "C2'" "H2'"  sing N N 68  
DC  "C2'" "H2''" sing N N 69  
DC  "C1'" N1     sing N N 70  
DC  "C1'" "H1'"  sing N N 71  
DC  N1    C2     sing N N 72  
DC  N1    C6     sing N N 73  
DC  C2    O2     doub N N 74  
DC  C2    N3     sing N N 75  
DC  N3    C4     doub N N 76  
DC  C4    N4     sing N N 77  
DC  C4    C5     sing N N 78  
DC  N4    H41    sing N N 79  
DC  N4    H42    sing N N 80  
DC  C5    C6     doub N N 81  
DC  C5    H5     sing N N 82  
DC  C6    H6     sing N N 83  
DG  OP3   P      sing N N 84  
DG  OP3   HOP3   sing N N 85  
DG  P     OP1    doub N N 86  
DG  P     OP2    sing N N 87  
DG  P     "O5'"  sing N N 88  
DG  OP2   HOP2   sing N N 89  
DG  "O5'" "C5'"  sing N N 90  
DG  "C5'" "C4'"  sing N N 91  
DG  "C5'" "H5'"  sing N N 92  
DG  "C5'" "H5''" sing N N 93  
DG  "C4'" "O4'"  sing N N 94  
DG  "C4'" "C3'"  sing N N 95  
DG  "C4'" "H4'"  sing N N 96  
DG  "O4'" "C1'"  sing N N 97  
DG  "C3'" "O3'"  sing N N 98  
DG  "C3'" "C2'"  sing N N 99  
DG  "C3'" "H3'"  sing N N 100 
DG  "O3'" "HO3'" sing N N 101 
DG  "C2'" "C1'"  sing N N 102 
DG  "C2'" "H2'"  sing N N 103 
DG  "C2'" "H2''" sing N N 104 
DG  "C1'" N9     sing N N 105 
DG  "C1'" "H1'"  sing N N 106 
DG  N9    C8     sing Y N 107 
DG  N9    C4     sing Y N 108 
DG  C8    N7     doub Y N 109 
DG  C8    H8     sing N N 110 
DG  N7    C5     sing Y N 111 
DG  C5    C6     sing N N 112 
DG  C5    C4     doub Y N 113 
DG  C6    O6     doub N N 114 
DG  C6    N1     sing N N 115 
DG  N1    C2     sing N N 116 
DG  N1    H1     sing N N 117 
DG  C2    N2     sing N N 118 
DG  C2    N3     doub N N 119 
DG  N2    H21    sing N N 120 
DG  N2    H22    sing N N 121 
DG  N3    C4     sing N N 122 
DT  OP3   P      sing N N 123 
DT  OP3   HOP3   sing N N 124 
DT  P     OP1    doub N N 125 
DT  P     OP2    sing N N 126 
DT  P     "O5'"  sing N N 127 
DT  OP2   HOP2   sing N N 128 
DT  "O5'" "C5'"  sing N N 129 
DT  "C5'" "C4'"  sing N N 130 
DT  "C5'" "H5'"  sing N N 131 
DT  "C5'" "H5''" sing N N 132 
DT  "C4'" "O4'"  sing N N 133 
DT  "C4'" "C3'"  sing N N 134 
DT  "C4'" "H4'"  sing N N 135 
DT  "O4'" "C1'"  sing N N 136 
DT  "C3'" "O3'"  sing N N 137 
DT  "C3'" "C2'"  sing N N 138 
DT  "C3'" "H3'"  sing N N 139 
DT  "O3'" "HO3'" sing N N 140 
DT  "C2'" "C1'"  sing N N 141 
DT  "C2'" "H2'"  sing N N 142 
DT  "C2'" "H2''" sing N N 143 
DT  "C1'" N1     sing N N 144 
DT  "C1'" "H1'"  sing N N 145 
DT  N1    C2     sing N N 146 
DT  N1    C6     sing N N 147 
DT  C2    O2     doub N N 148 
DT  C2    N3     sing N N 149 
DT  N3    C4     sing N N 150 
DT  N3    H3     sing N N 151 
DT  C4    O4     doub N N 152 
DT  C4    C5     sing N N 153 
DT  C5    C7     sing N N 154 
DT  C5    C6     doub N N 155 
DT  C7    H71    sing N N 156 
DT  C7    H72    sing N N 157 
DT  C7    H73    sing N N 158 
DT  C6    H6     sing N N 159 
# 
loop_
_ndb_struct_conf_na.entry_id 
_ndb_struct_conf_na.feature 
7JFT 'double helix'        
7JFT 'a-form double helix' 
7JFT 'b-form double helix' 
# 
loop_
_ndb_struct_na_base_pair.model_number 
_ndb_struct_na_base_pair.i_label_asym_id 
_ndb_struct_na_base_pair.i_label_comp_id 
_ndb_struct_na_base_pair.i_label_seq_id 
_ndb_struct_na_base_pair.i_symmetry 
_ndb_struct_na_base_pair.j_label_asym_id 
_ndb_struct_na_base_pair.j_label_comp_id 
_ndb_struct_na_base_pair.j_label_seq_id 
_ndb_struct_na_base_pair.j_symmetry 
_ndb_struct_na_base_pair.shear 
_ndb_struct_na_base_pair.stretch 
_ndb_struct_na_base_pair.stagger 
_ndb_struct_na_base_pair.buckle 
_ndb_struct_na_base_pair.propeller 
_ndb_struct_na_base_pair.opening 
_ndb_struct_na_base_pair.pair_number 
_ndb_struct_na_base_pair.pair_name 
_ndb_struct_na_base_pair.i_auth_asym_id 
_ndb_struct_na_base_pair.i_auth_seq_id 
_ndb_struct_na_base_pair.i_PDB_ins_code 
_ndb_struct_na_base_pair.j_auth_asym_id 
_ndb_struct_na_base_pair.j_auth_seq_id 
_ndb_struct_na_base_pair.j_PDB_ins_code 
_ndb_struct_na_base_pair.hbond_type_28 
_ndb_struct_na_base_pair.hbond_type_12 
1 A DG 3  1_555 D DC 15 1_555 2.782  0.298  1.012  6.886   -14.604 2.428   1  A_DG3:DC16_D A 3  ? D 16 ? ?  ? 
1 A DC 4  1_555 D DG 14 1_555 -0.467 -0.410 0.905  -5.888  -16.667 -5.882  2  A_DC4:DG15_D A 4  ? D 15 ? 19 1 
1 A DA 5  1_555 D DT 13 1_555 0.944  0.379  0.515  -4.340  -10.531 -19.301 3  A_DA5:DT14_D A 5  ? D 14 ? 20 1 
1 A DG 6  1_555 D DC 12 1_555 0.716  0.021  0.096  -3.729  -7.633  -11.105 4  A_DG6:DC13_D A 6  ? D 13 ? 19 1 
1 A DA 7  1_555 D DT 11 1_555 1.564  -0.078 0.380  4.984   -1.984  -20.569 5  A_DA7:DT12_D A 7  ? D 12 ? 20 1 
1 A DC 8  1_555 D DG 10 1_555 -0.083 0.004  0.100  9.482   -1.614  -4.730  6  A_DC8:DG11_D A 8  ? D 11 ? 19 1 
1 A DC 9  1_555 D DG 9  1_555 -0.581 0.046  0.464  -4.329  -0.984  -3.984  7  A_DC9:DG10_D A 9  ? D 10 ? 19 1 
1 A DT 10 1_555 C DA 3  1_555 -1.567 -0.187 0.468  -11.189 -7.906  -9.021  8  A_DT10:DA2_C A 10 ? C 2  ? 20 1 
1 A DG 11 1_555 C DC 2  1_555 0.373  0.085  0.214  2.037   -2.241  -7.375  9  A_DG11:DC1_C A 11 ? C 1  ? 19 1 
1 A DA 12 1_555 C DT 1  1_555 1.681  0.374  0.768  7.880   2.786   -18.302 10 A_DA12:DT0_C A 12 ? C 0  ? 20 1 
1 B DC 1  1_555 C DG 6  1_555 0.352  -5.043 -0.791 0.740   -9.317  97.135  11 B_DC12:DG5_C B 12 ? C 5  ? ?  ? 
1 B DG 2  1_555 C DC 5  1_555 1.330  0.422  0.612  7.702   -6.994  -31.455 12 B_DG13:DC4_C B 13 ? C 4  ? ?  1 
1 B DA 3  1_555 C DT 4  1_555 1.338  -0.100 0.296  3.484   -4.623  -6.240  13 B_DA14:DT3_C B 14 ? C 3  ? 20 1 
1 B DG 4  1_555 D DC 8  1_555 0.456  0.284  0.869  12.086  -7.884  1.167   14 B_DG15:DC9_D B 15 ? D 9  ? 19 1 
1 B DA 5  1_555 D DT 7  1_555 0.754  -0.049 0.680  3.720   -9.419  -11.392 15 B_DA16:DT8_D B 16 ? D 8  ? 20 1 
1 B DC 6  1_555 D DG 6  1_555 -1.451 0.359  0.682  -2.675  -9.285  7.840   16 B_DC17:DG7_D B 17 ? D 7  ? ?  1 
1 B DT 7  1_555 D DA 5  1_555 -1.348 0.077  -0.404 -1.630  -20.095 -7.380  17 B_DT18:DA6_D B 18 ? D 6  ? 20 1 
1 B DC 8  1_555 D DG 4  1_555 -1.397 0.683  -0.082 -0.566  -11.055 3.735   18 B_DC19:DG5_D B 19 ? D 5  ? ?  1 
# 
loop_
_ndb_struct_na_base_pair_step.model_number 
_ndb_struct_na_base_pair_step.i_label_asym_id_1 
_ndb_struct_na_base_pair_step.i_label_comp_id_1 
_ndb_struct_na_base_pair_step.i_label_seq_id_1 
_ndb_struct_na_base_pair_step.i_symmetry_1 
_ndb_struct_na_base_pair_step.j_label_asym_id_1 
_ndb_struct_na_base_pair_step.j_label_comp_id_1 
_ndb_struct_na_base_pair_step.j_label_seq_id_1 
_ndb_struct_na_base_pair_step.j_symmetry_1 
_ndb_struct_na_base_pair_step.i_label_asym_id_2 
_ndb_struct_na_base_pair_step.i_label_comp_id_2 
_ndb_struct_na_base_pair_step.i_label_seq_id_2 
_ndb_struct_na_base_pair_step.i_symmetry_2 
_ndb_struct_na_base_pair_step.j_label_asym_id_2 
_ndb_struct_na_base_pair_step.j_label_comp_id_2 
_ndb_struct_na_base_pair_step.j_label_seq_id_2 
_ndb_struct_na_base_pair_step.j_symmetry_2 
_ndb_struct_na_base_pair_step.shift 
_ndb_struct_na_base_pair_step.slide 
_ndb_struct_na_base_pair_step.rise 
_ndb_struct_na_base_pair_step.tilt 
_ndb_struct_na_base_pair_step.roll 
_ndb_struct_na_base_pair_step.twist 
_ndb_struct_na_base_pair_step.x_displacement 
_ndb_struct_na_base_pair_step.y_displacement 
_ndb_struct_na_base_pair_step.helical_rise 
_ndb_struct_na_base_pair_step.inclination 
_ndb_struct_na_base_pair_step.tip 
_ndb_struct_na_base_pair_step.helical_twist 
_ndb_struct_na_base_pair_step.step_number 
_ndb_struct_na_base_pair_step.step_name 
_ndb_struct_na_base_pair_step.i_auth_asym_id_1 
_ndb_struct_na_base_pair_step.i_auth_seq_id_1 
_ndb_struct_na_base_pair_step.i_PDB_ins_code_1 
_ndb_struct_na_base_pair_step.j_auth_asym_id_1 
_ndb_struct_na_base_pair_step.j_auth_seq_id_1 
_ndb_struct_na_base_pair_step.j_PDB_ins_code_1 
_ndb_struct_na_base_pair_step.i_auth_asym_id_2 
_ndb_struct_na_base_pair_step.i_auth_seq_id_2 
_ndb_struct_na_base_pair_step.i_PDB_ins_code_2 
_ndb_struct_na_base_pair_step.j_auth_asym_id_2 
_ndb_struct_na_base_pair_step.j_auth_seq_id_2 
_ndb_struct_na_base_pair_step.j_PDB_ins_code_2 
1 A DG 3  1_555 D DC 15 1_555 A DC 4  1_555 D DG 14 1_555 -0.240 -1.249 3.370 3.973   -1.942   27.276  -2.125 1.506  3.380 -4.085  
-8.354 27.625   1  AA_DG3DC4:DG15DC16_DD A 3  ? D 16 ? A 4  ? D 15 ? 
1 A DC 4  1_555 D DG 14 1_555 A DA 5  1_555 D DT 13 1_555 -0.479 -0.341 3.346 5.006   1.829    35.883  -0.806 1.478  3.231 2.949   
-8.070 36.264   2  AA_DC4DA5:DT14DG15_DD A 4  ? D 15 ? A 5  ? D 14 ? 
1 A DA 5  1_555 D DT 13 1_555 A DG 6  1_555 D DC 12 1_555 -0.011 -0.660 3.396 0.020   1.352    34.725  -1.319 0.022  3.368 2.264   
-0.033 34.751   3  AA_DA5DG6:DC13DT14_DD A 5  ? D 14 ? A 6  ? D 13 ? 
1 A DG 6  1_555 D DC 12 1_555 A DA 7  1_555 D DT 11 1_555 -0.377 -1.653 2.921 -2.097  3.806    36.281  -3.095 0.350  2.757 6.085   
3.353  36.531   4  AA_DG6DA7:DT12DC13_DD A 6  ? D 13 ? A 7  ? D 12 ? 
1 A DA 7  1_555 D DT 11 1_555 A DC 8  1_555 D DG 10 1_555 0.750  -1.642 3.123 -0.336  -0.467   24.264  -3.764 -1.885 3.143 -1.110  
0.798  24.271   5  AA_DA7DC8:DG11DT12_DD A 7  ? D 12 ? A 8  ? D 11 ? 
1 A DC 8  1_555 D DG 10 1_555 A DC 9  1_555 D DG 9  1_555 -0.435 -2.143 3.717 -7.662  -1.790   32.498  -3.382 -0.727 3.826 -3.141  
13.446 33.412   6  AA_DC8DC9:DG10DG11_DD A 8  ? D 11 ? A 9  ? D 10 ? 
1 A DC 9  1_555 D DG 9  1_555 A DT 10 1_555 C DA 3  1_555 -1.135 -1.876 3.403 -0.259  -3.559   19.656  -3.590 3.139  3.695 -10.314 
0.751  19.974   7  AA_DC9DT10:DA2DG10_CD A 9  ? D 10 ? A 10 ? C 2  ? 
1 A DT 10 1_555 C DA 3  1_555 A DG 11 1_555 C DC 2  1_555 -0.152 0.166  3.289 -1.133  4.348    37.296  -0.315 0.087  3.290 6.769   
1.763  37.556   8  AA_DT10DG11:DC1DA2_CC A 10 ? C 2  ? A 11 ? C 1  ? 
1 A DG 11 1_555 C DC 2  1_555 A DA 12 1_555 C DT 1  1_555 -0.592 -0.271 3.115 -4.081  6.283    45.897  -0.849 0.421  3.093 7.994   
5.193  46.472   9  AA_DG11DA12:DT0DC1_CC A 11 ? C 1  ? A 12 ? C 0  ? 
1 B DC 1  1_555 C DG 6  1_555 B DG 2  1_555 C DC 5  1_555 -5.329 0.299  0.148 135.776 -114.219 -99.204 0.209  -2.238 2.880 57.307  
68.122 -178.334 10 BB_DC12DG13:DC4DG5_CC B 12 ? C 5  ? B 13 ? C 4  ? 
1 B DG 2  1_555 C DC 5  1_555 B DA 3  1_555 C DT 4  1_555 0.728  -0.897 3.452 -2.310  2.573    33.843  -1.959 -1.627 3.321 4.406   
3.956  34.014   11 BB_DG13DA14:DT3DC4_CC B 13 ? C 4  ? B 14 ? C 3  ? 
1 B DA 3  1_555 C DT 4  1_555 B DG 4  1_555 D DC 8  1_555 -1.361 -0.908 2.804 -7.415  -0.893   22.916  -1.909 1.055  3.116 -2.175  
18.059 24.087   12 BB_DA14DG15:DC9DT3_DC B 14 ? C 3  ? B 15 ? D 9  ? 
1 B DG 4  1_555 D DC 8  1_555 B DA 5  1_555 D DT 7  1_555 -1.185 -0.273 3.278 -3.553  -1.740   41.400  -0.197 1.286  3.372 -2.455  
5.012  41.580   13 BB_DG15DA16:DT8DC9_DD B 15 ? D 9  ? B 16 ? D 8  ? 
1 B DA 5  1_555 D DT 7  1_555 B DC 6  1_555 D DG 6  1_555 0.811  -1.725 3.359 -2.542  -0.630   27.697  -3.435 -2.310 3.310 -1.313  
5.295  27.818   14 BB_DA16DC17:DG7DT8_DD B 16 ? D 8  ? B 17 ? D 7  ? 
1 B DC 6  1_555 D DG 6  1_555 B DT 7  1_555 D DA 5  1_555 -1.222 -0.806 3.183 5.268   -6.780   31.474  -0.292 3.067  3.048 -12.217 
-9.493 32.596   15 BB_DC17DT18:DA6DG7_DD B 17 ? D 7  ? B 18 ? D 6  ? 
1 B DT 7  1_555 D DA 5  1_555 B DC 8  1_555 D DG 4  1_555 1.414  1.445  3.603 4.816   0.514    36.245  2.224  -1.502 3.773 0.822   
-7.699 36.557   16 BB_DT18DC19:DG5DA6_DD B 18 ? D 6  ? B 19 ? D 5  ? 
# 
loop_
_pdbx_audit_support.funding_organization 
_pdbx_audit_support.country 
_pdbx_audit_support.grant_number 
_pdbx_audit_support.ordinal 
'National Science Foundation (NSF, United States)'                                         'United States' 1360635     1 
'National Institutes of Health/National Institute of General Medical Sciences (NIH/NIGMS)' 'United States' R01GM104960 2 
'National Science Foundation (NSF, United States)'                                         'United States' NSF2004250  3 
# 
_pdbx_entity_nonpoly.entity_id   5 
_pdbx_entity_nonpoly.name        'CACODYLATE ION' 
_pdbx_entity_nonpoly.comp_id     CAC 
# 
_pdbx_initial_refinement_model.id               1 
_pdbx_initial_refinement_model.entity_id_list   ? 
_pdbx_initial_refinement_model.type             'experimental model' 
_pdbx_initial_refinement_model.source_name      PDB 
_pdbx_initial_refinement_model.accession_code   6XNA 
_pdbx_initial_refinement_model.details          ? 
# 
_pdbx_struct_assembly_auth_evidence.id                     1 
_pdbx_struct_assembly_auth_evidence.assembly_id            1 
_pdbx_struct_assembly_auth_evidence.experimental_support   none 
_pdbx_struct_assembly_auth_evidence.details                ? 
# 
